data_6BZI
#
_entry.id   6BZI
#
_cell.length_a   63.722
_cell.length_b   156.338
_cell.length_c   216.134
_cell.angle_alpha   90.00
_cell.angle_beta   90.00
_cell.angle_gamma   90.00
#
_symmetry.space_group_name_H-M   'P 21 21 21'
#
loop_
_entity.id
_entity.type
_entity.pdbx_description
1 polymer 'Halogenase PltM'
2 non-polymer 'CALCIUM ION'
3 non-polymer 'MERCURY (II) ION'
4 non-polymer GLYCEROL
5 non-polymer 'ETHYL MERCURY ION'
6 water water
#
_entity_poly.entity_id   1
_entity_poly.type   'polypeptide(L)'
_entity_poly.pdbx_seq_one_letter_code
;MGSSHHHHHHSSGLVPRGSHMNQYDVIIIGSGIAGALTGAVLAKSGLNVLILDSAQHPRFSVGEAATPESGFLLRLLSKR
FDIPEIAYLSHPDKIIQHVGSSACGIKLGFSFAWHQENAPSSPDHLVAPPLKVPEAHLFRQDIDYFALMIALKHGAESRQ
NIKIESISLNDDGVEVALSNAAPVKAAFIIDAAAQGSPLSRQLGLRTTEGLATDTCSFFTHMLNVKSYEDALAPLSRTRS
PIELFKSTLHHIFEEGWLWVIPFNNHPQGTNQLCSIGFQFNNAKYRPTEAPEIEFRKLLKKYPAIGEHFKDAVNAREWIY
APRINYRSVQNVGDRFCLLPQATGFIDPLFSRGLITTFESILRLAPKVLDAARSNRWQREQFIEVERHCLNAVATNDQLV
SCSYEAFSDFHLWNVWHRVWLSGSNLGSAFLQKLLHDLEHSGDARQFDAALEAVRFPGCLSLDSPAYESLFRQSCQVMQQ
AREQARPVAETANALHELIKEHEAELLPLGYSRISNRFILKV
;
_entity_poly.pdbx_strand_id   A,B,C,D
#
# COMPACT_ATOMS: atom_id res chain seq x y z
N ASN A 22 3.38 13.26 -19.14
CA ASN A 22 4.34 12.15 -19.46
C ASN A 22 5.80 12.54 -19.22
N GLN A 23 6.34 12.11 -18.09
CA GLN A 23 7.77 12.34 -17.75
C GLN A 23 8.72 11.41 -18.55
N TYR A 24 8.30 10.17 -18.79
CA TYR A 24 9.03 9.24 -19.66
C TYR A 24 8.28 9.00 -20.97
N ASP A 25 9.00 8.50 -21.97
CA ASP A 25 8.38 8.03 -23.21
C ASP A 25 7.86 6.61 -23.05
N VAL A 26 8.67 5.75 -22.43
CA VAL A 26 8.36 4.32 -22.29
C VAL A 26 8.70 3.86 -20.87
N ILE A 27 7.75 3.16 -20.25
CA ILE A 27 7.99 2.39 -19.04
C ILE A 27 8.13 0.93 -19.49
N ILE A 28 9.08 0.22 -18.89
CA ILE A 28 9.32 -1.19 -19.21
C ILE A 28 9.22 -1.98 -17.91
N ILE A 29 8.44 -3.06 -17.92
CA ILE A 29 8.29 -3.94 -16.76
C ILE A 29 9.19 -5.16 -16.97
N GLY A 30 10.08 -5.40 -16.01
CA GLY A 30 11.05 -6.50 -16.06
C GLY A 30 12.40 -5.96 -16.49
N SER A 31 13.44 -6.24 -15.70
CA SER A 31 14.81 -5.79 -15.99
C SER A 31 15.76 -6.95 -16.31
N GLY A 32 15.20 -8.11 -16.68
CA GLY A 32 15.95 -9.19 -17.29
C GLY A 32 16.44 -8.80 -18.69
N ILE A 33 17.01 -9.76 -19.41
CA ILE A 33 17.63 -9.49 -20.70
C ILE A 33 16.68 -8.86 -21.72
N ALA A 34 15.43 -9.33 -21.78
CA ALA A 34 14.45 -8.76 -22.71
C ALA A 34 14.15 -7.30 -22.40
N GLY A 35 13.84 -7.03 -21.14
CA GLY A 35 13.56 -5.66 -20.70
C GLY A 35 14.74 -4.71 -20.84
N ALA A 36 15.94 -5.25 -20.63
CA ALA A 36 17.17 -4.48 -20.74
C ALA A 36 17.54 -4.13 -22.18
N LEU A 37 17.38 -5.08 -23.09
CA LEU A 37 17.71 -4.83 -24.49
C LEU A 37 16.71 -3.87 -25.14
N THR A 38 15.43 -4.02 -24.79
CA THR A 38 14.41 -3.08 -25.20
C THR A 38 14.73 -1.68 -24.68
N GLY A 39 15.10 -1.59 -23.42
CA GLY A 39 15.53 -0.31 -22.84
C GLY A 39 16.69 0.35 -23.56
N ALA A 40 17.73 -0.44 -23.84
CA ALA A 40 18.95 0.07 -24.46
C ALA A 40 18.72 0.61 -25.88
N VAL A 41 18.07 -0.18 -26.72
CA VAL A 41 17.77 0.24 -28.10
C VAL A 41 16.92 1.52 -28.17
N LEU A 42 15.94 1.63 -27.27
CA LEU A 42 15.07 2.82 -27.22
C LEU A 42 15.76 4.05 -26.61
N ALA A 43 16.60 3.84 -25.60
CA ALA A 43 17.38 4.92 -25.00
C ALA A 43 18.39 5.49 -25.99
N LYS A 44 19.13 4.60 -26.63
CA LYS A 44 20.06 4.92 -27.73
C LYS A 44 19.41 5.77 -28.82
N SER A 45 18.17 5.44 -29.17
CA SER A 45 17.42 6.15 -30.22
C SER A 45 16.78 7.47 -29.76
N GLY A 46 16.99 7.85 -28.50
CA GLY A 46 16.57 9.15 -27.98
C GLY A 46 15.30 9.18 -27.17
N LEU A 47 14.76 8.01 -26.81
CA LEU A 47 13.60 7.95 -25.92
C LEU A 47 14.04 7.95 -24.46
N ASN A 48 13.17 8.51 -23.61
CA ASN A 48 13.39 8.56 -22.19
C ASN A 48 12.71 7.32 -21.60
N VAL A 49 13.52 6.42 -21.05
CA VAL A 49 13.06 5.08 -20.66
C VAL A 49 13.13 4.86 -19.15
N LEU A 50 12.07 4.29 -18.58
CA LEU A 50 12.09 3.78 -17.21
C LEU A 50 11.92 2.26 -17.23
N ILE A 51 12.87 1.55 -16.62
CA ILE A 51 12.80 0.10 -16.44
C ILE A 51 12.39 -0.16 -14.98
N LEU A 52 11.34 -0.95 -14.79
CA LEU A 52 10.77 -1.25 -13.48
C LEU A 52 10.81 -2.75 -13.23
N ASP A 53 11.32 -3.15 -12.08
CA ASP A 53 11.40 -4.56 -11.71
C ASP A 53 11.13 -4.73 -10.22
N SER A 54 10.34 -5.76 -9.88
CA SER A 54 10.02 -6.07 -8.49
C SER A 54 11.18 -6.73 -7.75
N ALA A 55 12.11 -7.33 -8.49
CA ALA A 55 13.30 -7.97 -7.93
C ALA A 55 14.52 -7.07 -8.12
N GLN A 56 15.71 -7.59 -7.78
CA GLN A 56 16.96 -6.84 -7.94
C GLN A 56 18.06 -7.71 -8.55
N HIS A 57 18.99 -7.07 -9.23
CA HIS A 57 20.21 -7.72 -9.70
C HIS A 57 21.21 -7.78 -8.54
N PRO A 58 22.09 -8.78 -8.49
CA PRO A 58 22.06 -9.95 -9.37
C PRO A 58 20.89 -10.87 -9.02
N ARG A 59 20.40 -11.66 -9.97
CA ARG A 59 19.45 -12.71 -9.67
C ARG A 59 19.41 -13.83 -10.69
N PHE A 60 18.91 -14.98 -10.24
CA PHE A 60 18.78 -16.17 -11.07
C PHE A 60 17.68 -16.02 -12.14
N SER A 61 17.90 -16.67 -13.28
CA SER A 61 16.90 -16.77 -14.33
C SER A 61 17.21 -17.97 -15.22
N VAL A 62 16.17 -18.67 -15.66
CA VAL A 62 16.29 -19.77 -16.63
C VAL A 62 16.17 -19.19 -18.04
N GLY A 63 16.32 -20.05 -19.06
CA GLY A 63 16.36 -19.62 -20.46
C GLY A 63 17.81 -19.41 -20.83
N GLU A 64 18.54 -20.52 -20.89
CA GLU A 64 20.00 -20.50 -20.90
C GLU A 64 20.63 -20.95 -22.22
N ALA A 65 19.91 -21.74 -23.00
CA ALA A 65 20.44 -22.30 -24.25
C ALA A 65 20.24 -21.32 -25.40
N ALA A 66 21.34 -20.75 -25.89
CA ALA A 66 21.32 -19.96 -27.11
C ALA A 66 21.21 -20.89 -28.32
N THR A 67 20.68 -20.35 -29.41
CA THR A 67 20.48 -21.07 -30.67
C THR A 67 21.08 -20.26 -31.82
N PRO A 68 21.21 -20.87 -33.01
CA PRO A 68 21.65 -20.09 -34.18
C PRO A 68 20.75 -18.86 -34.45
N GLU A 69 19.43 -19.05 -34.40
CA GLU A 69 18.48 -17.96 -34.57
C GLU A 69 18.71 -16.84 -33.57
N SER A 70 18.75 -17.18 -32.28
CA SER A 70 18.93 -16.18 -31.20
C SER A 70 20.27 -15.45 -31.30
N GLY A 71 21.28 -16.13 -31.82
CA GLY A 71 22.56 -15.50 -32.11
C GLY A 71 22.46 -14.44 -33.19
N PHE A 72 21.77 -14.79 -34.29
CA PHE A 72 21.56 -13.84 -35.38
C PHE A 72 20.71 -12.65 -34.96
N LEU A 73 19.66 -12.91 -34.20
CA LEU A 73 18.77 -11.84 -33.76
C LEU A 73 19.48 -10.80 -32.87
N LEU A 74 20.39 -11.26 -32.01
CA LEU A 74 21.20 -10.35 -31.19
C LEU A 74 22.13 -9.48 -32.05
N ARG A 75 22.73 -10.09 -33.08
CA ARG A 75 23.55 -9.33 -34.03
C ARG A 75 22.71 -8.38 -34.89
N LEU A 76 21.48 -8.76 -35.24
CA LEU A 76 20.56 -7.86 -35.95
C LEU A 76 20.17 -6.64 -35.11
N LEU A 77 19.79 -6.87 -33.85
CA LEU A 77 19.51 -5.77 -32.91
C LEU A 77 20.71 -4.84 -32.78
N SER A 78 21.89 -5.42 -32.61
CA SER A 78 23.16 -4.69 -32.48
C SER A 78 23.42 -3.78 -33.68
N LYS A 79 23.30 -4.35 -34.87
CA LYS A 79 23.60 -3.65 -36.11
C LYS A 79 22.49 -2.65 -36.43
N ARG A 80 21.23 -3.07 -36.26
CA ARG A 80 20.06 -2.22 -36.52
C ARG A 80 20.04 -0.93 -35.70
N PHE A 81 20.47 -1.01 -34.43
CA PHE A 81 20.44 0.14 -33.53
C PHE A 81 21.83 0.67 -33.16
N ASP A 82 22.87 0.13 -33.81
CA ASP A 82 24.26 0.55 -33.61
C ASP A 82 24.68 0.53 -32.13
N ILE A 83 24.49 -0.62 -31.48
CA ILE A 83 24.97 -0.86 -30.12
C ILE A 83 25.84 -2.11 -30.19
N PRO A 84 27.16 -1.94 -30.45
CA PRO A 84 28.10 -3.07 -30.56
C PRO A 84 28.06 -4.07 -29.40
N GLU A 85 27.90 -3.58 -28.17
CA GLU A 85 27.86 -4.46 -26.98
C GLU A 85 26.84 -5.58 -27.04
N ILE A 86 25.69 -5.32 -27.67
CA ILE A 86 24.64 -6.32 -27.79
C ILE A 86 25.14 -7.57 -28.54
N ALA A 87 25.94 -7.35 -29.58
CA ALA A 87 26.48 -8.44 -30.39
C ALA A 87 27.46 -9.31 -29.62
N TYR A 88 28.13 -8.76 -28.62
CA TYR A 88 29.03 -9.56 -27.75
C TYR A 88 28.28 -10.74 -27.11
N LEU A 89 27.01 -10.51 -26.77
CA LEU A 89 26.16 -11.53 -26.15
C LEU A 89 25.78 -12.70 -27.06
N SER A 90 26.06 -12.62 -28.36
CA SER A 90 25.80 -13.72 -29.30
C SER A 90 26.98 -14.69 -29.48
N HIS A 91 28.21 -14.20 -29.28
CA HIS A 91 29.43 -15.01 -29.48
C HIS A 91 30.01 -15.44 -28.11
N PRO A 92 30.19 -16.76 -27.89
CA PRO A 92 30.74 -17.19 -26.57
C PRO A 92 32.15 -16.67 -26.23
N ASP A 93 33.02 -16.51 -27.22
CA ASP A 93 34.33 -15.89 -27.00
C ASP A 93 34.23 -14.44 -26.55
N LYS A 94 33.28 -13.70 -27.12
CA LYS A 94 33.08 -12.29 -26.75
C LYS A 94 32.41 -12.10 -25.38
N ILE A 95 31.54 -13.03 -24.98
CA ILE A 95 30.92 -12.99 -23.65
C ILE A 95 32.00 -13.17 -22.59
N ILE A 96 32.87 -14.15 -22.80
CA ILE A 96 34.02 -14.38 -21.90
C ILE A 96 34.89 -13.13 -21.78
N GLN A 97 35.13 -12.46 -22.91
CA GLN A 97 36.04 -11.32 -22.96
C GLN A 97 35.45 -10.04 -22.36
N HIS A 98 34.16 -9.80 -22.57
CA HIS A 98 33.50 -8.54 -22.23
C HIS A 98 32.55 -8.61 -21.02
N VAL A 99 31.80 -9.70 -20.89
CA VAL A 99 30.93 -9.89 -19.72
C VAL A 99 31.75 -10.46 -18.56
N GLY A 100 32.38 -11.60 -18.80
CA GLY A 100 33.23 -12.24 -17.79
C GLY A 100 33.42 -13.72 -18.02
N SER A 101 34.49 -14.26 -17.43
CA SER A 101 34.84 -15.69 -17.57
C SER A 101 33.79 -16.66 -17.03
N SER A 102 32.97 -16.23 -16.07
CA SER A 102 31.92 -17.11 -15.51
C SER A 102 30.56 -16.94 -16.21
N ALA A 103 30.47 -16.07 -17.21
CA ALA A 103 29.18 -15.70 -17.81
C ALA A 103 28.58 -16.76 -18.75
N CYS A 104 29.38 -17.73 -19.21
CA CYS A 104 28.84 -18.76 -20.09
C CYS A 104 29.69 -20.01 -20.27
N GLY A 105 29.01 -21.09 -20.64
CA GLY A 105 29.63 -22.30 -21.16
C GLY A 105 29.49 -22.33 -22.68
N ILE A 106 30.07 -23.35 -23.29
CA ILE A 106 30.06 -23.52 -24.74
C ILE A 106 28.91 -24.44 -25.16
N LYS A 107 28.36 -24.18 -26.35
CA LYS A 107 27.39 -25.07 -26.98
C LYS A 107 27.80 -25.34 -28.45
N LEU A 108 28.14 -26.60 -28.75
CA LEU A 108 28.40 -27.04 -30.12
C LEU A 108 27.18 -27.72 -30.78
N GLY A 109 26.04 -27.75 -30.08
CA GLY A 109 24.80 -28.25 -30.66
C GLY A 109 23.73 -28.64 -29.66
N PHE A 110 22.60 -29.07 -30.18
CA PHE A 110 21.58 -29.74 -29.40
C PHE A 110 21.92 -31.21 -29.41
N SER A 111 21.56 -31.91 -28.33
CA SER A 111 21.61 -33.36 -28.33
C SER A 111 20.43 -33.92 -27.56
N PHE A 112 19.91 -35.07 -28.02
CA PHE A 112 18.76 -35.72 -27.42
C PHE A 112 19.08 -37.19 -27.23
N ALA A 113 19.07 -37.63 -25.98
CA ALA A 113 19.33 -39.03 -25.61
C ALA A 113 18.03 -39.62 -25.08
N TRP A 114 17.60 -40.74 -25.65
CA TRP A 114 16.29 -41.34 -25.34
C TRP A 114 16.40 -42.48 -24.34
N HIS A 115 15.42 -42.58 -23.46
CA HIS A 115 15.40 -43.56 -22.38
C HIS A 115 14.04 -44.19 -22.27
N GLN A 116 13.98 -45.27 -21.51
CA GLN A 116 12.74 -46.03 -21.32
C GLN A 116 12.73 -46.66 -19.93
N GLU A 117 11.58 -46.59 -19.27
CA GLU A 117 11.43 -47.22 -17.96
C GLU A 117 11.55 -48.73 -18.09
N ASN A 118 12.20 -49.37 -17.12
CA ASN A 118 12.36 -50.83 -17.07
C ASN A 118 13.19 -51.44 -18.22
N ALA A 119 14.09 -50.65 -18.79
CA ALA A 119 15.00 -51.11 -19.83
C ALA A 119 16.32 -50.38 -19.71
N PRO A 120 17.45 -51.10 -19.93
CA PRO A 120 18.74 -50.39 -19.96
C PRO A 120 18.80 -49.39 -21.11
N SER A 121 19.44 -48.24 -20.87
CA SER A 121 19.56 -47.21 -21.89
C SER A 121 20.69 -47.55 -22.81
N SER A 122 20.49 -47.29 -24.09
CA SER A 122 21.47 -47.57 -25.13
C SER A 122 22.14 -46.27 -25.59
N PRO A 123 23.49 -46.27 -25.73
CA PRO A 123 24.16 -45.13 -26.35
C PRO A 123 23.84 -44.90 -27.85
N ASP A 124 23.22 -45.88 -28.50
CA ASP A 124 22.74 -45.73 -29.89
C ASP A 124 21.42 -44.95 -30.02
N HIS A 125 20.64 -44.82 -28.93
CA HIS A 125 19.39 -44.05 -28.95
C HIS A 125 19.67 -42.56 -28.67
N LEU A 126 20.38 -41.96 -29.60
CA LEU A 126 20.96 -40.64 -29.41
C LEU A 126 20.98 -39.90 -30.75
N VAL A 127 20.49 -38.66 -30.76
CA VAL A 127 20.66 -37.76 -31.92
C VAL A 127 21.32 -36.47 -31.46
N ALA A 128 22.23 -35.95 -32.28
CA ALA A 128 22.95 -34.73 -31.96
C ALA A 128 23.42 -33.98 -33.21
N PRO A 129 22.58 -33.08 -33.75
CA PRO A 129 23.02 -32.26 -34.89
C PRO A 129 24.00 -31.16 -34.43
N PRO A 130 25.25 -31.18 -34.93
CA PRO A 130 26.20 -30.13 -34.53
C PRO A 130 25.95 -28.80 -35.25
N LEU A 131 26.45 -27.73 -34.65
CA LEU A 131 26.43 -26.40 -35.27
C LEU A 131 27.72 -26.18 -36.05
N LYS A 132 27.62 -25.30 -37.04
CA LYS A 132 28.81 -24.82 -37.77
C LYS A 132 29.66 -23.91 -36.87
N VAL A 133 29.00 -22.99 -36.18
CA VAL A 133 29.65 -22.00 -35.31
C VAL A 133 29.14 -22.25 -33.89
N PRO A 134 30.03 -22.14 -32.86
CA PRO A 134 29.58 -22.38 -31.48
C PRO A 134 28.67 -21.28 -30.90
N GLU A 135 27.72 -21.68 -30.06
CA GLU A 135 26.82 -20.76 -29.35
C GLU A 135 27.11 -20.84 -27.84
N ALA A 136 26.37 -20.06 -27.05
CA ALA A 136 26.61 -19.96 -25.60
C ALA A 136 25.56 -20.66 -24.76
N HIS A 137 25.99 -21.18 -23.61
CA HIS A 137 25.10 -21.45 -22.49
C HIS A 137 25.17 -20.26 -21.55
N LEU A 138 24.09 -19.48 -21.49
CA LEU A 138 24.08 -18.18 -20.82
C LEU A 138 23.89 -18.31 -19.31
N PHE A 139 24.88 -17.86 -18.54
CA PHE A 139 24.74 -17.78 -17.07
C PHE A 139 24.00 -16.47 -16.81
N ARG A 140 22.68 -16.57 -16.68
CA ARG A 140 21.81 -15.40 -16.81
C ARG A 140 22.04 -14.28 -15.77
N GLN A 141 22.47 -14.64 -14.55
CA GLN A 141 22.74 -13.61 -13.53
C GLN A 141 23.78 -12.57 -13.98
N ASP A 142 24.81 -13.01 -14.71
CA ASP A 142 25.84 -12.10 -15.25
C ASP A 142 25.43 -11.50 -16.59
N ILE A 143 24.85 -12.32 -17.46
CA ILE A 143 24.41 -11.87 -18.79
C ILE A 143 23.36 -10.77 -18.65
N ASP A 144 22.34 -11.00 -17.82
CA ASP A 144 21.26 -10.01 -17.64
C ASP A 144 21.77 -8.71 -17.02
N TYR A 145 22.61 -8.81 -16.00
CA TYR A 145 23.15 -7.60 -15.34
C TYR A 145 23.96 -6.78 -16.36
N PHE A 146 24.79 -7.45 -17.15
CA PHE A 146 25.53 -6.82 -18.23
C PHE A 146 24.61 -6.11 -19.23
N ALA A 147 23.51 -6.77 -19.60
CA ALA A 147 22.53 -6.19 -20.52
C ALA A 147 21.85 -4.94 -19.93
N LEU A 148 21.51 -4.99 -18.64
CA LEU A 148 20.98 -3.82 -17.96
C LEU A 148 22.01 -2.68 -17.96
N MET A 149 23.29 -3.01 -17.74
CA MET A 149 24.36 -2.00 -17.79
C MET A 149 24.51 -1.35 -19.16
N ILE A 150 24.20 -2.07 -20.24
CA ILE A 150 24.14 -1.46 -21.57
C ILE A 150 23.04 -0.39 -21.56
N ALA A 151 21.87 -0.75 -21.02
CA ALA A 151 20.73 0.16 -20.99
C ALA A 151 21.02 1.40 -20.14
N LEU A 152 21.63 1.18 -18.98
CA LEU A 152 22.01 2.26 -18.08
C LEU A 152 23.02 3.20 -18.70
N LYS A 153 24.01 2.65 -19.40
CA LYS A 153 25.02 3.49 -20.09
C LYS A 153 24.46 4.35 -21.23
N HIS A 154 23.34 3.94 -21.81
CA HIS A 154 22.68 4.74 -22.86
C HIS A 154 21.62 5.70 -22.34
N GLY A 155 21.40 5.77 -21.02
CA GLY A 155 20.48 6.75 -20.42
C GLY A 155 19.17 6.22 -19.87
N ALA A 156 18.94 4.92 -19.95
CA ALA A 156 17.78 4.29 -19.32
C ALA A 156 17.86 4.42 -17.80
N GLU A 157 16.72 4.66 -17.17
CA GLU A 157 16.62 4.74 -15.72
C GLU A 157 16.07 3.41 -15.22
N SER A 158 16.66 2.88 -14.15
CA SER A 158 16.29 1.58 -13.61
C SER A 158 15.93 1.71 -12.14
N ARG A 159 14.73 1.24 -11.79
CA ARG A 159 14.28 1.15 -10.41
C ARG A 159 14.04 -0.32 -10.07
N GLN A 160 14.64 -0.77 -8.99
CA GLN A 160 14.55 -2.15 -8.52
C GLN A 160 13.77 -2.18 -7.21
N ASN A 161 13.27 -3.37 -6.86
CA ASN A 161 12.51 -3.58 -5.61
C ASN A 161 11.30 -2.66 -5.44
N ILE A 162 10.48 -2.59 -6.49
CA ILE A 162 9.29 -1.74 -6.51
C ILE A 162 8.06 -2.61 -6.72
N LYS A 163 6.95 -2.20 -6.09
CA LYS A 163 5.68 -2.91 -6.20
C LYS A 163 4.73 -2.04 -7.01
N ILE A 164 4.30 -2.55 -8.17
CA ILE A 164 3.30 -1.86 -8.98
C ILE A 164 1.95 -2.17 -8.35
N GLU A 165 1.26 -1.13 -7.90
CA GLU A 165 -0.10 -1.28 -7.37
C GLU A 165 -1.09 -1.31 -8.53
N SER A 166 -1.24 -0.18 -9.22
CA SER A 166 -2.27 -0.01 -10.26
C SER A 166 -1.70 0.63 -11.53
N ILE A 167 -2.32 0.33 -12.68
CA ILE A 167 -1.92 0.90 -13.98
C ILE A 167 -3.14 1.51 -14.66
N SER A 168 -3.04 2.80 -14.99
CA SER A 168 -4.13 3.55 -15.62
C SER A 168 -3.77 3.94 -17.05
N LEU A 169 -4.57 3.46 -18.00
CA LEU A 169 -4.38 3.76 -19.43
C LEU A 169 -5.44 4.76 -19.90
N ASN A 170 -5.02 5.76 -20.68
CA ASN A 170 -5.93 6.68 -21.34
C ASN A 170 -5.43 7.13 -22.73
N ASP A 171 -6.17 8.05 -23.36
CA ASP A 171 -5.84 8.55 -24.70
C ASP A 171 -4.49 9.28 -24.78
N ASP A 172 -4.09 9.93 -23.70
CA ASP A 172 -2.85 10.73 -23.64
C ASP A 172 -1.65 10.02 -23.03
N GLY A 173 -1.82 8.81 -22.51
CA GLY A 173 -0.69 8.08 -21.90
C GLY A 173 -1.04 7.00 -20.89
N VAL A 174 -0.03 6.63 -20.13
CA VAL A 174 -0.09 5.61 -19.11
C VAL A 174 0.32 6.26 -17.79
N GLU A 175 -0.29 5.83 -16.69
CA GLU A 175 0.10 6.26 -15.35
C GLU A 175 0.19 5.02 -14.48
N VAL A 176 1.36 4.79 -13.91
CA VAL A 176 1.62 3.62 -13.06
C VAL A 176 1.78 4.11 -11.63
N ALA A 177 0.97 3.56 -10.73
CA ALA A 177 1.08 3.83 -9.29
C ALA A 177 2.04 2.82 -8.65
N LEU A 178 2.91 3.32 -7.77
CA LEU A 178 3.94 2.50 -7.10
C LEU A 178 3.82 2.60 -5.59
N SER A 179 4.04 1.49 -4.88
CA SER A 179 4.04 1.46 -3.41
C SER A 179 5.10 2.39 -2.84
N ASN A 180 4.70 3.25 -1.90
CA ASN A 180 5.62 4.15 -1.19
C ASN A 180 6.47 5.03 -2.11
N ALA A 181 5.84 5.50 -3.19
CA ALA A 181 6.48 6.44 -4.13
C ALA A 181 5.40 7.11 -4.98
N ALA A 182 5.73 8.24 -5.58
CA ALA A 182 4.78 8.97 -6.43
C ALA A 182 4.48 8.18 -7.72
N PRO A 183 3.34 8.47 -8.39
CA PRO A 183 3.06 7.76 -9.63
C PRO A 183 4.02 8.16 -10.76
N VAL A 184 4.14 7.33 -11.78
CA VAL A 184 5.00 7.61 -12.94
C VAL A 184 4.21 7.52 -14.24
N LYS A 185 4.39 8.53 -15.08
CA LYS A 185 3.62 8.68 -16.32
C LYS A 185 4.49 8.35 -17.53
N ALA A 186 3.86 7.80 -18.57
CA ALA A 186 4.54 7.54 -19.83
C ALA A 186 3.59 7.45 -21.01
N ALA A 187 4.14 7.57 -22.22
CA ALA A 187 3.37 7.46 -23.44
C ALA A 187 3.08 6.01 -23.80
N PHE A 188 3.90 5.09 -23.30
CA PHE A 188 3.80 3.68 -23.66
C PHE A 188 4.35 2.81 -22.53
N ILE A 189 3.82 1.60 -22.41
CA ILE A 189 4.28 0.66 -21.40
C ILE A 189 4.52 -0.72 -22.04
N ILE A 190 5.66 -1.33 -21.74
CA ILE A 190 6.03 -2.61 -22.31
C ILE A 190 6.21 -3.63 -21.18
N ASP A 191 5.52 -4.77 -21.30
CA ASP A 191 5.67 -5.87 -20.34
C ASP A 191 6.68 -6.88 -20.91
N ALA A 192 7.90 -6.80 -20.38
CA ALA A 192 9.00 -7.71 -20.72
C ALA A 192 9.31 -8.68 -19.58
N ALA A 193 8.35 -8.90 -18.67
CA ALA A 193 8.49 -9.84 -17.56
C ALA A 193 7.82 -11.18 -17.90
N ALA A 194 7.91 -12.13 -16.98
CA ALA A 194 7.15 -13.38 -17.07
C ALA A 194 5.65 -13.11 -16.95
N GLN A 195 4.85 -14.08 -17.39
CA GLN A 195 3.39 -14.01 -17.30
C GLN A 195 2.91 -13.81 -15.86
N GLY A 196 1.81 -13.05 -15.72
CA GLY A 196 1.23 -12.72 -14.42
C GLY A 196 1.77 -11.44 -13.79
N SER A 197 2.28 -10.52 -14.61
CA SER A 197 2.62 -9.17 -14.12
C SER A 197 1.32 -8.35 -14.06
N PRO A 198 1.31 -7.25 -13.29
CA PRO A 198 0.09 -6.43 -13.18
C PRO A 198 -0.52 -5.96 -14.51
N LEU A 199 0.30 -5.69 -15.53
CA LEU A 199 -0.26 -5.32 -16.85
C LEU A 199 -1.10 -6.45 -17.47
N SER A 200 -0.64 -7.68 -17.31
CA SER A 200 -1.41 -8.86 -17.72
C SER A 200 -2.66 -9.05 -16.84
N ARG A 201 -2.50 -8.87 -15.52
CA ARG A 201 -3.58 -9.06 -14.55
C ARG A 201 -4.68 -8.00 -14.62
N GLN A 202 -4.29 -6.73 -14.77
CA GLN A 202 -5.22 -5.60 -14.63
C GLN A 202 -6.03 -5.30 -15.90
N LEU A 203 -5.45 -5.55 -17.06
CA LEU A 203 -6.19 -5.48 -18.32
C LEU A 203 -7.12 -6.69 -18.43
N GLY A 204 -8.18 -6.57 -19.21
CA GLY A 204 -9.23 -7.58 -19.29
C GLY A 204 -8.78 -8.88 -19.94
N ALA A 212 -2.99 -26.88 -24.92
CA ALA A 212 -2.77 -28.10 -25.68
C ALA A 212 -2.16 -29.21 -24.82
N THR A 213 -0.97 -28.96 -24.29
CA THR A 213 -0.17 -29.97 -23.58
C THR A 213 0.18 -29.51 -22.15
N ASP A 214 -0.46 -30.10 -21.15
CA ASP A 214 -0.32 -29.72 -19.74
C ASP A 214 1.05 -30.14 -19.18
N THR A 215 1.81 -29.17 -18.65
CA THR A 215 3.18 -29.43 -18.16
C THR A 215 3.52 -28.66 -16.89
N CYS A 216 4.47 -29.19 -16.13
CA CYS A 216 5.10 -28.48 -15.03
C CYS A 216 6.59 -28.80 -15.03
N SER A 217 7.40 -27.89 -14.51
CA SER A 217 8.86 -28.04 -14.53
C SER A 217 9.51 -27.77 -13.17
N PHE A 218 10.66 -28.41 -12.99
CA PHE A 218 11.53 -28.22 -11.83
C PHE A 218 12.92 -27.88 -12.34
N PHE A 219 13.57 -26.86 -11.77
CA PHE A 219 14.94 -26.51 -12.19
C PHE A 219 15.81 -25.89 -11.09
N THR A 220 17.13 -26.02 -11.28
CA THR A 220 18.12 -25.56 -10.31
C THR A 220 19.52 -25.55 -10.96
N HIS A 221 20.53 -25.15 -10.19
CA HIS A 221 21.94 -25.30 -10.57
C HIS A 221 22.64 -26.27 -9.60
N MET A 222 23.64 -27.01 -10.09
CA MET A 222 24.36 -28.00 -9.30
C MET A 222 25.88 -27.93 -9.48
N LEU A 223 26.62 -28.32 -8.42
CA LEU A 223 28.08 -28.57 -8.49
C LEU A 223 28.34 -30.04 -8.74
N ASN A 224 29.50 -30.34 -9.33
CA ASN A 224 29.97 -31.72 -9.55
C ASN A 224 28.97 -32.62 -10.29
N VAL A 225 28.37 -32.09 -11.34
CA VAL A 225 27.57 -32.90 -12.24
C VAL A 225 28.55 -33.49 -13.24
N LYS A 226 28.55 -34.82 -13.37
CA LYS A 226 29.44 -35.50 -14.33
C LYS A 226 29.01 -35.23 -15.76
N SER A 227 29.98 -35.26 -16.67
CA SER A 227 29.74 -35.12 -18.09
C SER A 227 29.11 -36.40 -18.65
N TYR A 228 28.32 -36.28 -19.72
CA TYR A 228 27.75 -37.45 -20.40
C TYR A 228 28.83 -38.45 -20.80
N GLU A 229 29.99 -37.93 -21.25
CA GLU A 229 31.12 -38.76 -21.67
C GLU A 229 31.72 -39.58 -20.53
N ASP A 230 31.92 -38.96 -19.39
CA ASP A 230 32.47 -39.66 -18.21
C ASP A 230 31.43 -40.57 -17.54
N ALA A 231 30.15 -40.16 -17.56
CA ALA A 231 29.10 -40.83 -16.79
C ALA A 231 28.38 -41.95 -17.54
N LEU A 232 28.10 -41.77 -18.82
CA LEU A 232 27.25 -42.70 -19.57
C LEU A 232 27.99 -43.51 -20.63
N ALA A 233 28.43 -42.84 -21.70
CA ALA A 233 29.17 -43.50 -22.77
C ALA A 233 30.21 -42.56 -23.33
N PRO A 234 31.48 -43.03 -23.46
CA PRO A 234 32.50 -42.16 -24.08
C PRO A 234 32.28 -41.89 -25.56
N LEU A 235 33.09 -40.98 -26.10
CA LEU A 235 32.93 -40.50 -27.47
C LEU A 235 33.18 -41.58 -28.54
N SER A 236 34.10 -42.50 -28.26
CA SER A 236 34.38 -43.65 -29.14
C SER A 236 33.22 -44.64 -29.26
N ARG A 237 32.30 -44.65 -28.27
CA ARG A 237 31.11 -45.52 -28.28
C ARG A 237 29.92 -44.91 -29.04
N THR A 238 29.63 -43.63 -28.77
CA THR A 238 28.50 -42.94 -29.41
C THR A 238 28.79 -42.60 -30.89
N ARG A 239 30.07 -42.39 -31.21
CA ARG A 239 30.51 -41.89 -32.51
C ARG A 239 29.90 -40.52 -32.86
N SER A 240 29.70 -39.69 -31.85
CA SER A 240 29.16 -38.35 -32.04
C SER A 240 30.27 -37.42 -32.51
N PRO A 241 29.96 -36.51 -33.47
CA PRO A 241 30.97 -35.54 -33.91
C PRO A 241 31.28 -34.48 -32.83
N ILE A 242 30.41 -34.34 -31.85
CA ILE A 242 30.62 -33.45 -30.71
C ILE A 242 30.44 -34.19 -29.38
N GLU A 243 31.21 -33.75 -28.39
CA GLU A 243 30.98 -34.15 -27.00
C GLU A 243 29.62 -33.62 -26.58
N LEU A 244 28.81 -34.47 -25.96
CA LEU A 244 27.51 -34.04 -25.41
C LEU A 244 27.66 -33.10 -24.21
N PHE A 245 28.77 -33.24 -23.50
CA PHE A 245 29.23 -32.25 -22.51
C PHE A 245 29.26 -30.82 -23.07
N LYS A 246 29.65 -30.67 -24.33
CA LYS A 246 29.66 -29.37 -25.00
C LYS A 246 28.39 -29.11 -25.84
N SER A 247 27.24 -29.57 -25.35
CA SER A 247 25.96 -29.45 -26.05
C SER A 247 24.82 -29.22 -25.06
N THR A 248 23.67 -28.78 -25.58
CA THR A 248 22.46 -28.67 -24.78
C THR A 248 21.83 -30.05 -24.75
N LEU A 249 22.09 -30.79 -23.67
CA LEU A 249 21.71 -32.19 -23.57
C LEU A 249 20.30 -32.34 -23.06
N HIS A 250 19.40 -32.86 -23.90
CA HIS A 250 18.05 -33.18 -23.49
C HIS A 250 17.85 -34.69 -23.40
N HIS A 251 17.64 -35.18 -22.18
CA HIS A 251 17.26 -36.56 -21.96
C HIS A 251 15.77 -36.68 -22.09
N ILE A 252 15.30 -37.52 -23.00
CA ILE A 252 13.88 -37.63 -23.30
C ILE A 252 13.35 -39.02 -22.98
N PHE A 253 12.08 -39.06 -22.58
CA PHE A 253 11.40 -40.30 -22.19
C PHE A 253 9.91 -40.03 -22.25
N GLU A 254 9.10 -41.08 -22.24
CA GLU A 254 7.69 -40.96 -22.64
C GLU A 254 6.91 -39.86 -21.90
N GLU A 255 7.15 -39.70 -20.60
CA GLU A 255 6.40 -38.72 -19.80
C GLU A 255 7.03 -37.33 -19.68
N GLY A 256 8.23 -37.13 -20.24
CA GLY A 256 8.83 -35.80 -20.24
C GLY A 256 10.31 -35.75 -20.59
N TRP A 257 11.03 -34.82 -19.98
CA TRP A 257 12.45 -34.66 -20.27
C TRP A 257 13.21 -33.96 -19.16
N LEU A 258 14.53 -34.16 -19.18
CA LEU A 258 15.47 -33.51 -18.28
C LEU A 258 16.58 -32.85 -19.09
N TRP A 259 16.96 -31.62 -18.72
CA TRP A 259 18.07 -30.91 -19.36
C TRP A 259 19.35 -30.92 -18.51
N VAL A 260 20.49 -30.96 -19.18
CA VAL A 260 21.80 -30.82 -18.55
C VAL A 260 22.51 -29.78 -19.40
N ILE A 261 22.63 -28.56 -18.85
CA ILE A 261 23.23 -27.41 -19.54
C ILE A 261 24.45 -26.95 -18.74
N PRO A 262 25.66 -27.37 -19.15
CA PRO A 262 26.85 -26.96 -18.39
C PRO A 262 27.33 -25.54 -18.66
N PHE A 263 27.84 -24.90 -17.62
CA PHE A 263 28.59 -23.65 -17.74
C PHE A 263 30.09 -23.87 -17.57
N ASN A 264 30.49 -25.11 -17.29
CA ASN A 264 31.85 -25.46 -16.89
C ASN A 264 32.58 -26.29 -17.94
N ASN A 265 32.16 -26.14 -19.20
CA ASN A 265 32.54 -27.07 -20.27
C ASN A 265 33.50 -26.47 -21.30
N HIS A 266 34.29 -25.47 -20.88
CA HIS A 266 35.29 -24.85 -21.75
C HIS A 266 36.46 -24.31 -20.91
N PRO A 267 37.72 -24.54 -21.37
CA PRO A 267 38.94 -24.09 -20.67
C PRO A 267 38.97 -22.65 -20.16
N GLN A 268 38.54 -21.71 -20.99
CA GLN A 268 38.47 -20.28 -20.61
C GLN A 268 37.45 -19.95 -19.51
N GLY A 269 36.40 -20.75 -19.39
CA GLY A 269 35.30 -20.48 -18.48
C GLY A 269 35.53 -20.93 -17.06
N THR A 270 35.29 -20.03 -16.11
CA THR A 270 35.53 -20.29 -14.69
C THR A 270 34.28 -20.75 -13.91
N ASN A 271 33.12 -20.81 -14.55
CA ASN A 271 31.89 -21.20 -13.86
C ASN A 271 31.92 -22.68 -13.48
N GLN A 272 31.47 -22.99 -12.27
CA GLN A 272 31.48 -24.36 -11.76
C GLN A 272 30.14 -25.09 -11.87
N LEU A 273 29.12 -24.42 -12.38
CA LEU A 273 27.76 -24.94 -12.28
C LEU A 273 27.30 -25.65 -13.55
N CYS A 274 26.35 -26.57 -13.39
CA CYS A 274 25.54 -27.13 -14.47
C CYS A 274 24.10 -26.69 -14.17
N SER A 275 23.39 -26.17 -15.17
CA SER A 275 21.94 -25.99 -15.05
C SER A 275 21.23 -27.32 -15.28
N ILE A 276 20.36 -27.69 -14.35
CA ILE A 276 19.63 -28.95 -14.36
C ILE A 276 18.15 -28.64 -14.15
N GLY A 277 17.33 -29.14 -15.07
CA GLY A 277 15.90 -29.00 -14.94
C GLY A 277 15.21 -30.17 -15.60
N PHE A 278 14.02 -30.47 -15.12
CA PHE A 278 13.21 -31.51 -15.72
C PHE A 278 11.75 -31.11 -15.75
N GLN A 279 11.03 -31.70 -16.69
CA GLN A 279 9.67 -31.27 -17.03
C GLN A 279 8.80 -32.48 -17.34
N PHE A 280 7.56 -32.49 -16.83
CA PHE A 280 6.64 -33.61 -17.03
C PHE A 280 5.42 -33.25 -17.86
N ASN A 281 5.04 -34.14 -18.77
CA ASN A 281 3.72 -34.16 -19.39
C ASN A 281 2.74 -34.67 -18.30
N ASN A 282 1.89 -33.80 -17.78
CA ASN A 282 0.96 -34.16 -16.68
C ASN A 282 -0.18 -35.13 -17.09
N ALA A 283 -0.40 -35.30 -18.40
CA ALA A 283 -1.24 -36.38 -18.92
C ALA A 283 -0.66 -37.79 -18.69
N LYS A 284 0.68 -37.88 -18.56
CA LYS A 284 1.37 -39.16 -18.37
C LYS A 284 2.04 -39.36 -17.00
N TYR A 285 2.38 -38.28 -16.30
CA TYR A 285 2.87 -38.35 -14.93
C TYR A 285 2.65 -37.03 -14.22
N ARG A 286 1.89 -37.07 -13.13
CA ARG A 286 1.62 -35.88 -12.32
C ARG A 286 2.54 -35.95 -11.10
N PRO A 287 3.50 -35.00 -10.97
CA PRO A 287 4.33 -35.01 -9.77
C PRO A 287 3.50 -34.69 -8.52
N THR A 288 3.87 -35.31 -7.41
CA THR A 288 3.08 -35.23 -6.18
C THR A 288 3.84 -34.75 -4.92
N GLU A 289 5.17 -34.88 -4.92
CA GLU A 289 5.99 -34.57 -3.74
C GLU A 289 6.95 -33.42 -4.02
N ALA A 290 7.81 -33.11 -3.04
CA ALA A 290 8.74 -31.99 -3.14
C ALA A 290 9.79 -32.22 -4.24
N PRO A 291 10.39 -31.13 -4.77
CA PRO A 291 11.32 -31.20 -5.90
C PRO A 291 12.47 -32.21 -5.76
N GLU A 292 13.18 -32.17 -4.64
CA GLU A 292 14.29 -33.09 -4.41
C GLU A 292 13.85 -34.57 -4.39
N ILE A 293 12.65 -34.83 -3.88
CA ILE A 293 12.08 -36.17 -3.86
C ILE A 293 11.71 -36.63 -5.28
N GLU A 294 11.07 -35.74 -6.03
CA GLU A 294 10.73 -36.02 -7.43
C GLU A 294 11.98 -36.22 -8.31
N PHE A 295 13.06 -35.52 -7.99
CA PHE A 295 14.33 -35.71 -8.69
C PHE A 295 14.88 -37.12 -8.47
N ARG A 296 14.90 -37.58 -7.22
CA ARG A 296 15.38 -38.93 -6.89
C ARG A 296 14.52 -40.04 -7.51
N LYS A 297 13.20 -39.92 -7.44
CA LYS A 297 12.28 -40.85 -8.11
C LYS A 297 12.61 -41.02 -9.59
N LEU A 298 12.89 -39.90 -10.26
CA LEU A 298 13.18 -39.87 -11.68
C LEU A 298 14.52 -40.54 -12.00
N LEU A 299 15.51 -40.34 -11.13
CA LEU A 299 16.80 -41.01 -11.27
C LEU A 299 16.69 -42.53 -11.05
N LYS A 300 15.84 -42.94 -10.14
CA LYS A 300 15.52 -44.37 -9.94
C LYS A 300 14.85 -44.97 -11.18
N LYS A 301 13.91 -44.23 -11.76
CA LYS A 301 13.18 -44.59 -12.97
C LYS A 301 14.09 -44.68 -14.20
N TYR A 302 15.08 -43.79 -14.27
CA TYR A 302 16.03 -43.74 -15.39
C TYR A 302 17.46 -43.71 -14.85
N PRO A 303 17.98 -44.86 -14.37
CA PRO A 303 19.31 -44.91 -13.75
C PRO A 303 20.47 -44.40 -14.62
N ALA A 304 20.29 -44.45 -15.94
CA ALA A 304 21.25 -43.83 -16.86
C ALA A 304 21.37 -42.32 -16.62
N ILE A 305 20.23 -41.63 -16.45
CA ILE A 305 20.25 -40.20 -16.11
C ILE A 305 20.95 -39.99 -14.76
N GLY A 306 20.66 -40.88 -13.81
CA GLY A 306 21.28 -40.86 -12.48
C GLY A 306 22.80 -40.86 -12.41
N GLU A 307 23.45 -41.41 -13.42
CA GLU A 307 24.93 -41.49 -13.48
C GLU A 307 25.62 -40.13 -13.56
N HIS A 308 24.88 -39.10 -14.00
CA HIS A 308 25.33 -37.71 -13.91
C HIS A 308 25.56 -37.19 -12.50
N PHE A 309 24.76 -37.68 -11.56
CA PHE A 309 24.53 -37.00 -10.28
C PHE A 309 25.03 -37.75 -9.06
N LYS A 310 26.03 -38.60 -9.22
CA LYS A 310 26.50 -39.45 -8.11
C LYS A 310 27.18 -38.61 -7.00
N ASP A 311 28.11 -37.76 -7.41
CA ASP A 311 28.80 -36.84 -6.48
C ASP A 311 28.30 -35.39 -6.59
N ALA A 312 27.12 -35.18 -7.19
CA ALA A 312 26.62 -33.82 -7.44
C ALA A 312 25.89 -33.28 -6.21
N VAL A 313 25.93 -31.95 -6.04
CA VAL A 313 25.15 -31.28 -4.98
C VAL A 313 24.47 -30.01 -5.51
N ASN A 314 23.26 -29.74 -5.01
CA ASN A 314 22.53 -28.52 -5.34
C ASN A 314 23.29 -27.28 -4.88
N ALA A 315 23.41 -26.31 -5.78
CA ALA A 315 24.04 -25.02 -5.51
C ALA A 315 23.03 -23.93 -5.16
N ARG A 316 21.74 -24.24 -5.24
CA ARG A 316 20.65 -23.34 -4.83
C ARG A 316 19.37 -24.17 -4.60
N GLU A 317 18.25 -23.50 -4.32
CA GLU A 317 16.99 -24.20 -4.10
C GLU A 317 16.35 -24.56 -5.43
N TRP A 318 15.69 -25.73 -5.47
CA TRP A 318 14.84 -26.11 -6.58
C TRP A 318 13.72 -25.10 -6.73
N ILE A 319 13.43 -24.71 -7.97
CA ILE A 319 12.25 -23.93 -8.30
C ILE A 319 11.23 -24.88 -8.94
N TYR A 320 9.99 -24.84 -8.48
CA TYR A 320 8.84 -25.52 -9.11
C TYR A 320 8.03 -24.46 -9.87
N ALA A 321 7.69 -24.76 -11.13
CA ALA A 321 6.88 -23.86 -11.95
C ALA A 321 5.73 -24.63 -12.59
N PRO A 322 4.51 -24.58 -11.98
CA PRO A 322 3.36 -25.25 -12.58
C PRO A 322 2.86 -24.54 -13.84
N ARG A 323 1.81 -25.07 -14.48
CA ARG A 323 1.27 -24.51 -15.72
C ARG A 323 2.35 -24.42 -16.81
N GLN A 330 -5.09 -8.67 -27.00
CA GLN A 330 -4.37 -9.42 -25.98
C GLN A 330 -2.91 -8.94 -25.90
N ASN A 331 -2.18 -9.11 -27.01
CA ASN A 331 -0.77 -8.73 -27.11
C ASN A 331 -0.58 -7.21 -27.04
N VAL A 332 -1.32 -6.46 -27.87
CA VAL A 332 -1.13 -4.99 -27.98
C VAL A 332 -2.41 -4.17 -27.76
N GLY A 333 -2.21 -2.88 -27.56
CA GLY A 333 -3.27 -1.88 -27.58
C GLY A 333 -2.71 -0.56 -28.07
N ASP A 334 -3.44 0.52 -27.83
CA ASP A 334 -3.01 1.85 -28.23
C ASP A 334 -1.73 2.29 -27.53
N ARG A 335 -1.60 1.94 -26.25
CA ARG A 335 -0.50 2.43 -25.43
C ARG A 335 0.22 1.36 -24.59
N PHE A 336 0.00 0.09 -24.93
CA PHE A 336 0.67 -1.01 -24.21
C PHE A 336 1.03 -2.12 -25.18
N CYS A 337 1.97 -2.94 -24.75
CA CYS A 337 2.41 -4.09 -25.52
C CYS A 337 2.99 -5.14 -24.60
N LEU A 338 2.45 -6.36 -24.66
CA LEU A 338 3.01 -7.50 -23.96
C LEU A 338 4.04 -8.16 -24.86
N LEU A 339 5.26 -8.37 -24.36
CA LEU A 339 6.25 -9.17 -25.10
C LEU A 339 5.89 -10.66 -24.93
N PRO A 340 6.36 -11.52 -25.84
CA PRO A 340 5.90 -12.92 -25.92
C PRO A 340 5.80 -13.69 -24.60
N GLN A 341 6.82 -13.55 -23.74
CA GLN A 341 6.87 -14.27 -22.49
C GLN A 341 5.74 -13.85 -21.51
N ALA A 342 5.23 -12.62 -21.65
CA ALA A 342 4.08 -12.15 -20.86
C ALA A 342 2.72 -12.67 -21.37
N THR A 343 2.64 -13.05 -22.64
CA THR A 343 1.39 -13.60 -23.24
C THR A 343 1.12 -15.07 -22.89
N GLY A 344 2.11 -15.79 -22.37
CA GLY A 344 1.97 -17.23 -22.14
C GLY A 344 3.30 -17.95 -22.04
N PHE A 345 3.24 -19.20 -21.59
CA PHE A 345 4.42 -20.02 -21.32
C PHE A 345 4.96 -20.57 -22.63
N ILE A 346 6.22 -20.25 -22.92
CA ILE A 346 6.92 -20.79 -24.09
C ILE A 346 7.78 -21.95 -23.60
N ASP A 347 7.30 -23.17 -23.84
CA ASP A 347 7.99 -24.38 -23.41
C ASP A 347 9.41 -24.38 -24.00
N PRO A 348 10.43 -24.53 -23.15
CA PRO A 348 11.82 -24.41 -23.59
C PRO A 348 12.45 -25.67 -24.23
N LEU A 349 11.66 -26.61 -24.73
CA LEU A 349 12.21 -27.85 -25.30
C LEU A 349 13.22 -27.59 -26.43
N PHE A 350 12.92 -26.62 -27.30
CA PHE A 350 13.82 -26.22 -28.39
C PHE A 350 14.35 -24.79 -28.25
N SER A 351 14.33 -24.27 -27.01
CA SER A 351 14.85 -22.92 -26.66
C SER A 351 14.28 -21.78 -27.49
N ARG A 352 13.01 -21.87 -27.87
CA ARG A 352 12.41 -20.83 -28.71
C ARG A 352 11.93 -19.60 -27.93
N GLY A 353 11.98 -19.66 -26.60
CA GLY A 353 11.74 -18.49 -25.76
C GLY A 353 12.56 -17.28 -26.18
N LEU A 354 13.87 -17.42 -26.12
CA LEU A 354 14.79 -16.32 -26.48
C LEU A 354 14.61 -15.88 -27.94
N ILE A 355 14.41 -16.84 -28.84
CA ILE A 355 14.26 -16.56 -30.27
C ILE A 355 13.07 -15.62 -30.49
N THR A 356 11.93 -16.01 -29.95
CA THR A 356 10.70 -15.26 -30.15
C THR A 356 10.74 -13.93 -29.39
N THR A 357 11.31 -13.95 -28.19
CA THR A 357 11.58 -12.73 -27.39
C THR A 357 12.37 -11.68 -28.16
N PHE A 358 13.50 -12.07 -28.75
CA PHE A 358 14.40 -11.10 -29.42
C PHE A 358 13.86 -10.59 -30.74
N GLU A 359 13.22 -11.47 -31.51
CA GLU A 359 12.56 -11.05 -32.76
C GLU A 359 11.43 -10.07 -32.49
N SER A 360 10.70 -10.27 -31.40
CA SER A 360 9.61 -9.37 -31.01
C SER A 360 10.13 -7.95 -30.77
N ILE A 361 11.18 -7.84 -29.96
CA ILE A 361 11.85 -6.56 -29.67
C ILE A 361 12.31 -5.87 -30.96
N LEU A 362 12.85 -6.66 -31.89
CA LEU A 362 13.37 -6.16 -33.16
C LEU A 362 12.27 -5.62 -34.07
N ARG A 363 11.12 -6.29 -34.06
CA ARG A 363 9.94 -5.80 -34.78
C ARG A 363 9.28 -4.60 -34.09
N LEU A 364 9.22 -4.63 -32.76
CA LEU A 364 8.49 -3.61 -32.00
C LEU A 364 9.23 -2.28 -31.88
N ALA A 365 10.53 -2.33 -31.59
CA ALA A 365 11.32 -1.12 -31.30
C ALA A 365 11.20 -0.02 -32.36
N PRO A 366 11.40 -0.33 -33.66
CA PRO A 366 11.24 0.71 -34.69
C PRO A 366 9.83 1.35 -34.77
N LYS A 367 8.81 0.56 -34.45
CA LYS A 367 7.42 1.04 -34.45
C LYS A 367 7.14 1.94 -33.26
N VAL A 368 7.69 1.60 -32.09
CA VAL A 368 7.59 2.45 -30.88
C VAL A 368 8.32 3.78 -31.11
N LEU A 369 9.45 3.76 -31.83
CA LEU A 369 10.17 4.99 -32.19
C LEU A 369 9.34 5.88 -33.09
N ASP A 370 8.80 5.30 -34.16
CA ASP A 370 7.94 6.03 -35.09
C ASP A 370 6.75 6.66 -34.36
N ALA A 371 6.13 5.90 -33.46
CA ALA A 371 5.03 6.37 -32.64
C ALA A 371 5.42 7.56 -31.77
N ALA A 372 6.60 7.50 -31.17
CA ALA A 372 7.08 8.55 -30.28
C ALA A 372 7.53 9.81 -31.04
N ARG A 373 8.17 9.62 -32.19
CA ARG A 373 8.59 10.73 -33.06
C ARG A 373 7.39 11.46 -33.69
N SER A 374 6.39 10.72 -34.18
CA SER A 374 5.20 11.32 -34.80
C SER A 374 3.99 11.52 -33.85
N ASN A 375 4.12 11.12 -32.59
CA ASN A 375 3.05 11.26 -31.58
C ASN A 375 1.70 10.63 -31.99
N ARG A 376 1.79 9.42 -32.53
CA ARG A 376 0.63 8.63 -32.91
C ARG A 376 0.69 7.32 -32.13
N TRP A 377 -0.31 7.10 -31.28
CA TRP A 377 -0.35 5.92 -30.43
C TRP A 377 -1.68 5.20 -30.63
N GLN A 378 -1.67 4.31 -31.63
CA GLN A 378 -2.87 3.58 -32.06
C GLN A 378 -2.49 2.11 -32.22
N ARG A 379 -3.35 1.22 -31.72
CA ARG A 379 -3.15 -0.23 -31.81
C ARG A 379 -2.75 -0.71 -33.21
N GLU A 380 -3.43 -0.19 -34.24
CA GLU A 380 -3.15 -0.48 -35.65
C GLU A 380 -1.67 -0.38 -36.05
N GLN A 381 -0.92 0.52 -35.42
CA GLN A 381 0.52 0.64 -35.71
C GLN A 381 1.33 -0.62 -35.32
N PHE A 382 0.88 -1.33 -34.28
CA PHE A 382 1.62 -2.48 -33.71
C PHE A 382 1.07 -3.86 -34.07
N ILE A 383 0.26 -3.95 -35.13
CA ILE A 383 -0.46 -5.18 -35.48
C ILE A 383 0.47 -6.34 -35.90
N GLU A 384 1.52 -6.04 -36.64
CA GLU A 384 2.47 -7.07 -37.08
C GLU A 384 3.33 -7.65 -35.93
N VAL A 385 3.46 -6.92 -34.82
CA VAL A 385 4.11 -7.46 -33.61
C VAL A 385 3.19 -8.53 -33.01
N GLU A 386 1.88 -8.27 -33.00
CA GLU A 386 0.89 -9.26 -32.55
C GLU A 386 0.84 -10.50 -33.46
N ARG A 387 0.93 -10.29 -34.77
CA ARG A 387 0.87 -11.39 -35.74
C ARG A 387 2.05 -12.37 -35.54
N HIS A 388 3.26 -11.82 -35.47
CA HIS A 388 4.50 -12.59 -35.17
C HIS A 388 4.37 -13.38 -33.86
N CYS A 389 3.89 -12.70 -32.83
CA CYS A 389 3.78 -13.30 -31.50
C CYS A 389 2.83 -14.50 -31.47
N LEU A 390 1.63 -14.31 -32.00
CA LEU A 390 0.60 -15.37 -32.05
C LEU A 390 1.10 -16.60 -32.80
N ASN A 391 1.68 -16.39 -33.97
CA ASN A 391 2.22 -17.49 -34.78
C ASN A 391 3.41 -18.18 -34.12
N ALA A 392 4.32 -17.39 -33.54
CA ALA A 392 5.48 -17.94 -32.83
C ALA A 392 5.07 -18.90 -31.71
N VAL A 393 4.18 -18.45 -30.83
CA VAL A 393 3.75 -19.29 -29.70
C VAL A 393 2.88 -20.47 -30.14
N ALA A 394 2.03 -20.30 -31.17
CA ALA A 394 1.29 -21.42 -31.75
C ALA A 394 2.25 -22.44 -32.38
N THR A 395 3.20 -21.95 -33.16
CA THR A 395 4.26 -22.80 -33.75
C THR A 395 5.02 -23.58 -32.68
N ASN A 396 5.39 -22.91 -31.60
CA ASN A 396 6.08 -23.58 -30.49
C ASN A 396 5.17 -24.57 -29.75
N ASP A 397 3.92 -24.20 -29.55
CA ASP A 397 2.92 -25.09 -28.95
C ASP A 397 2.75 -26.37 -29.76
N GLN A 398 2.59 -26.23 -31.07
CA GLN A 398 2.43 -27.39 -31.98
C GLN A 398 3.70 -28.24 -32.00
N LEU A 399 4.85 -27.58 -32.17
CA LEU A 399 6.16 -28.24 -32.16
C LEU A 399 6.41 -29.10 -30.92
N VAL A 400 6.04 -28.55 -29.77
CA VAL A 400 6.28 -29.18 -28.47
C VAL A 400 5.24 -30.25 -28.18
N SER A 401 3.97 -29.94 -28.47
CA SER A 401 2.87 -30.89 -28.30
C SER A 401 3.13 -32.20 -29.05
N CYS A 402 3.50 -32.07 -30.32
CA CYS A 402 3.76 -33.25 -31.15
C CYS A 402 5.14 -33.90 -30.83
N SER A 403 6.07 -33.14 -30.24
CA SER A 403 7.33 -33.71 -29.71
C SER A 403 7.12 -34.60 -28.47
N TYR A 404 6.16 -34.23 -27.62
CA TYR A 404 5.81 -35.06 -26.45
C TYR A 404 5.25 -36.44 -26.83
N GLU A 405 4.56 -36.54 -27.97
CA GLU A 405 4.16 -37.85 -28.50
C GLU A 405 5.34 -38.64 -29.06
N ALA A 406 6.25 -37.96 -29.74
CA ALA A 406 7.43 -38.58 -30.34
C ALA A 406 8.39 -39.20 -29.32
N PHE A 407 8.39 -38.68 -28.08
CA PHE A 407 9.15 -39.28 -26.96
C PHE A 407 8.80 -40.74 -26.67
N SER A 408 7.63 -41.18 -27.12
CA SER A 408 7.15 -42.56 -26.99
C SER A 408 8.09 -43.66 -27.49
N ASP A 409 8.93 -43.35 -28.49
CA ASP A 409 9.83 -44.33 -29.09
C ASP A 409 11.00 -43.60 -29.77
N PHE A 410 12.20 -44.15 -29.69
CA PHE A 410 13.38 -43.48 -30.25
C PHE A 410 13.33 -43.32 -31.76
N HIS A 411 12.99 -44.40 -32.48
CA HIS A 411 12.94 -44.35 -33.94
C HIS A 411 11.94 -43.29 -34.42
N LEU A 412 10.79 -43.18 -33.74
CA LEU A 412 9.83 -42.09 -34.01
C LEU A 412 10.44 -40.71 -33.70
N TRP A 413 11.07 -40.57 -32.54
CA TRP A 413 11.79 -39.33 -32.20
C TRP A 413 12.81 -38.96 -33.28
N ASN A 414 13.65 -39.94 -33.63
CA ASN A 414 14.69 -39.79 -34.65
C ASN A 414 14.13 -39.22 -35.96
N VAL A 415 13.01 -39.77 -36.44
CA VAL A 415 12.37 -39.27 -37.66
C VAL A 415 11.73 -37.89 -37.40
N TRP A 416 11.07 -37.74 -36.26
CA TRP A 416 10.40 -36.47 -35.94
C TRP A 416 11.33 -35.26 -35.88
N HIS A 417 12.49 -35.39 -35.23
CA HIS A 417 13.37 -34.22 -34.98
C HIS A 417 13.88 -33.55 -36.26
N ARG A 418 13.97 -34.32 -37.35
CA ARG A 418 14.31 -33.79 -38.67
C ARG A 418 13.32 -32.73 -39.18
N VAL A 419 12.06 -32.82 -38.76
CA VAL A 419 11.06 -31.80 -39.07
C VAL A 419 11.48 -30.49 -38.42
N TRP A 420 11.67 -30.52 -37.10
CA TRP A 420 12.16 -29.34 -36.36
C TRP A 420 13.46 -28.78 -36.96
N LEU A 421 14.44 -29.67 -37.12
CA LEU A 421 15.77 -29.27 -37.56
C LEU A 421 15.76 -28.60 -38.92
N SER A 422 15.01 -29.17 -39.88
CA SER A 422 14.94 -28.61 -41.23
C SER A 422 14.29 -27.23 -41.25
N GLY A 423 13.23 -27.05 -40.47
CA GLY A 423 12.62 -25.75 -40.27
C GLY A 423 13.57 -24.75 -39.64
N SER A 424 14.15 -25.15 -38.51
CA SER A 424 15.09 -24.31 -37.77
C SER A 424 16.29 -23.89 -38.63
N ASN A 425 16.78 -24.79 -39.47
CA ASN A 425 17.87 -24.49 -40.38
C ASN A 425 17.48 -23.48 -41.45
N LEU A 426 16.29 -23.64 -42.03
CA LEU A 426 15.79 -22.69 -43.04
C LEU A 426 15.63 -21.27 -42.48
N GLY A 427 15.02 -21.17 -41.29
CA GLY A 427 14.84 -19.87 -40.61
C GLY A 427 16.15 -19.17 -40.27
N SER A 428 17.10 -19.93 -39.74
CA SER A 428 18.44 -19.43 -39.45
C SER A 428 19.14 -18.88 -40.69
N ALA A 429 19.01 -19.58 -41.82
CA ALA A 429 19.58 -19.12 -43.08
C ALA A 429 18.95 -17.80 -43.53
N PHE A 430 17.64 -17.67 -43.36
CA PHE A 430 16.94 -16.41 -43.67
C PHE A 430 17.43 -15.25 -42.80
N LEU A 431 17.55 -15.48 -41.49
CA LEU A 431 18.05 -14.45 -40.57
C LEU A 431 19.49 -14.03 -40.91
N GLN A 432 20.33 -15.00 -41.28
CA GLN A 432 21.70 -14.70 -41.75
C GLN A 432 21.69 -13.83 -43.00
N LYS A 433 20.87 -14.22 -43.97
CA LYS A 433 20.65 -13.44 -45.19
C LYS A 433 20.18 -12.00 -44.89
N LEU A 434 19.26 -11.83 -43.94
CA LEU A 434 18.84 -10.49 -43.51
C LEU A 434 19.99 -9.72 -42.83
N LEU A 435 20.80 -10.42 -42.03
CA LEU A 435 21.95 -9.78 -41.38
C LEU A 435 22.95 -9.32 -42.42
N HIS A 436 23.23 -10.18 -43.39
CA HIS A 436 24.17 -9.89 -44.45
C HIS A 436 23.76 -8.67 -45.29
N ASP A 437 22.49 -8.63 -45.72
CA ASP A 437 21.95 -7.48 -46.47
C ASP A 437 21.98 -6.19 -45.66
N LEU A 438 21.71 -6.30 -44.37
CA LEU A 438 21.77 -5.14 -43.47
C LEU A 438 23.20 -4.59 -43.35
N GLU A 439 24.17 -5.50 -43.27
CA GLU A 439 25.57 -5.10 -43.14
C GLU A 439 26.13 -4.48 -44.43
N HIS A 440 25.85 -5.09 -45.58
CA HIS A 440 26.32 -4.56 -46.88
C HIS A 440 25.66 -3.24 -47.31
N SER A 441 24.38 -3.06 -46.98
CA SER A 441 23.61 -1.87 -47.38
C SER A 441 23.58 -0.76 -46.31
N GLY A 442 23.57 -1.14 -45.03
CA GLY A 442 23.39 -0.20 -43.93
C GLY A 442 22.01 0.44 -43.83
N ASP A 443 21.02 -0.12 -44.56
CA ASP A 443 19.70 0.50 -44.70
C ASP A 443 18.72 -0.11 -43.69
N ALA A 444 18.48 0.63 -42.61
CA ALA A 444 17.61 0.21 -41.51
C ALA A 444 16.15 0.04 -41.93
N ARG A 445 15.66 1.02 -42.68
CA ARG A 445 14.28 1.02 -43.20
C ARG A 445 14.01 -0.19 -44.11
N GLN A 446 15.00 -0.52 -44.95
CA GLN A 446 14.95 -1.70 -45.82
C GLN A 446 14.88 -2.99 -45.01
N PHE A 447 15.68 -3.08 -43.94
CA PHE A 447 15.67 -4.26 -43.06
C PHE A 447 14.30 -4.49 -42.40
N ASP A 448 13.74 -3.44 -41.79
CA ASP A 448 12.43 -3.54 -41.11
C ASP A 448 11.33 -3.99 -42.07
N ALA A 449 11.37 -3.49 -43.31
CA ALA A 449 10.42 -3.89 -44.35
C ALA A 449 10.58 -5.37 -44.76
N ALA A 450 11.83 -5.80 -44.95
CA ALA A 450 12.12 -7.18 -45.33
C ALA A 450 11.71 -8.20 -44.24
N LEU A 451 11.92 -7.84 -42.97
CA LEU A 451 11.46 -8.67 -41.85
C LEU A 451 9.93 -8.70 -41.73
N GLU A 452 9.29 -7.58 -42.05
CA GLU A 452 7.81 -7.48 -42.05
C GLU A 452 7.19 -8.26 -43.21
N ALA A 453 7.90 -8.33 -44.34
CA ALA A 453 7.37 -8.93 -45.57
C ALA A 453 7.49 -10.45 -45.65
N VAL A 454 8.11 -11.12 -44.67
CA VAL A 454 8.17 -12.59 -44.70
C VAL A 454 6.76 -13.18 -44.64
N ARG A 455 6.55 -14.28 -45.33
CA ARG A 455 5.21 -14.86 -45.50
C ARG A 455 4.66 -15.52 -44.24
N PHE A 456 5.55 -16.13 -43.44
CA PHE A 456 5.15 -16.89 -42.27
C PHE A 456 5.92 -16.39 -41.05
N PRO A 457 5.62 -15.16 -40.60
CA PRO A 457 6.34 -14.58 -39.46
C PRO A 457 6.05 -15.33 -38.16
N GLY A 458 7.11 -15.65 -37.41
CA GLY A 458 7.00 -16.45 -36.17
C GLY A 458 7.20 -17.94 -36.38
N CYS A 459 6.99 -18.42 -37.61
CA CYS A 459 7.12 -19.82 -37.95
C CYS A 459 8.59 -20.18 -38.14
N LEU A 460 8.90 -21.48 -38.00
CA LEU A 460 10.28 -21.99 -38.06
C LEU A 460 11.08 -21.54 -39.28
N SER A 461 10.50 -21.62 -40.47
CA SER A 461 11.22 -21.28 -41.70
C SER A 461 11.20 -19.80 -42.04
N LEU A 462 10.22 -19.06 -41.51
CA LEU A 462 9.95 -17.64 -41.84
C LEU A 462 9.34 -17.38 -43.23
N ASP A 463 9.89 -17.99 -44.29
CA ASP A 463 9.49 -17.65 -45.66
C ASP A 463 9.49 -18.81 -46.69
N SER A 464 9.36 -20.05 -46.24
CA SER A 464 9.33 -21.22 -47.14
C SER A 464 7.93 -21.85 -47.11
N PRO A 465 7.13 -21.69 -48.18
CA PRO A 465 5.80 -22.32 -48.19
C PRO A 465 5.84 -23.84 -48.10
N ALA A 466 6.80 -24.45 -48.80
CA ALA A 466 6.95 -25.90 -48.81
C ALA A 466 7.29 -26.50 -47.44
N TYR A 467 8.15 -25.84 -46.67
CA TYR A 467 8.42 -26.34 -45.32
C TYR A 467 7.19 -26.23 -44.42
N GLU A 468 6.47 -25.12 -44.50
CA GLU A 468 5.30 -24.91 -43.65
C GLU A 468 4.18 -25.90 -43.99
N SER A 469 4.11 -26.30 -45.26
CA SER A 469 3.26 -27.42 -45.69
C SER A 469 3.68 -28.72 -45.00
N LEU A 470 4.96 -29.05 -45.08
CA LEU A 470 5.52 -30.21 -44.37
C LEU A 470 5.22 -30.19 -42.87
N PHE A 471 5.40 -29.04 -42.24
CA PHE A 471 5.19 -28.87 -40.81
C PHE A 471 3.74 -29.15 -40.41
N ARG A 472 2.78 -28.58 -41.15
CA ARG A 472 1.35 -28.81 -40.88
C ARG A 472 0.87 -30.25 -41.17
N GLN A 473 1.40 -30.86 -42.24
CA GLN A 473 1.13 -32.28 -42.52
C GLN A 473 1.79 -33.21 -41.50
N SER A 474 2.96 -32.83 -41.00
CA SER A 474 3.65 -33.60 -39.97
C SER A 474 2.88 -33.55 -38.65
N CYS A 475 2.33 -32.38 -38.32
CA CYS A 475 1.41 -32.24 -37.18
C CYS A 475 0.20 -33.15 -37.29
N GLN A 476 -0.43 -33.13 -38.47
CA GLN A 476 -1.66 -33.90 -38.70
C GLN A 476 -1.40 -35.41 -38.62
N VAL A 477 -0.22 -35.86 -39.07
CA VAL A 477 0.20 -37.26 -38.89
C VAL A 477 0.43 -37.60 -37.40
N MET A 478 1.06 -36.71 -36.64
CA MET A 478 1.29 -36.90 -35.20
C MET A 478 0.00 -36.80 -34.37
N GLN A 479 -0.87 -35.85 -34.74
CA GLN A 479 -2.11 -35.59 -34.00
C GLN A 479 -3.13 -36.72 -34.15
N GLN A 480 -3.29 -37.25 -35.36
CA GLN A 480 -4.17 -38.42 -35.60
C GLN A 480 -3.52 -39.76 -35.22
N ALA A 481 -2.22 -39.77 -34.94
CA ALA A 481 -1.53 -40.96 -34.44
C ALA A 481 -1.80 -41.27 -32.96
N ARG A 482 -2.16 -40.25 -32.18
CA ARG A 482 -2.40 -40.43 -30.74
C ARG A 482 -3.89 -40.38 -30.34
N GLU A 483 -4.71 -39.64 -31.08
CA GLU A 483 -6.18 -39.69 -30.91
C GLU A 483 -6.67 -41.08 -31.29
N GLN A 484 -6.57 -41.41 -32.58
CA GLN A 484 -6.69 -42.79 -33.06
C GLN A 484 -5.32 -43.42 -32.82
N ALA A 485 -5.19 -44.26 -31.79
CA ALA A 485 -3.88 -44.77 -31.36
C ALA A 485 -3.24 -45.71 -32.41
N ARG A 486 -2.28 -45.17 -33.17
CA ARG A 486 -1.57 -45.94 -34.20
C ARG A 486 -0.24 -46.48 -33.67
N PRO A 487 0.28 -47.58 -34.28
CA PRO A 487 1.61 -48.08 -33.89
C PRO A 487 2.75 -47.14 -34.33
N VAL A 488 3.76 -47.02 -33.48
CA VAL A 488 4.85 -46.04 -33.69
C VAL A 488 5.69 -46.27 -34.97
N ALA A 489 5.74 -47.52 -35.44
CA ALA A 489 6.42 -47.84 -36.70
C ALA A 489 5.75 -47.21 -37.92
N GLU A 490 4.43 -47.36 -38.03
CA GLU A 490 3.67 -46.82 -39.18
C GLU A 490 3.68 -45.28 -39.24
N THR A 491 3.70 -44.63 -38.07
CA THR A 491 3.70 -43.17 -37.99
C THR A 491 5.10 -42.61 -38.26
N ALA A 492 6.12 -43.28 -37.73
CA ALA A 492 7.52 -43.01 -38.09
C ALA A 492 7.73 -43.10 -39.61
N ASN A 493 7.12 -44.11 -40.23
CA ASN A 493 7.19 -44.30 -41.69
C ASN A 493 6.47 -43.18 -42.45
N ALA A 494 5.32 -42.75 -41.95
CA ALA A 494 4.53 -41.69 -42.59
C ALA A 494 5.26 -40.35 -42.60
N LEU A 495 5.92 -40.01 -41.49
CA LEU A 495 6.76 -38.82 -41.39
C LEU A 495 7.96 -38.91 -42.32
N HIS A 496 8.59 -40.09 -42.33
CA HIS A 496 9.75 -40.35 -43.20
C HIS A 496 9.40 -40.14 -44.67
N GLU A 497 8.22 -40.59 -45.07
CA GLU A 497 7.74 -40.41 -46.45
C GLU A 497 7.45 -38.93 -46.76
N LEU A 498 6.92 -38.18 -45.79
CA LEU A 498 6.72 -36.73 -45.93
C LEU A 498 8.04 -35.98 -46.16
N ILE A 499 9.08 -36.38 -45.43
CA ILE A 499 10.39 -35.76 -45.53
C ILE A 499 11.01 -36.01 -46.91
N LYS A 500 10.93 -37.25 -47.39
CA LYS A 500 11.34 -37.60 -48.76
C LYS A 500 10.57 -36.79 -49.83
N GLU A 501 9.26 -36.66 -49.66
CA GLU A 501 8.42 -35.87 -50.59
C GLU A 501 8.87 -34.40 -50.68
N HIS A 502 9.22 -33.80 -49.54
CA HIS A 502 9.61 -32.38 -49.46
C HIS A 502 11.13 -32.11 -49.41
N GLU A 503 11.95 -33.14 -49.62
CA GLU A 503 13.41 -33.05 -49.39
C GLU A 503 14.14 -32.01 -50.26
N ALA A 504 13.72 -31.89 -51.52
CA ALA A 504 14.35 -30.95 -52.47
C ALA A 504 14.18 -29.48 -52.05
N GLU A 505 13.05 -29.14 -51.43
CA GLU A 505 12.79 -27.79 -50.91
C GLU A 505 13.57 -27.44 -49.62
N LEU A 506 14.00 -28.46 -48.88
CA LEU A 506 14.84 -28.26 -47.69
C LEU A 506 16.31 -28.08 -48.11
N LEU A 507 17.13 -27.65 -47.16
CA LEU A 507 18.57 -27.48 -47.40
C LEU A 507 19.24 -28.85 -47.62
N PRO A 508 20.33 -28.91 -48.41
CA PRO A 508 20.88 -30.20 -48.82
C PRO A 508 21.70 -30.89 -47.71
N LEU A 509 21.05 -31.26 -46.62
CA LEU A 509 21.71 -31.86 -45.45
C LEU A 509 21.43 -33.36 -45.29
N GLY A 510 20.55 -33.91 -46.12
CA GLY A 510 20.23 -35.35 -46.09
C GLY A 510 19.38 -35.72 -44.90
N TYR A 511 18.32 -34.95 -44.68
CA TYR A 511 17.38 -35.18 -43.56
C TYR A 511 16.72 -36.55 -43.67
N SER A 512 16.46 -36.96 -44.91
CA SER A 512 15.88 -38.26 -45.24
C SER A 512 16.71 -39.50 -44.82
N ARG A 513 18.02 -39.34 -44.60
CA ARG A 513 18.89 -40.46 -44.23
C ARG A 513 18.76 -40.75 -42.72
N ILE A 514 17.89 -41.70 -42.40
CA ILE A 514 17.48 -41.94 -41.01
C ILE A 514 18.58 -42.62 -40.17
N SER A 515 19.42 -43.44 -40.79
CA SER A 515 20.53 -44.10 -40.09
C SER A 515 21.60 -43.10 -39.61
N ASN A 516 21.72 -41.98 -40.31
CA ASN A 516 22.57 -40.88 -39.87
C ASN A 516 21.88 -40.07 -38.78
N ARG A 517 22.33 -40.25 -37.54
CA ARG A 517 21.71 -39.64 -36.37
C ARG A 517 22.36 -38.29 -36.00
N PHE A 518 23.45 -37.91 -36.69
CA PHE A 518 24.17 -36.65 -36.45
C PHE A 518 24.29 -35.85 -37.75
N ILE A 519 23.28 -35.03 -38.05
CA ILE A 519 23.17 -34.34 -39.33
C ILE A 519 24.14 -33.15 -39.43
N LEU A 520 25.13 -33.26 -40.33
CA LEU A 520 26.17 -32.24 -40.53
C LEU A 520 25.69 -31.11 -41.43
N LYS A 521 26.18 -29.90 -41.15
CA LYS A 521 25.81 -28.69 -41.88
C LYS A 521 26.58 -28.55 -43.20
N ASN B 22 20.04 -35.23 17.66
CA ASN B 22 20.74 -34.18 16.85
C ASN B 22 21.16 -34.67 15.45
N GLN B 23 20.34 -34.36 14.45
CA GLN B 23 20.67 -34.65 13.04
C GLN B 23 21.83 -33.83 12.43
N TYR B 24 22.26 -32.73 13.08
CA TYR B 24 23.47 -31.99 12.69
C TYR B 24 24.39 -31.72 13.89
N ASP B 25 25.67 -31.50 13.62
CA ASP B 25 26.62 -31.10 14.66
C ASP B 25 26.56 -29.60 14.87
N VAL B 26 26.57 -28.84 13.78
CA VAL B 26 26.59 -27.39 13.82
C VAL B 26 25.60 -26.82 12.80
N ILE B 27 24.78 -25.88 13.27
CA ILE B 27 23.97 -25.04 12.37
C ILE B 27 24.66 -23.68 12.25
N ILE B 28 24.70 -23.15 11.04
CA ILE B 28 25.32 -21.85 10.76
C ILE B 28 24.26 -20.93 10.18
N ILE B 29 24.02 -19.79 10.83
CA ILE B 29 23.12 -18.76 10.29
C ILE B 29 23.96 -17.79 9.48
N GLY B 30 23.63 -17.66 8.20
CA GLY B 30 24.33 -16.76 7.27
C GLY B 30 25.18 -17.58 6.34
N SER B 31 25.04 -17.35 5.03
CA SER B 31 25.81 -18.06 4.00
C SER B 31 26.66 -17.09 3.17
N GLY B 32 27.00 -15.94 3.75
CA GLY B 32 28.04 -15.08 3.22
C GLY B 32 29.40 -15.71 3.43
N ILE B 33 30.45 -14.96 3.11
CA ILE B 33 31.81 -15.47 3.23
C ILE B 33 32.13 -16.04 4.62
N ALA B 34 31.73 -15.33 5.68
CA ALA B 34 31.99 -15.76 7.05
C ALA B 34 31.36 -17.13 7.32
N GLY B 35 30.05 -17.23 7.11
CA GLY B 35 29.32 -18.48 7.30
C GLY B 35 29.74 -19.60 6.36
N ALA B 36 30.02 -19.26 5.10
CA ALA B 36 30.49 -20.23 4.11
C ALA B 36 31.84 -20.84 4.46
N LEU B 37 32.81 -20.02 4.87
CA LEU B 37 34.14 -20.51 5.21
C LEU B 37 34.16 -21.31 6.51
N THR B 38 33.39 -20.87 7.51
CA THR B 38 33.17 -21.65 8.74
C THR B 38 32.59 -23.02 8.43
N GLY B 39 31.62 -23.09 7.53
CA GLY B 39 31.01 -24.36 7.12
C GLY B 39 31.98 -25.27 6.42
N ALA B 40 32.78 -24.70 5.53
CA ALA B 40 33.79 -25.44 4.77
C ALA B 40 34.78 -26.16 5.68
N VAL B 41 35.39 -25.40 6.59
CA VAL B 41 36.42 -25.96 7.48
C VAL B 41 35.88 -26.97 8.47
N LEU B 42 34.63 -26.77 8.91
CA LEU B 42 33.98 -27.74 9.79
C LEU B 42 33.55 -28.98 9.04
N ALA B 43 33.01 -28.83 7.82
CA ALA B 43 32.61 -29.97 7.00
C ALA B 43 33.82 -30.83 6.61
N LYS B 44 34.85 -30.18 6.08
CA LYS B 44 36.15 -30.80 5.80
C LYS B 44 36.72 -31.60 6.98
N SER B 45 36.58 -31.05 8.19
CA SER B 45 37.08 -31.70 9.43
C SER B 45 36.18 -32.79 10.02
N GLY B 46 35.10 -33.17 9.31
CA GLY B 46 34.26 -34.30 9.68
C GLY B 46 32.92 -33.99 10.33
N LEU B 47 32.54 -32.70 10.43
CA LEU B 47 31.26 -32.34 11.05
C LEU B 47 30.12 -32.33 10.03
N ASN B 48 28.91 -32.55 10.52
CA ASN B 48 27.70 -32.49 9.73
C ASN B 48 27.16 -31.07 9.88
N VAL B 49 27.28 -30.27 8.82
CA VAL B 49 26.98 -28.84 8.89
C VAL B 49 25.71 -28.52 8.12
N LEU B 50 24.92 -27.59 8.66
CA LEU B 50 23.77 -27.01 7.98
C LEU B 50 23.89 -25.48 8.01
N ILE B 51 23.98 -24.87 6.82
CA ILE B 51 24.01 -23.42 6.69
C ILE B 51 22.58 -22.98 6.35
N LEU B 52 22.04 -22.05 7.15
CA LEU B 52 20.72 -21.47 6.94
C LEU B 52 20.84 -20.00 6.55
N ASP B 53 19.96 -19.55 5.65
CA ASP B 53 19.97 -18.16 5.19
C ASP B 53 18.58 -17.69 4.73
N SER B 54 18.21 -16.48 5.13
CA SER B 54 17.00 -15.81 4.66
C SER B 54 17.13 -15.27 3.24
N ALA B 55 18.34 -14.88 2.85
CA ALA B 55 18.62 -14.44 1.49
C ALA B 55 18.90 -15.64 0.59
N GLN B 56 19.19 -15.35 -0.68
CA GLN B 56 19.71 -16.35 -1.60
C GLN B 56 20.82 -15.79 -2.49
N HIS B 57 21.71 -16.67 -2.91
CA HIS B 57 22.76 -16.36 -3.87
C HIS B 57 22.19 -16.46 -5.30
N PRO B 58 22.54 -15.54 -6.22
CA PRO B 58 23.49 -14.45 -6.01
C PRO B 58 22.91 -13.24 -5.26
N ARG B 59 23.78 -12.50 -4.58
CA ARG B 59 23.37 -11.41 -3.69
C ARG B 59 24.51 -10.43 -3.43
N PHE B 60 24.17 -9.14 -3.47
CA PHE B 60 25.06 -8.05 -3.12
C PHE B 60 25.43 -8.09 -1.64
N SER B 61 26.65 -7.65 -1.34
CA SER B 61 27.12 -7.47 0.02
C SER B 61 28.24 -6.42 0.04
N VAL B 62 28.29 -5.65 1.12
CA VAL B 62 29.42 -4.73 1.41
C VAL B 62 30.51 -5.46 2.19
N GLY B 63 31.67 -4.80 2.30
CA GLY B 63 32.86 -5.37 2.95
C GLY B 63 33.75 -5.83 1.82
N GLU B 64 34.27 -4.86 1.06
CA GLU B 64 34.90 -5.11 -0.23
C GLU B 64 36.42 -4.93 -0.27
N ALA B 65 36.97 -4.10 0.61
CA ALA B 65 38.41 -3.82 0.58
C ALA B 65 39.15 -4.84 1.43
N ALA B 66 39.91 -5.72 0.77
CA ALA B 66 40.82 -6.62 1.48
C ALA B 66 42.01 -5.83 2.02
N THR B 67 42.72 -6.45 2.95
CA THR B 67 43.89 -5.87 3.59
C THR B 67 45.02 -6.90 3.59
N PRO B 68 46.24 -6.48 3.96
CA PRO B 68 47.31 -7.44 4.20
C PRO B 68 46.91 -8.50 5.25
N GLU B 69 46.22 -8.06 6.30
CA GLU B 69 45.81 -8.96 7.37
C GLU B 69 44.80 -10.00 6.87
N SER B 70 43.74 -9.56 6.21
CA SER B 70 42.69 -10.46 5.72
C SER B 70 43.23 -11.48 4.72
N GLY B 71 44.24 -11.07 3.95
CA GLY B 71 44.95 -11.97 3.05
C GLY B 71 45.72 -13.06 3.77
N PHE B 72 46.46 -12.68 4.82
CA PHE B 72 47.20 -13.66 5.62
C PHE B 72 46.25 -14.58 6.39
N LEU B 73 45.16 -14.01 6.90
CA LEU B 73 44.15 -14.79 7.64
C LEU B 73 43.46 -15.86 6.78
N LEU B 74 43.14 -15.52 5.54
CA LEU B 74 42.56 -16.47 4.60
C LEU B 74 43.58 -17.59 4.27
N ARG B 75 44.83 -17.19 4.02
CA ARG B 75 45.90 -18.16 3.77
C ARG B 75 46.14 -19.05 5.00
N LEU B 76 45.96 -18.52 6.20
CA LEU B 76 46.03 -19.34 7.41
C LEU B 76 44.89 -20.34 7.48
N LEU B 77 43.66 -19.89 7.22
CA LEU B 77 42.49 -20.80 7.15
C LEU B 77 42.72 -21.93 6.19
N SER B 78 43.22 -21.59 4.99
CA SER B 78 43.52 -22.56 3.95
C SER B 78 44.54 -23.62 4.38
N LYS B 79 45.64 -23.18 4.98
CA LYS B 79 46.70 -24.11 5.40
C LYS B 79 46.33 -24.86 6.68
N ARG B 80 45.75 -24.16 7.66
CA ARG B 80 45.29 -24.77 8.92
C ARG B 80 44.33 -25.94 8.72
N PHE B 81 43.43 -25.83 7.74
CA PHE B 81 42.38 -26.84 7.51
C PHE B 81 42.51 -27.62 6.21
N ASP B 82 43.63 -27.44 5.50
CA ASP B 82 43.96 -28.19 4.29
C ASP B 82 42.90 -28.03 3.17
N ILE B 83 42.53 -26.79 2.88
CA ILE B 83 41.58 -26.46 1.82
C ILE B 83 42.26 -25.42 0.94
N PRO B 84 43.03 -25.87 -0.07
CA PRO B 84 43.80 -24.93 -0.88
C PRO B 84 42.99 -23.77 -1.51
N GLU B 85 41.78 -24.04 -1.97
CA GLU B 85 41.04 -23.02 -2.75
C GLU B 85 40.49 -21.84 -1.94
N ILE B 86 40.52 -21.94 -0.61
CA ILE B 86 40.32 -20.77 0.27
C ILE B 86 41.45 -19.74 0.08
N ALA B 87 42.68 -20.21 -0.14
CA ALA B 87 43.82 -19.31 -0.37
C ALA B 87 43.70 -18.53 -1.68
N TYR B 88 42.99 -19.07 -2.68
CA TYR B 88 42.72 -18.34 -3.93
C TYR B 88 42.08 -16.98 -3.64
N LEU B 89 41.20 -16.92 -2.64
CA LEU B 89 40.51 -15.68 -2.26
C LEU B 89 41.38 -14.60 -1.62
N SER B 90 42.66 -14.89 -1.37
CA SER B 90 43.62 -13.88 -0.86
C SER B 90 44.37 -13.15 -1.98
N HIS B 91 44.70 -13.85 -3.07
CA HIS B 91 45.50 -13.27 -4.16
C HIS B 91 44.59 -12.81 -5.31
N PRO B 92 44.69 -11.53 -5.71
CA PRO B 92 43.82 -11.04 -6.81
C PRO B 92 43.99 -11.76 -8.16
N ASP B 93 45.20 -12.21 -8.48
CA ASP B 93 45.42 -13.03 -9.68
C ASP B 93 44.68 -14.37 -9.62
N LYS B 94 44.67 -14.97 -8.44
CA LYS B 94 44.00 -16.27 -8.22
C LYS B 94 42.49 -16.18 -8.27
N ILE B 95 41.94 -15.09 -7.74
CA ILE B 95 40.49 -14.82 -7.81
C ILE B 95 40.06 -14.73 -9.29
N ILE B 96 40.82 -13.97 -10.08
CA ILE B 96 40.55 -13.80 -11.51
C ILE B 96 40.54 -15.17 -12.20
N GLN B 97 41.57 -15.97 -11.95
CA GLN B 97 41.73 -17.29 -12.57
C GLN B 97 40.68 -18.32 -12.14
N HIS B 98 40.30 -18.31 -10.86
CA HIS B 98 39.46 -19.37 -10.27
C HIS B 98 38.01 -18.98 -10.01
N VAL B 99 37.77 -17.79 -9.47
CA VAL B 99 36.41 -17.33 -9.23
C VAL B 99 35.83 -16.76 -10.52
N GLY B 100 36.55 -15.81 -11.12
CA GLY B 100 36.14 -15.21 -12.38
C GLY B 100 36.71 -13.82 -12.60
N SER B 101 36.70 -13.40 -13.86
CA SER B 101 37.29 -12.13 -14.27
C SER B 101 36.52 -10.88 -13.78
N SER B 102 35.26 -11.06 -13.35
CA SER B 102 34.49 -9.97 -12.75
C SER B 102 34.53 -9.94 -11.23
N ALA B 103 35.22 -10.89 -10.59
CA ALA B 103 35.09 -11.11 -9.15
C ALA B 103 35.88 -10.14 -8.27
N CYS B 104 36.81 -9.38 -8.87
CA CYS B 104 37.52 -8.33 -8.13
C CYS B 104 38.21 -7.30 -9.02
N GLY B 105 38.57 -6.18 -8.38
CA GLY B 105 39.54 -5.22 -8.92
C GLY B 105 40.84 -5.37 -8.14
N ILE B 106 41.82 -4.56 -8.47
CA ILE B 106 43.12 -4.58 -7.79
C ILE B 106 43.19 -3.51 -6.69
N LYS B 107 44.03 -3.74 -5.69
CA LYS B 107 44.29 -2.79 -4.62
C LYS B 107 45.78 -2.72 -4.33
N LEU B 108 46.41 -1.59 -4.66
CA LEU B 108 47.85 -1.37 -4.44
C LEU B 108 48.15 -0.55 -3.20
N GLY B 109 47.11 -0.10 -2.50
CA GLY B 109 47.29 0.69 -1.29
C GLY B 109 45.99 1.24 -0.76
N PHE B 110 46.07 1.90 0.40
CA PHE B 110 45.01 2.75 0.92
C PHE B 110 45.37 4.14 0.48
N SER B 111 44.36 4.97 0.22
CA SER B 111 44.58 6.41 0.07
C SER B 111 43.49 7.19 0.81
N PHE B 112 43.86 8.36 1.29
CA PHE B 112 42.93 9.27 1.97
C PHE B 112 43.17 10.64 1.40
N ALA B 113 42.11 11.30 0.95
CA ALA B 113 42.19 12.67 0.45
C ALA B 113 41.22 13.52 1.27
N TRP B 114 41.75 14.59 1.89
CA TRP B 114 41.00 15.41 2.85
C TRP B 114 40.39 16.64 2.20
N HIS B 115 39.19 17.00 2.63
CA HIS B 115 38.46 18.16 2.10
C HIS B 115 37.87 18.96 3.24
N GLN B 116 37.46 20.18 2.89
CA GLN B 116 36.81 21.09 3.82
C GLN B 116 35.66 21.79 3.11
N GLU B 117 34.56 21.97 3.81
CA GLU B 117 33.44 22.76 3.29
C GLU B 117 33.90 24.21 3.08
N ASN B 118 33.51 24.80 1.95
CA ASN B 118 33.80 26.22 1.61
C ASN B 118 35.26 26.54 1.32
N ALA B 119 35.92 25.60 0.65
CA ALA B 119 37.32 25.75 0.29
C ALA B 119 37.66 24.79 -0.85
N PRO B 120 38.46 25.24 -1.84
CA PRO B 120 38.86 24.29 -2.87
C PRO B 120 39.73 23.17 -2.28
N SER B 121 39.61 21.97 -2.86
CA SER B 121 40.38 20.82 -2.39
C SER B 121 41.80 20.89 -2.90
N SER B 122 42.75 20.58 -2.04
CA SER B 122 44.16 20.55 -2.40
C SER B 122 44.59 19.11 -2.67
N PRO B 123 45.17 18.85 -3.86
CA PRO B 123 45.83 17.55 -4.08
C PRO B 123 47.04 17.27 -3.17
N ASP B 124 47.55 18.27 -2.45
CA ASP B 124 48.57 18.09 -1.41
C ASP B 124 48.03 17.55 -0.08
N HIS B 125 46.71 17.65 0.13
CA HIS B 125 46.08 17.07 1.33
C HIS B 125 45.72 15.61 1.12
N LEU B 126 46.76 14.80 0.98
CA LEU B 126 46.66 13.44 0.49
C LEU B 126 47.71 12.57 1.18
N VAL B 127 47.29 11.42 1.69
CA VAL B 127 48.22 10.37 2.15
C VAL B 127 47.85 9.04 1.48
N ALA B 128 48.85 8.31 1.00
CA ALA B 128 48.64 7.03 0.32
C ALA B 128 49.80 6.07 0.54
N PRO B 129 49.78 5.30 1.65
CA PRO B 129 50.83 4.31 1.90
C PRO B 129 50.65 3.05 1.04
N PRO B 130 51.53 2.83 0.03
CA PRO B 130 51.33 1.68 -0.86
C PRO B 130 51.68 0.34 -0.19
N LEU B 131 51.07 -0.74 -0.68
CA LEU B 131 51.38 -2.09 -0.22
C LEU B 131 52.63 -2.59 -0.94
N LYS B 132 53.21 -3.67 -0.44
CA LYS B 132 54.30 -4.34 -1.16
C LYS B 132 53.71 -5.25 -2.23
N VAL B 133 52.70 -6.04 -1.83
CA VAL B 133 52.05 -7.03 -2.69
C VAL B 133 50.59 -6.60 -2.89
N PRO B 134 50.04 -6.77 -4.13
CA PRO B 134 48.63 -6.41 -4.36
C PRO B 134 47.61 -7.27 -3.60
N GLU B 135 46.56 -6.61 -3.10
CA GLU B 135 45.37 -7.26 -2.53
C GLU B 135 44.18 -6.98 -3.46
N ALA B 136 43.01 -7.49 -3.11
CA ALA B 136 41.81 -7.40 -3.95
C ALA B 136 40.75 -6.44 -3.43
N HIS B 137 40.03 -5.80 -4.37
CA HIS B 137 38.73 -5.18 -4.11
C HIS B 137 37.67 -6.24 -4.46
N LEU B 138 37.01 -6.78 -3.45
CA LEU B 138 36.20 -7.99 -3.60
C LEU B 138 34.79 -7.67 -4.06
N PHE B 139 34.42 -8.17 -5.25
CA PHE B 139 33.05 -8.09 -5.74
C PHE B 139 32.29 -9.22 -5.08
N ARG B 140 31.58 -8.88 -4.00
CA ARG B 140 31.15 -9.88 -3.04
C ARG B 140 30.11 -10.89 -3.54
N GLN B 141 29.24 -10.49 -4.48
CA GLN B 141 28.29 -11.44 -5.08
C GLN B 141 28.99 -12.69 -5.65
N ASP B 142 30.10 -12.50 -6.38
CA ASP B 142 30.89 -13.61 -6.94
C ASP B 142 31.78 -14.28 -5.90
N ILE B 143 32.37 -13.48 -5.02
CA ILE B 143 33.28 -13.99 -4.00
C ILE B 143 32.52 -14.91 -3.03
N ASP B 144 31.40 -14.43 -2.51
CA ASP B 144 30.64 -15.19 -1.49
C ASP B 144 30.02 -16.46 -2.04
N TYR B 145 29.56 -16.43 -3.29
CA TYR B 145 28.94 -17.59 -3.91
C TYR B 145 29.97 -18.70 -4.16
N PHE B 146 31.17 -18.30 -4.56
CA PHE B 146 32.33 -19.20 -4.66
C PHE B 146 32.67 -19.83 -3.31
N ALA B 147 32.69 -19.01 -2.26
CA ALA B 147 32.95 -19.50 -0.91
C ALA B 147 31.91 -20.52 -0.46
N LEU B 148 30.63 -20.26 -0.77
CA LEU B 148 29.58 -21.23 -0.48
C LEU B 148 29.78 -22.54 -1.24
N MET B 149 30.24 -22.49 -2.48
CA MET B 149 30.51 -23.70 -3.27
C MET B 149 31.60 -24.59 -2.65
N ILE B 150 32.61 -23.96 -2.03
CA ILE B 150 33.64 -24.68 -1.29
C ILE B 150 32.99 -25.50 -0.17
N ALA B 151 32.09 -24.86 0.58
CA ALA B 151 31.41 -25.53 1.69
C ALA B 151 30.52 -26.68 1.21
N LEU B 152 29.78 -26.44 0.14
CA LEU B 152 28.94 -27.47 -0.48
C LEU B 152 29.76 -28.65 -1.01
N LYS B 153 30.89 -28.36 -1.66
CA LYS B 153 31.79 -29.42 -2.15
C LYS B 153 32.41 -30.28 -1.04
N HIS B 154 32.52 -29.74 0.18
CA HIS B 154 33.08 -30.46 1.33
C HIS B 154 32.02 -31.13 2.23
N GLY B 155 30.77 -31.15 1.78
CA GLY B 155 29.70 -31.90 2.42
C GLY B 155 28.69 -31.07 3.21
N ALA B 156 28.89 -29.76 3.29
CA ALA B 156 27.96 -28.89 4.04
C ALA B 156 26.63 -28.76 3.32
N GLU B 157 25.53 -28.84 4.08
CA GLU B 157 24.20 -28.61 3.55
C GLU B 157 23.86 -27.13 3.68
N SER B 158 23.13 -26.61 2.69
CA SER B 158 22.76 -25.21 2.62
C SER B 158 21.28 -25.10 2.35
N ARG B 159 20.61 -24.20 3.06
CA ARG B 159 19.20 -23.92 2.83
C ARG B 159 18.97 -22.41 2.79
N GLN B 160 18.42 -21.95 1.67
CA GLN B 160 18.23 -20.54 1.36
C GLN B 160 16.72 -20.24 1.45
N ASN B 161 16.35 -18.97 1.39
CA ASN B 161 14.94 -18.52 1.53
C ASN B 161 14.27 -19.04 2.79
N ILE B 162 15.05 -19.17 3.85
CA ILE B 162 14.59 -19.74 5.12
C ILE B 162 14.12 -18.58 5.99
N LYS B 163 13.05 -18.82 6.74
CA LYS B 163 12.64 -17.94 7.81
C LYS B 163 12.66 -18.76 9.10
N ILE B 164 13.35 -18.26 10.12
CA ILE B 164 13.43 -18.91 11.42
C ILE B 164 12.37 -18.32 12.35
N GLU B 165 11.46 -19.18 12.82
CA GLU B 165 10.40 -18.77 13.76
C GLU B 165 10.88 -18.75 15.22
N SER B 166 11.71 -19.72 15.61
CA SER B 166 12.32 -19.71 16.95
C SER B 166 13.62 -20.52 17.04
N ILE B 167 14.44 -20.20 18.04
CA ILE B 167 15.63 -20.98 18.38
C ILE B 167 15.59 -21.31 19.87
N SER B 168 15.68 -22.60 20.21
CA SER B 168 15.72 -23.07 21.60
C SER B 168 17.11 -23.62 21.93
N LEU B 169 17.60 -23.29 23.12
CA LEU B 169 18.90 -23.75 23.58
C LEU B 169 18.71 -24.49 24.90
N ASN B 170 19.20 -25.72 24.97
CA ASN B 170 19.16 -26.51 26.20
C ASN B 170 20.44 -27.33 26.36
N ASP B 171 20.54 -28.09 27.46
CA ASP B 171 21.75 -28.87 27.74
C ASP B 171 22.04 -30.01 26.75
N ASP B 172 21.01 -30.49 26.04
CA ASP B 172 21.18 -31.57 25.04
C ASP B 172 21.34 -31.08 23.58
N GLY B 173 21.25 -29.77 23.34
CA GLY B 173 21.38 -29.23 21.98
C GLY B 173 20.58 -27.97 21.68
N VAL B 174 20.66 -27.58 20.41
CA VAL B 174 19.94 -26.46 19.84
C VAL B 174 18.80 -26.99 18.97
N GLU B 175 17.70 -26.25 18.91
CA GLU B 175 16.55 -26.62 18.08
C GLU B 175 16.00 -25.37 17.40
N VAL B 176 16.00 -25.39 16.06
CA VAL B 176 15.58 -24.26 15.23
C VAL B 176 14.27 -24.61 14.55
N ALA B 177 13.24 -23.80 14.77
CA ALA B 177 11.95 -23.95 14.08
C ALA B 177 11.96 -23.08 12.83
N LEU B 178 11.53 -23.67 11.70
CA LEU B 178 11.51 -23.03 10.39
C LEU B 178 10.08 -22.85 9.90
N SER B 179 9.80 -21.70 9.29
CA SER B 179 8.49 -21.45 8.67
C SER B 179 8.24 -22.41 7.51
N ASN B 180 7.09 -23.08 7.53
CA ASN B 180 6.67 -23.99 6.47
C ASN B 180 7.58 -25.23 6.29
N ALA B 181 8.19 -25.68 7.40
CA ALA B 181 9.07 -26.86 7.39
C ALA B 181 9.29 -27.42 8.79
N ALA B 182 9.79 -28.65 8.86
CA ALA B 182 10.06 -29.33 10.13
C ALA B 182 11.27 -28.72 10.84
N PRO B 183 11.32 -28.79 12.19
CA PRO B 183 12.45 -28.15 12.89
C PRO B 183 13.75 -28.95 12.78
N VAL B 184 14.88 -28.25 12.85
CA VAL B 184 16.21 -28.89 12.73
C VAL B 184 16.94 -28.80 14.07
N LYS B 185 17.64 -29.88 14.42
CA LYS B 185 18.36 -29.98 15.68
C LYS B 185 19.86 -30.04 15.46
N ALA B 186 20.61 -29.50 16.42
CA ALA B 186 22.06 -29.55 16.36
C ALA B 186 22.73 -29.44 17.73
N ALA B 187 24.00 -29.81 17.79
CA ALA B 187 24.80 -29.72 19.02
C ALA B 187 25.29 -28.30 19.32
N PHE B 188 25.30 -27.43 18.29
CA PHE B 188 25.91 -26.10 18.40
C PHE B 188 25.35 -25.22 17.29
N ILE B 189 25.25 -23.91 17.55
CA ILE B 189 24.80 -22.95 16.54
C ILE B 189 25.75 -21.74 16.48
N ILE B 190 26.07 -21.30 15.26
CA ILE B 190 26.97 -20.18 15.03
C ILE B 190 26.23 -19.12 14.23
N ASP B 191 26.24 -17.88 14.72
CA ASP B 191 25.66 -16.76 14.00
C ASP B 191 26.76 -16.07 13.20
N ALA B 192 26.73 -16.26 11.89
CA ALA B 192 27.71 -15.66 10.99
C ALA B 192 27.11 -14.55 10.13
N ALA B 193 25.90 -14.10 10.46
CA ALA B 193 25.19 -13.11 9.67
C ALA B 193 25.44 -11.70 10.21
N ALA B 194 24.95 -10.71 9.47
CA ALA B 194 24.89 -9.33 9.97
C ALA B 194 23.92 -9.27 11.16
N GLN B 195 24.16 -8.30 12.04
CA GLN B 195 23.40 -8.13 13.29
C GLN B 195 21.89 -8.04 13.03
N GLY B 196 21.12 -8.84 13.77
CA GLY B 196 19.67 -8.88 13.66
C GLY B 196 19.09 -10.19 13.12
N SER B 197 19.56 -11.31 13.67
CA SER B 197 18.93 -12.62 13.49
C SER B 197 18.32 -13.05 14.84
N PRO B 198 17.33 -13.99 14.83
CA PRO B 198 16.65 -14.42 16.07
C PRO B 198 17.52 -14.90 17.25
N LEU B 199 18.76 -15.32 17.00
CA LEU B 199 19.71 -15.68 18.07
C LEU B 199 20.30 -14.42 18.72
N SER B 200 20.80 -13.52 17.89
CA SER B 200 21.23 -12.18 18.32
C SER B 200 20.08 -11.38 18.96
N ARG B 201 18.85 -11.62 18.51
CA ARG B 201 17.64 -10.97 19.00
C ARG B 201 17.32 -11.32 20.46
N GLN B 202 17.33 -12.61 20.78
CA GLN B 202 16.83 -13.14 22.07
C GLN B 202 17.79 -13.04 23.28
N LEU B 203 18.91 -12.31 23.12
CA LEU B 203 20.01 -12.36 24.09
C LEU B 203 20.16 -11.03 24.84
N GLY B 204 21.14 -10.97 25.76
CA GLY B 204 21.41 -9.78 26.56
C GLY B 204 22.08 -8.68 25.75
N LEU B 205 21.60 -7.44 25.92
CA LEU B 205 21.99 -6.30 25.07
C LEU B 205 22.01 -4.94 25.78
N ARG B 206 22.75 -3.99 25.19
CA ARG B 206 22.89 -2.62 25.72
C ARG B 206 23.55 -1.66 24.71
N THR B 207 23.58 -0.37 25.05
CA THR B 207 24.32 0.65 24.31
C THR B 207 25.57 1.05 25.11
N THR B 213 30.58 5.61 19.13
CA THR B 213 30.58 6.59 18.05
C THR B 213 29.37 6.40 17.08
N ASP B 214 28.43 7.33 17.14
CA ASP B 214 27.15 7.28 16.41
C ASP B 214 27.36 7.54 14.90
N THR B 215 27.21 6.51 14.07
CA THR B 215 27.30 6.64 12.60
C THR B 215 26.20 5.92 11.81
N CYS B 216 25.92 6.43 10.61
CA CYS B 216 25.05 5.77 9.64
C CYS B 216 25.68 5.88 8.25
N SER B 217 25.21 5.03 7.34
CA SER B 217 25.93 4.74 6.10
C SER B 217 25.01 4.59 4.88
N PHE B 218 25.45 5.10 3.73
CA PHE B 218 24.75 4.93 2.47
C PHE B 218 25.72 4.32 1.46
N PHE B 219 25.27 3.34 0.68
CA PHE B 219 26.12 2.72 -0.34
C PHE B 219 25.38 2.10 -1.51
N THR B 220 26.12 1.98 -2.62
CA THR B 220 25.64 1.42 -3.88
C THR B 220 26.82 1.06 -4.79
N HIS B 221 26.53 0.52 -5.98
CA HIS B 221 27.52 0.35 -7.05
C HIS B 221 27.14 1.24 -8.24
N MET B 222 28.12 1.80 -8.95
CA MET B 222 27.89 2.75 -10.07
C MET B 222 28.73 2.42 -11.31
N LEU B 223 28.17 2.72 -12.49
CA LEU B 223 28.92 2.72 -13.77
C LEU B 223 29.50 4.09 -14.00
N ASN B 224 30.50 4.17 -14.88
CA ASN B 224 31.06 5.44 -15.41
C ASN B 224 31.55 6.44 -14.35
N VAL B 225 32.11 5.93 -13.26
CA VAL B 225 32.76 6.76 -12.25
C VAL B 225 34.16 7.11 -12.77
N LYS B 226 34.47 8.41 -12.85
CA LYS B 226 35.82 8.85 -13.24
C LYS B 226 36.85 8.53 -12.15
N SER B 227 38.05 8.18 -12.58
CA SER B 227 39.16 7.93 -11.66
C SER B 227 39.61 9.24 -11.01
N TYR B 228 40.21 9.13 -9.83
CA TYR B 228 40.80 10.28 -9.15
C TYR B 228 41.75 11.04 -10.08
N GLU B 229 42.58 10.30 -10.81
CA GLU B 229 43.59 10.89 -11.71
C GLU B 229 42.96 11.72 -12.84
N ASP B 230 41.91 11.19 -13.47
CA ASP B 230 41.20 11.89 -14.55
C ASP B 230 40.29 13.03 -14.06
N ALA B 231 39.76 12.93 -12.83
CA ALA B 231 38.75 13.87 -12.34
C ALA B 231 39.30 14.96 -11.43
N LEU B 232 40.12 14.59 -10.44
CA LEU B 232 40.65 15.53 -9.46
C LEU B 232 42.07 16.02 -9.79
N ALA B 233 43.03 15.10 -9.86
CA ALA B 233 44.44 15.49 -10.08
C ALA B 233 45.30 14.32 -10.53
N PRO B 234 46.05 14.49 -11.65
CA PRO B 234 46.87 13.40 -12.19
C PRO B 234 48.12 13.14 -11.35
N LEU B 235 48.86 12.08 -11.72
CA LEU B 235 50.07 11.68 -11.01
C LEU B 235 51.11 12.79 -10.85
N SER B 236 51.30 13.57 -11.91
CA SER B 236 52.27 14.69 -11.88
C SER B 236 51.95 15.74 -10.81
N ARG B 237 50.65 15.94 -10.54
CA ARG B 237 50.20 16.87 -9.51
C ARG B 237 50.32 16.27 -8.09
N THR B 238 49.89 15.03 -7.89
CA THR B 238 49.89 14.43 -6.55
C THR B 238 51.26 13.99 -6.03
N ARG B 239 52.23 13.78 -6.92
CA ARG B 239 53.54 13.19 -6.58
C ARG B 239 53.40 11.72 -6.14
N SER B 240 52.22 11.12 -6.33
CA SER B 240 51.91 9.82 -5.71
C SER B 240 52.69 8.71 -6.40
N PRO B 241 53.22 7.75 -5.61
CA PRO B 241 53.89 6.59 -6.23
C PRO B 241 52.90 5.65 -6.91
N ILE B 242 51.64 5.70 -6.51
CA ILE B 242 50.60 4.80 -6.99
C ILE B 242 49.39 5.61 -7.52
N GLU B 243 48.71 5.09 -8.54
CA GLU B 243 47.43 5.65 -8.98
C GLU B 243 46.39 5.44 -7.88
N LEU B 244 45.66 6.48 -7.49
CA LEU B 244 44.59 6.34 -6.51
C LEU B 244 43.43 5.51 -7.06
N PHE B 245 43.30 5.49 -8.39
CA PHE B 245 42.44 4.55 -9.12
C PHE B 245 42.71 3.09 -8.75
N LYS B 246 43.97 2.76 -8.46
CA LYS B 246 44.36 1.42 -8.03
C LYS B 246 44.50 1.32 -6.50
N SER B 247 43.56 1.92 -5.78
CA SER B 247 43.61 1.97 -4.33
C SER B 247 42.20 2.02 -3.74
N THR B 248 42.09 1.66 -2.47
CA THR B 248 40.90 1.92 -1.70
C THR B 248 40.94 3.41 -1.38
N LEU B 249 40.17 4.19 -2.13
CA LEU B 249 40.19 5.66 -2.00
C LEU B 249 39.14 6.08 -0.97
N HIS B 250 39.60 6.76 0.08
CA HIS B 250 38.75 7.29 1.13
C HIS B 250 38.82 8.82 1.10
N HIS B 251 37.74 9.49 0.69
CA HIS B 251 37.67 10.93 0.83
C HIS B 251 37.18 11.24 2.23
N ILE B 252 37.91 12.10 2.94
CA ILE B 252 37.61 12.40 4.34
C ILE B 252 37.38 13.90 4.56
N PHE B 253 36.54 14.19 5.55
CA PHE B 253 36.12 15.54 5.88
C PHE B 253 35.54 15.49 7.29
N GLU B 254 35.32 16.64 7.92
CA GLU B 254 35.06 16.68 9.38
C GLU B 254 33.86 15.82 9.82
N GLU B 255 32.76 15.87 9.06
CA GLU B 255 31.55 15.15 9.43
C GLU B 255 31.53 13.67 9.01
N GLY B 256 32.50 13.22 8.21
CA GLY B 256 32.54 11.81 7.80
C GLY B 256 33.46 11.46 6.64
N TRP B 257 33.04 10.51 5.82
CA TRP B 257 33.86 10.06 4.68
C TRP B 257 33.05 9.36 3.58
N LEU B 258 33.65 9.30 2.40
CA LEU B 258 33.08 8.65 1.23
C LEU B 258 34.16 7.77 0.58
N TRP B 259 33.79 6.55 0.19
CA TRP B 259 34.74 5.60 -0.40
C TRP B 259 34.55 5.45 -1.91
N VAL B 260 35.65 5.33 -2.64
CA VAL B 260 35.65 5.00 -4.06
C VAL B 260 36.49 3.72 -4.23
N ILE B 261 35.81 2.59 -4.41
CA ILE B 261 36.42 1.26 -4.51
C ILE B 261 36.12 0.66 -5.90
N PRO B 262 37.03 0.84 -6.87
CA PRO B 262 36.77 0.33 -8.21
C PRO B 262 36.99 -1.17 -8.38
N PHE B 263 36.13 -1.82 -9.17
CA PHE B 263 36.36 -3.20 -9.62
C PHE B 263 36.92 -3.24 -11.05
N ASN B 264 37.09 -2.07 -11.67
CA ASN B 264 37.36 -1.96 -13.11
C ASN B 264 38.75 -1.40 -13.41
N ASN B 265 39.69 -1.55 -12.48
CA ASN B 265 40.98 -0.86 -12.53
C ASN B 265 42.17 -1.77 -12.88
N HIS B 266 41.91 -2.84 -13.63
CA HIS B 266 42.94 -3.80 -14.00
C HIS B 266 42.65 -4.36 -15.39
N PRO B 267 43.68 -4.62 -16.22
CA PRO B 267 43.40 -5.06 -17.60
C PRO B 267 42.70 -6.43 -17.71
N GLN B 268 43.01 -7.33 -16.78
CA GLN B 268 42.35 -8.66 -16.71
C GLN B 268 40.92 -8.65 -16.14
N GLY B 269 40.56 -7.63 -15.38
CA GLY B 269 39.20 -7.49 -14.86
C GLY B 269 38.17 -7.12 -15.92
N THR B 270 36.98 -7.73 -15.83
CA THR B 270 35.83 -7.38 -16.70
C THR B 270 34.69 -6.66 -15.98
N ASN B 271 34.77 -6.53 -14.65
CA ASN B 271 33.73 -5.82 -13.89
C ASN B 271 33.74 -4.33 -14.22
N GLN B 272 32.57 -3.79 -14.53
CA GLN B 272 32.43 -2.38 -14.95
C GLN B 272 32.10 -1.41 -13.81
N LEU B 273 31.98 -1.92 -12.58
CA LEU B 273 31.40 -1.15 -11.48
C LEU B 273 32.42 -0.56 -10.53
N CYS B 274 31.98 0.43 -9.77
N CYS B 274 32.01 0.49 -9.83
CA CYS B 274 32.76 1.09 -8.73
CA CYS B 274 32.76 1.10 -8.73
C CYS B 274 31.88 1.08 -7.49
C CYS B 274 31.86 1.02 -7.50
N SER B 275 32.39 0.56 -6.37
CA SER B 275 31.66 0.59 -5.11
C SER B 275 31.79 2.00 -4.53
N ILE B 276 30.64 2.61 -4.24
CA ILE B 276 30.57 3.97 -3.73
C ILE B 276 29.71 3.92 -2.48
N GLY B 277 30.23 4.49 -1.40
CA GLY B 277 29.47 4.66 -0.18
C GLY B 277 29.97 5.83 0.62
N PHE B 278 29.08 6.39 1.43
CA PHE B 278 29.45 7.47 2.34
C PHE B 278 28.85 7.26 3.73
N GLN B 279 29.52 7.82 4.73
CA GLN B 279 29.20 7.57 6.12
C GLN B 279 29.34 8.87 6.91
N PHE B 280 28.38 9.15 7.79
CA PHE B 280 28.37 10.37 8.59
C PHE B 280 28.53 10.08 10.07
N ASN B 281 29.27 10.96 10.74
CA ASN B 281 29.27 11.06 12.19
C ASN B 281 28.07 11.92 12.56
N ASN B 282 27.04 11.31 13.15
CA ASN B 282 25.77 11.99 13.46
C ASN B 282 25.85 13.07 14.55
N ALA B 283 26.92 13.04 15.36
CA ALA B 283 27.25 14.15 16.26
C ALA B 283 27.56 15.45 15.50
N LYS B 284 28.01 15.33 14.24
CA LYS B 284 28.34 16.49 13.38
C LYS B 284 27.42 16.72 12.17
N TYR B 285 26.68 15.71 11.73
CA TYR B 285 25.68 15.87 10.67
C TYR B 285 24.66 14.73 10.66
N ARG B 286 23.40 15.08 10.93
CA ARG B 286 22.27 14.14 10.86
C ARG B 286 21.63 14.20 9.47
N PRO B 287 21.73 13.11 8.67
CA PRO B 287 21.09 13.12 7.36
C PRO B 287 19.59 12.94 7.47
N THR B 288 18.86 13.64 6.61
CA THR B 288 17.42 13.86 6.78
C THR B 288 16.53 13.41 5.61
N GLU B 289 17.09 13.28 4.41
CA GLU B 289 16.33 12.97 3.19
C GLU B 289 16.74 11.59 2.60
N ALA B 290 16.23 11.26 1.42
CA ALA B 290 16.54 9.98 0.76
C ALA B 290 18.03 9.89 0.33
N PRO B 291 18.58 8.66 0.22
CA PRO B 291 20.00 8.47 -0.12
C PRO B 291 20.52 9.32 -1.27
N GLU B 292 19.82 9.29 -2.41
CA GLU B 292 20.22 10.04 -3.60
C GLU B 292 20.23 11.55 -3.37
N ILE B 293 19.31 12.06 -2.54
CA ILE B 293 19.28 13.48 -2.20
C ILE B 293 20.45 13.84 -1.29
N GLU B 294 20.72 12.99 -0.30
CA GLU B 294 21.87 13.15 0.59
C GLU B 294 23.19 13.07 -0.18
N PHE B 295 23.27 12.18 -1.17
CA PHE B 295 24.43 12.10 -2.05
C PHE B 295 24.68 13.43 -2.80
N ARG B 296 23.64 14.02 -3.40
CA ARG B 296 23.80 15.29 -4.13
C ARG B 296 24.13 16.48 -3.24
N LYS B 297 23.56 16.52 -2.03
CA LYS B 297 23.93 17.52 -1.03
C LYS B 297 25.41 17.39 -0.64
N LEU B 298 25.92 16.16 -0.57
CA LEU B 298 27.33 15.93 -0.26
C LEU B 298 28.26 16.41 -1.37
N LEU B 299 27.91 16.14 -2.63
CA LEU B 299 28.66 16.64 -3.79
C LEU B 299 28.58 18.16 -3.96
N LYS B 300 27.48 18.77 -3.52
CA LYS B 300 27.36 20.23 -3.47
C LYS B 300 28.37 20.80 -2.47
N LYS B 301 28.45 20.17 -1.31
CA LYS B 301 29.37 20.55 -0.22
C LYS B 301 30.86 20.39 -0.59
N TYR B 302 31.19 19.31 -1.29
CA TYR B 302 32.58 18.95 -1.63
C TYR B 302 32.75 18.73 -3.13
N PRO B 303 32.66 19.82 -3.94
CA PRO B 303 32.65 19.70 -5.42
C PRO B 303 33.78 18.89 -6.04
N ALA B 304 34.97 18.89 -5.43
CA ALA B 304 36.08 18.03 -5.88
C ALA B 304 35.67 16.53 -5.88
N ILE B 305 34.96 16.10 -4.82
CA ILE B 305 34.40 14.74 -4.76
C ILE B 305 33.46 14.53 -5.97
N GLY B 306 32.59 15.50 -6.21
CA GLY B 306 31.59 15.45 -7.31
C GLY B 306 32.13 15.34 -8.71
N GLU B 307 33.40 15.70 -8.88
CA GLU B 307 34.12 15.51 -10.14
C GLU B 307 34.24 14.03 -10.53
N HIS B 308 34.17 13.13 -9.55
CA HIS B 308 34.05 11.69 -9.82
C HIS B 308 32.79 11.27 -10.59
N PHE B 309 31.70 12.02 -10.45
CA PHE B 309 30.35 11.52 -10.78
C PHE B 309 29.59 12.26 -11.88
N LYS B 310 30.27 13.05 -12.73
CA LYS B 310 29.59 13.83 -13.79
C LYS B 310 28.77 12.95 -14.74
N ASP B 311 29.35 11.84 -15.18
CA ASP B 311 28.72 10.90 -16.11
C ASP B 311 28.27 9.60 -15.45
N ALA B 312 28.41 9.50 -14.12
CA ALA B 312 28.09 8.27 -13.39
C ALA B 312 26.59 8.02 -13.29
N VAL B 313 26.21 6.74 -13.30
CA VAL B 313 24.84 6.31 -13.04
C VAL B 313 24.84 5.12 -12.08
N ASN B 314 23.82 5.04 -11.23
CA ASN B 314 23.64 3.89 -10.36
C ASN B 314 23.37 2.60 -11.13
N ALA B 315 24.02 1.53 -10.70
CA ALA B 315 23.82 0.18 -11.24
C ALA B 315 22.86 -0.63 -10.39
N ARG B 316 22.24 0.02 -9.40
CA ARG B 316 21.65 -0.65 -8.24
C ARG B 316 21.04 0.43 -7.32
N GLU B 317 20.07 0.04 -6.51
CA GLU B 317 19.44 0.97 -5.55
C GLU B 317 20.38 1.29 -4.39
N TRP B 318 20.37 2.54 -3.95
CA TRP B 318 21.04 2.94 -2.70
C TRP B 318 20.51 2.14 -1.54
N ILE B 319 21.42 1.64 -0.70
CA ILE B 319 21.06 1.00 0.56
C ILE B 319 21.45 1.98 1.67
N TYR B 320 20.46 2.37 2.47
CA TYR B 320 20.68 3.10 3.71
C TYR B 320 20.85 2.06 4.82
N ALA B 321 21.96 2.14 5.54
CA ALA B 321 22.21 1.31 6.73
C ALA B 321 22.22 2.23 7.95
N PRO B 322 21.10 2.29 8.71
CA PRO B 322 21.08 3.15 9.88
C PRO B 322 21.89 2.59 11.05
N ARG B 323 22.09 3.42 12.07
CA ARG B 323 22.78 3.01 13.28
C ARG B 323 21.87 2.03 14.05
N ILE B 324 22.42 0.90 14.46
CA ILE B 324 21.70 -0.06 15.29
C ILE B 324 22.19 0.16 16.72
N ASN B 325 21.28 0.52 17.62
CA ASN B 325 21.65 1.06 18.94
C ASN B 325 22.05 0.02 19.99
N TYR B 326 21.82 -1.27 19.71
CA TYR B 326 22.20 -2.34 20.66
C TYR B 326 23.42 -3.13 20.18
N ARG B 327 24.16 -3.64 21.17
CA ARG B 327 25.24 -4.62 20.96
C ARG B 327 24.96 -5.83 21.84
N SER B 328 25.59 -6.96 21.51
CA SER B 328 25.58 -8.13 22.36
C SER B 328 26.54 -7.94 23.51
N VAL B 329 26.16 -8.45 24.68
CA VAL B 329 27.02 -8.47 25.85
C VAL B 329 27.93 -9.69 25.81
N GLN B 330 27.48 -10.76 25.15
CA GLN B 330 28.18 -12.05 25.13
C GLN B 330 28.32 -12.62 23.71
N ASN B 331 29.52 -13.08 23.39
CA ASN B 331 29.78 -13.83 22.16
C ASN B 331 29.34 -15.28 22.29
N VAL B 332 29.79 -15.96 23.35
CA VAL B 332 29.72 -17.43 23.44
C VAL B 332 28.80 -17.92 24.56
N GLY B 333 28.31 -19.14 24.38
CA GLY B 333 27.56 -19.88 25.40
C GLY B 333 27.93 -21.35 25.38
N ASP B 334 27.16 -22.16 26.09
CA ASP B 334 27.38 -23.61 26.09
C ASP B 334 27.25 -24.17 24.67
N ARG B 335 26.19 -23.75 23.98
CA ARG B 335 25.81 -24.30 22.68
C ARG B 335 25.67 -23.24 21.58
N PHE B 336 26.29 -22.07 21.75
CA PHE B 336 26.24 -21.02 20.71
C PHE B 336 27.46 -20.12 20.66
N CYS B 337 27.61 -19.45 19.53
CA CYS B 337 28.70 -18.51 19.32
C CYS B 337 28.28 -17.47 18.27
N LEU B 338 28.39 -16.20 18.64
CA LEU B 338 28.13 -15.08 17.72
C LEU B 338 29.45 -14.64 17.15
N LEU B 339 29.58 -14.63 15.82
CA LEU B 339 30.77 -14.06 15.18
C LEU B 339 30.74 -12.53 15.34
N PRO B 340 31.91 -11.86 15.24
CA PRO B 340 32.01 -10.42 15.48
C PRO B 340 30.95 -9.55 14.79
N GLN B 341 30.65 -9.84 13.53
CA GLN B 341 29.67 -9.07 12.76
C GLN B 341 28.24 -9.17 13.35
N ALA B 342 27.92 -10.29 13.99
CA ALA B 342 26.63 -10.51 14.64
C ALA B 342 26.50 -9.90 16.05
N THR B 343 27.62 -9.50 16.65
CA THR B 343 27.62 -8.88 17.97
C THR B 343 27.38 -7.37 17.93
N GLY B 344 27.62 -6.78 16.76
CA GLY B 344 27.61 -5.32 16.64
C GLY B 344 28.15 -4.91 15.29
N PHE B 345 27.62 -3.81 14.77
CA PHE B 345 28.12 -3.19 13.55
C PHE B 345 29.59 -2.77 13.76
N ILE B 346 30.48 -3.29 12.91
CA ILE B 346 31.90 -2.91 12.91
C ILE B 346 32.09 -1.89 11.80
N ASP B 347 32.59 -0.72 12.17
CA ASP B 347 32.76 0.40 11.26
C ASP B 347 33.84 0.05 10.23
N PRO B 348 33.52 0.17 8.93
CA PRO B 348 34.42 -0.28 7.87
C PRO B 348 35.51 0.74 7.41
N LEU B 349 35.84 1.73 8.23
CA LEU B 349 36.80 2.75 7.83
C LEU B 349 38.17 2.19 7.46
N PHE B 350 38.67 1.24 8.24
CA PHE B 350 39.95 0.58 7.91
C PHE B 350 39.76 -0.91 7.55
N SER B 351 38.63 -1.25 6.92
CA SER B 351 38.32 -2.63 6.48
C SER B 351 38.53 -3.68 7.59
N ARG B 352 38.16 -3.29 8.80
CA ARG B 352 38.53 -4.04 9.99
C ARG B 352 37.58 -5.22 10.23
N GLY B 353 36.37 -5.16 9.66
CA GLY B 353 35.37 -6.23 9.82
C GLY B 353 35.78 -7.59 9.28
N LEU B 354 36.37 -7.61 8.07
CA LEU B 354 36.91 -8.84 7.48
C LEU B 354 38.03 -9.44 8.32
N ILE B 355 38.87 -8.58 8.90
CA ILE B 355 40.02 -9.00 9.70
C ILE B 355 39.57 -9.73 10.96
N THR B 356 38.69 -9.12 11.75
CA THR B 356 38.31 -9.72 13.03
C THR B 356 37.39 -10.94 12.82
N THR B 357 36.66 -10.97 11.72
CA THR B 357 35.82 -12.12 11.35
C THR B 357 36.67 -13.37 11.07
N PHE B 358 37.62 -13.26 10.14
CA PHE B 358 38.47 -14.41 9.78
C PHE B 358 39.29 -14.88 10.97
N GLU B 359 39.83 -13.95 11.75
CA GLU B 359 40.56 -14.30 12.96
C GLU B 359 39.68 -15.02 13.97
N SER B 360 38.44 -14.56 14.13
CA SER B 360 37.49 -15.21 15.03
C SER B 360 37.22 -16.67 14.64
N ILE B 361 37.07 -16.91 13.34
CA ILE B 361 36.84 -18.26 12.80
C ILE B 361 38.04 -19.17 13.09
N LEU B 362 39.26 -18.67 12.84
CA LEU B 362 40.52 -19.38 13.19
C LEU B 362 40.53 -19.85 14.63
N ARG B 363 40.19 -18.94 15.54
CA ARG B 363 40.16 -19.25 16.98
C ARG B 363 39.03 -20.20 17.38
N LEU B 364 37.86 -20.02 16.77
CA LEU B 364 36.66 -20.79 17.10
C LEU B 364 36.69 -22.22 16.58
N ALA B 365 36.97 -22.38 15.28
CA ALA B 365 36.77 -23.67 14.60
C ALA B 365 37.42 -24.86 15.32
N PRO B 366 38.72 -24.78 15.68
CA PRO B 366 39.36 -25.90 16.40
C PRO B 366 38.71 -26.26 17.74
N LYS B 367 38.19 -25.26 18.43
CA LYS B 367 37.50 -25.46 19.71
C LYS B 367 36.16 -26.17 19.52
N VAL B 368 35.46 -25.87 18.43
CA VAL B 368 34.23 -26.56 18.05
C VAL B 368 34.50 -28.02 17.65
N LEU B 369 35.61 -28.26 16.95
CA LEU B 369 36.04 -29.62 16.62
C LEU B 369 36.28 -30.44 17.87
N ASP B 370 37.00 -29.84 18.82
CA ASP B 370 37.29 -30.51 20.09
C ASP B 370 36.01 -30.81 20.89
N ALA B 371 35.10 -29.84 20.91
CA ALA B 371 33.80 -29.97 21.59
C ALA B 371 32.96 -31.09 21.00
N ALA B 372 32.90 -31.16 19.67
CA ALA B 372 32.15 -32.22 18.98
C ALA B 372 32.86 -33.59 19.06
N ARG B 373 34.18 -33.60 18.97
CA ARG B 373 34.95 -34.86 19.08
C ARG B 373 34.90 -35.45 20.50
N SER B 374 34.78 -34.61 21.54
CA SER B 374 34.73 -35.05 22.94
C SER B 374 33.33 -35.01 23.59
N ASN B 375 32.34 -34.50 22.85
CA ASN B 375 30.98 -34.24 23.37
C ASN B 375 30.92 -33.46 24.70
N ARG B 376 31.71 -32.38 24.76
CA ARG B 376 31.69 -31.43 25.89
C ARG B 376 31.30 -30.07 25.34
N TRP B 377 30.19 -29.53 25.85
CA TRP B 377 29.61 -28.29 25.32
C TRP B 377 29.36 -27.31 26.45
N GLN B 378 30.43 -26.59 26.81
CA GLN B 378 30.46 -25.74 28.00
C GLN B 378 31.13 -24.40 27.66
N ARG B 379 30.53 -23.30 28.14
CA ARG B 379 30.98 -21.92 27.85
C ARG B 379 32.48 -21.66 28.06
N GLU B 380 33.04 -22.19 29.14
CA GLU B 380 34.48 -22.06 29.47
C GLU B 380 35.41 -22.45 28.30
N GLN B 381 35.02 -23.44 27.50
CA GLN B 381 35.79 -23.90 26.34
C GLN B 381 36.05 -22.84 25.26
N PHE B 382 35.10 -21.91 25.07
CA PHE B 382 35.19 -20.89 24.00
C PHE B 382 35.51 -19.50 24.52
N ILE B 383 35.90 -19.41 25.79
CA ILE B 383 36.25 -18.16 26.46
C ILE B 383 37.15 -17.22 25.63
N GLU B 384 38.18 -17.77 24.99
CA GLU B 384 39.19 -16.96 24.29
C GLU B 384 38.67 -16.34 22.98
N VAL B 385 37.64 -16.95 22.39
CA VAL B 385 36.98 -16.38 21.21
C VAL B 385 36.24 -15.09 21.61
N GLU B 386 35.52 -15.14 22.73
CA GLU B 386 34.88 -13.94 23.29
C GLU B 386 35.90 -12.87 23.71
N ARG B 387 37.01 -13.31 24.29
CA ARG B 387 38.09 -12.40 24.69
C ARG B 387 38.67 -11.68 23.47
N HIS B 388 38.89 -12.43 22.38
CA HIS B 388 39.30 -11.83 21.10
C HIS B 388 38.28 -10.81 20.61
N CYS B 389 37.00 -11.19 20.62
CA CYS B 389 35.93 -10.33 20.07
C CYS B 389 35.79 -9.01 20.85
N LEU B 390 35.57 -9.10 22.17
CA LEU B 390 35.46 -7.92 23.05
C LEU B 390 36.58 -6.90 22.84
N ASN B 391 37.82 -7.39 22.77
CA ASN B 391 38.99 -6.55 22.58
C ASN B 391 39.12 -5.96 21.17
N ALA B 392 38.72 -6.73 20.15
CA ALA B 392 38.81 -6.28 18.74
C ALA B 392 37.81 -5.17 18.40
N VAL B 393 36.59 -5.27 18.92
CA VAL B 393 35.59 -4.21 18.76
C VAL B 393 35.94 -2.96 19.57
N ALA B 394 36.45 -3.16 20.79
CA ALA B 394 37.00 -2.06 21.61
C ALA B 394 38.10 -1.28 20.87
N THR B 395 39.04 -2.03 20.29
CA THR B 395 40.13 -1.46 19.47
C THR B 395 39.59 -0.68 18.27
N ASN B 396 38.71 -1.31 17.51
CA ASN B 396 38.16 -0.67 16.31
C ASN B 396 37.31 0.56 16.62
N ASP B 397 36.52 0.50 17.70
CA ASP B 397 35.79 1.68 18.22
C ASP B 397 36.72 2.85 18.50
N GLN B 398 37.79 2.58 19.25
CA GLN B 398 38.79 3.58 19.58
C GLN B 398 39.51 4.10 18.34
N LEU B 399 39.94 3.17 17.49
CA LEU B 399 40.59 3.52 16.21
C LEU B 399 39.70 4.44 15.38
N VAL B 400 38.46 4.02 15.19
CA VAL B 400 37.44 4.78 14.46
C VAL B 400 37.20 6.15 15.09
N SER B 401 36.96 6.15 16.40
CA SER B 401 36.62 7.37 17.15
C SER B 401 37.73 8.43 17.10
N CYS B 402 38.97 8.00 17.29
CA CYS B 402 40.14 8.86 17.08
C CYS B 402 40.16 9.46 15.69
N SER B 403 39.98 8.60 14.69
CA SER B 403 40.05 9.00 13.28
C SER B 403 39.04 10.08 12.93
N TYR B 404 37.82 9.96 13.44
CA TYR B 404 36.77 10.97 13.24
C TYR B 404 37.12 12.34 13.85
N GLU B 405 37.76 12.34 15.02
CA GLU B 405 38.34 13.56 15.59
C GLU B 405 39.46 14.11 14.68
N ALA B 406 40.34 13.22 14.19
CA ALA B 406 41.43 13.61 13.27
C ALA B 406 40.98 14.10 11.88
N PHE B 407 39.77 13.74 11.44
CA PHE B 407 39.19 14.27 10.19
C PHE B 407 39.03 15.81 10.18
N SER B 408 39.10 16.43 11.35
CA SER B 408 38.98 17.88 11.52
C SER B 408 40.03 18.73 10.79
N ASP B 409 41.22 18.18 10.57
CA ASP B 409 42.30 18.92 9.95
C ASP B 409 43.23 17.94 9.26
N PHE B 410 43.77 18.33 8.10
CA PHE B 410 44.61 17.42 7.31
C PHE B 410 45.92 17.07 8.00
N HIS B 411 46.61 18.08 8.54
CA HIS B 411 47.90 17.86 9.17
C HIS B 411 47.75 16.89 10.35
N LEU B 412 46.71 17.10 11.17
CA LEU B 412 46.36 16.17 12.24
C LEU B 412 46.07 14.76 11.72
N TRP B 413 45.34 14.66 10.61
CA TRP B 413 45.09 13.37 9.96
C TRP B 413 46.40 12.73 9.49
N ASN B 414 47.24 13.52 8.81
CA ASN B 414 48.53 13.05 8.31
C ASN B 414 49.37 12.44 9.43
N VAL B 415 49.42 13.10 10.58
CA VAL B 415 50.19 12.61 11.73
C VAL B 415 49.48 11.37 12.34
N TRP B 416 48.17 11.44 12.49
CA TRP B 416 47.39 10.34 13.09
C TRP B 416 47.47 8.99 12.32
N HIS B 417 47.39 9.02 10.99
CA HIS B 417 47.31 7.77 10.22
C HIS B 417 48.56 6.89 10.37
N ARG B 418 49.69 7.49 10.78
CA ARG B 418 50.91 6.76 11.09
C ARG B 418 50.76 5.85 12.32
N VAL B 419 49.91 6.25 13.26
CA VAL B 419 49.58 5.41 14.42
C VAL B 419 48.82 4.16 13.96
N TRP B 420 47.82 4.34 13.11
CA TRP B 420 47.11 3.20 12.51
C TRP B 420 48.04 2.33 11.68
N LEU B 421 48.78 2.96 10.77
CA LEU B 421 49.62 2.25 9.80
C LEU B 421 50.72 1.45 10.47
N SER B 422 51.41 2.05 11.45
CA SER B 422 52.47 1.34 12.17
C SER B 422 51.92 0.13 12.92
N GLY B 423 50.73 0.26 13.50
CA GLY B 423 50.05 -0.85 14.17
C GLY B 423 49.66 -1.96 13.23
N SER B 424 49.05 -1.57 12.11
CA SER B 424 48.61 -2.52 11.11
C SER B 424 49.80 -3.27 10.50
N ASN B 425 50.89 -2.56 10.21
CA ASN B 425 52.10 -3.21 9.67
C ASN B 425 52.70 -4.26 10.63
N LEU B 426 52.70 -3.98 11.94
CA LEU B 426 53.17 -4.94 12.94
C LEU B 426 52.28 -6.19 13.03
N GLY B 427 50.97 -5.97 13.03
CA GLY B 427 49.98 -7.06 12.99
C GLY B 427 50.12 -7.98 11.80
N SER B 428 50.34 -7.39 10.62
CA SER B 428 50.54 -8.13 9.38
C SER B 428 51.80 -8.98 9.44
N ALA B 429 52.90 -8.41 9.92
CA ALA B 429 54.16 -9.15 10.07
C ALA B 429 54.00 -10.30 11.05
N PHE B 430 53.22 -10.09 12.11
CA PHE B 430 52.95 -11.17 13.06
C PHE B 430 52.16 -12.32 12.43
N LEU B 431 51.13 -11.99 11.64
CA LEU B 431 50.33 -13.00 10.95
C LEU B 431 51.14 -13.73 9.87
N GLN B 432 52.01 -13.00 9.18
CA GLN B 432 52.97 -13.60 8.25
C GLN B 432 53.88 -14.59 8.95
N LYS B 433 54.34 -14.23 10.15
CA LYS B 433 55.20 -15.09 10.96
C LYS B 433 54.48 -16.37 11.33
N LEU B 434 53.23 -16.26 11.76
CA LEU B 434 52.41 -17.43 12.08
C LEU B 434 52.26 -18.37 10.89
N LEU B 435 51.96 -17.80 9.72
CA LEU B 435 51.83 -18.58 8.48
C LEU B 435 53.13 -19.28 8.13
N HIS B 436 54.23 -18.54 8.16
CA HIS B 436 55.56 -19.10 7.88
C HIS B 436 55.89 -20.30 8.79
N ASP B 437 55.62 -20.16 10.09
CA ASP B 437 55.89 -21.24 11.06
C ASP B 437 54.97 -22.45 10.87
N LEU B 438 53.72 -22.20 10.48
CA LEU B 438 52.76 -23.26 10.16
C LEU B 438 53.15 -24.01 8.88
N GLU B 439 53.57 -23.26 7.86
CA GLU B 439 54.04 -23.86 6.60
C GLU B 439 55.30 -24.72 6.79
N HIS B 440 56.25 -24.21 7.57
CA HIS B 440 57.48 -24.92 7.88
C HIS B 440 57.23 -26.18 8.72
N SER B 441 56.53 -26.03 9.84
CA SER B 441 56.31 -27.13 10.81
C SER B 441 55.16 -28.08 10.44
N GLY B 442 54.12 -27.56 9.79
CA GLY B 442 52.91 -28.34 9.53
C GLY B 442 52.10 -28.69 10.77
N ASP B 443 52.36 -28.02 11.89
CA ASP B 443 51.81 -28.37 13.20
C ASP B 443 50.63 -27.46 13.54
N ALA B 444 49.43 -28.03 13.44
CA ALA B 444 48.18 -27.30 13.69
C ALA B 444 48.01 -26.90 15.15
N ARG B 445 48.33 -27.83 16.06
CA ARG B 445 48.24 -27.60 17.52
C ARG B 445 49.12 -26.45 17.99
N GLN B 446 50.34 -26.37 17.47
CA GLN B 446 51.29 -25.31 17.83
C GLN B 446 50.84 -23.95 17.31
N PHE B 447 50.22 -23.93 16.12
CA PHE B 447 49.67 -22.70 15.57
C PHE B 447 48.53 -22.14 16.43
N ASP B 448 47.59 -23.01 16.82
CA ASP B 448 46.44 -22.63 17.66
C ASP B 448 46.90 -22.01 18.99
N ALA B 449 47.82 -22.70 19.66
CA ALA B 449 48.39 -22.23 20.93
C ALA B 449 49.13 -20.91 20.80
N ALA B 450 49.84 -20.72 19.68
CA ALA B 450 50.60 -19.50 19.43
C ALA B 450 49.71 -18.28 19.20
N LEU B 451 48.65 -18.47 18.41
CA LEU B 451 47.62 -17.45 18.21
C LEU B 451 46.91 -17.11 19.51
N GLU B 452 46.70 -18.11 20.36
CA GLU B 452 46.09 -17.91 21.69
C GLU B 452 47.01 -17.27 22.73
N ALA B 453 48.32 -17.47 22.59
CA ALA B 453 49.31 -16.91 23.53
C ALA B 453 49.63 -15.43 23.28
N VAL B 454 49.19 -14.87 22.15
CA VAL B 454 49.47 -13.47 21.82
C VAL B 454 49.02 -12.59 22.97
N ARG B 455 49.84 -11.59 23.28
CA ARG B 455 49.62 -10.75 24.46
C ARG B 455 48.48 -9.74 24.34
N PHE B 456 48.11 -9.40 23.10
CA PHE B 456 47.03 -8.43 22.85
C PHE B 456 46.06 -8.93 21.74
N PRO B 457 45.25 -9.96 22.06
CA PRO B 457 44.36 -10.68 21.11
C PRO B 457 43.61 -9.85 20.05
N GLY B 458 42.87 -8.83 20.48
CA GLY B 458 42.05 -8.04 19.55
C GLY B 458 42.74 -6.88 18.86
N CYS B 459 43.96 -6.56 19.31
CA CYS B 459 44.59 -5.27 19.02
C CYS B 459 45.38 -5.28 17.72
N LEU B 460 45.69 -4.09 17.21
CA LEU B 460 46.37 -3.92 15.92
C LEU B 460 47.68 -4.69 15.78
N SER B 461 48.58 -4.57 16.75
CA SER B 461 49.87 -5.27 16.69
C SER B 461 49.81 -6.78 17.03
N LEU B 462 48.75 -7.19 17.73
CA LEU B 462 48.61 -8.54 18.32
C LEU B 462 49.55 -8.84 19.50
N ASP B 463 50.84 -8.55 19.35
CA ASP B 463 51.85 -8.98 20.33
C ASP B 463 52.85 -7.91 20.83
N SER B 464 52.69 -6.65 20.43
CA SER B 464 53.71 -5.62 20.73
C SER B 464 53.28 -4.69 21.87
N PRO B 465 53.87 -4.85 23.09
CA PRO B 465 53.53 -3.93 24.20
C PRO B 465 53.87 -2.48 23.91
N ALA B 466 55.00 -2.25 23.25
CA ALA B 466 55.47 -0.92 22.89
C ALA B 466 54.51 -0.21 21.93
N TYR B 467 54.05 -0.90 20.88
CA TYR B 467 53.05 -0.32 20.00
C TYR B 467 51.74 0.01 20.74
N GLU B 468 51.27 -0.92 21.57
CA GLU B 468 50.01 -0.72 22.29
C GLU B 468 50.07 0.42 23.30
N SER B 469 51.27 0.71 23.81
CA SER B 469 51.50 1.88 24.65
C SER B 469 51.34 3.17 23.81
N LEU B 470 51.89 3.17 22.60
CA LEU B 470 51.70 4.28 21.65
C LEU B 470 50.22 4.45 21.28
N PHE B 471 49.53 3.34 21.04
CA PHE B 471 48.10 3.36 20.73
C PHE B 471 47.23 3.87 21.89
N ARG B 472 47.59 3.49 23.12
CA ARG B 472 46.87 3.94 24.31
C ARG B 472 47.04 5.45 24.53
N GLN B 473 48.28 5.93 24.47
CA GLN B 473 48.59 7.35 24.71
C GLN B 473 48.12 8.26 23.59
N SER B 474 48.17 7.77 22.35
CA SER B 474 47.57 8.46 21.20
C SER B 474 46.05 8.62 21.38
N CYS B 475 45.38 7.55 21.82
N CYS B 475 45.38 7.57 21.84
CA CYS B 475 43.95 7.58 22.16
CA CYS B 475 43.94 7.61 22.11
C CYS B 475 43.62 8.61 23.22
C CYS B 475 43.59 8.58 23.24
N GLN B 476 44.43 8.63 24.28
CA GLN B 476 44.28 9.57 25.39
C GLN B 476 44.39 11.03 24.90
N VAL B 477 45.40 11.30 24.08
CA VAL B 477 45.55 12.60 23.43
C VAL B 477 44.31 13.02 22.62
N MET B 478 43.83 12.12 21.76
CA MET B 478 42.69 12.41 20.88
C MET B 478 41.36 12.55 21.61
N GLN B 479 41.16 11.77 22.68
CA GLN B 479 40.00 11.91 23.57
C GLN B 479 40.05 13.25 24.33
N GLN B 480 41.23 13.61 24.82
CA GLN B 480 41.46 14.85 25.57
C GLN B 480 41.40 16.13 24.70
N ALA B 481 41.58 15.96 23.38
CA ALA B 481 41.42 17.05 22.41
C ALA B 481 39.95 17.35 22.09
N ARG B 482 39.11 16.32 22.07
CA ARG B 482 37.68 16.46 21.76
C ARG B 482 36.91 17.10 22.92
N GLU B 483 37.18 16.64 24.15
CA GLU B 483 36.53 17.17 25.35
C GLU B 483 36.94 18.63 25.62
N GLN B 484 38.25 18.86 25.64
CA GLN B 484 38.82 20.17 25.96
C GLN B 484 38.86 21.14 24.75
N ALA B 485 38.58 20.63 23.55
CA ALA B 485 38.53 21.44 22.31
C ALA B 485 39.85 22.18 22.02
N ARG B 486 40.95 21.46 22.15
CA ARG B 486 42.30 22.03 22.00
C ARG B 486 42.61 22.36 20.53
N PRO B 487 43.60 23.25 20.28
CA PRO B 487 43.99 23.59 18.90
C PRO B 487 44.58 22.39 18.17
N VAL B 488 44.19 22.20 16.91
CA VAL B 488 44.59 21.03 16.10
C VAL B 488 46.11 20.85 15.94
N ALA B 489 46.85 21.96 15.79
CA ALA B 489 48.32 21.90 15.70
C ALA B 489 48.96 21.42 17.01
N GLU B 490 48.32 21.76 18.13
CA GLU B 490 48.75 21.30 19.47
C GLU B 490 48.70 19.78 19.59
N THR B 491 47.60 19.17 19.12
CA THR B 491 47.36 17.73 19.30
C THR B 491 48.16 16.93 18.25
N ALA B 492 48.35 17.52 17.07
CA ALA B 492 49.23 16.96 16.05
C ALA B 492 50.67 16.83 16.53
N ASN B 493 51.20 17.88 17.17
CA ASN B 493 52.57 17.84 17.72
C ASN B 493 52.69 16.81 18.86
N ALA B 494 51.67 16.74 19.71
CA ALA B 494 51.62 15.74 20.79
C ALA B 494 51.69 14.30 20.26
N LEU B 495 50.98 14.01 19.16
CA LEU B 495 51.04 12.69 18.52
C LEU B 495 52.39 12.45 17.85
N HIS B 496 52.92 13.47 17.17
CA HIS B 496 54.23 13.39 16.53
C HIS B 496 55.31 13.06 17.57
N GLU B 497 55.23 13.69 18.74
CA GLU B 497 56.16 13.43 19.83
C GLU B 497 56.05 11.98 20.34
N LEU B 498 54.83 11.47 20.47
CA LEU B 498 54.61 10.05 20.84
C LEU B 498 55.15 9.05 19.81
N ILE B 499 55.05 9.39 18.53
CA ILE B 499 55.58 8.52 17.47
C ILE B 499 57.10 8.45 17.56
N LYS B 500 57.75 9.60 17.72
CA LYS B 500 59.21 9.69 17.89
C LYS B 500 59.73 8.84 19.06
N GLU B 501 59.07 8.96 20.21
CA GLU B 501 59.39 8.19 21.42
C GLU B 501 59.39 6.67 21.17
N HIS B 502 58.42 6.18 20.41
CA HIS B 502 58.22 4.74 20.18
C HIS B 502 58.79 4.20 18.87
N GLU B 503 59.45 5.04 18.08
CA GLU B 503 59.80 4.68 16.68
C GLU B 503 60.75 3.49 16.53
N ALA B 504 61.65 3.30 17.51
CA ALA B 504 62.60 2.18 17.51
C ALA B 504 61.94 0.81 17.71
N GLU B 505 60.77 0.79 18.32
CA GLU B 505 59.96 -0.45 18.49
C GLU B 505 58.99 -0.74 17.30
N LEU B 506 58.81 0.23 16.41
CA LEU B 506 58.05 0.05 15.16
C LEU B 506 58.97 -0.45 14.05
N LEU B 507 58.38 -0.88 12.94
CA LEU B 507 59.15 -1.26 11.74
C LEU B 507 59.84 -0.02 11.15
N PRO B 508 61.00 -0.21 10.49
CA PRO B 508 61.81 0.95 10.10
C PRO B 508 61.35 1.59 8.78
N LEU B 509 60.11 2.08 8.76
CA LEU B 509 59.51 2.68 7.55
C LEU B 509 59.58 4.21 7.53
N GLY B 510 59.95 4.82 8.65
CA GLY B 510 60.06 6.28 8.75
C GLY B 510 58.74 6.98 9.04
N TYR B 511 58.00 6.45 10.03
CA TYR B 511 56.69 6.99 10.41
C TYR B 511 56.76 8.43 10.95
N SER B 512 57.88 8.80 11.57
CA SER B 512 58.07 10.17 12.10
C SER B 512 58.20 11.24 11.03
N ARG B 513 58.70 10.87 9.85
CA ARG B 513 58.89 11.80 8.74
C ARG B 513 57.54 12.31 8.19
N ILE B 514 57.03 13.40 8.77
CA ILE B 514 55.70 13.93 8.46
C ILE B 514 55.61 14.51 7.04
N SER B 515 56.70 15.09 6.55
CA SER B 515 56.75 15.62 5.17
C SER B 515 56.59 14.55 4.08
N ASN B 516 56.89 13.29 4.42
CA ASN B 516 56.62 12.16 3.52
C ASN B 516 55.22 11.62 3.78
N ARG B 517 54.33 11.86 2.82
CA ARG B 517 52.92 11.46 2.93
C ARG B 517 52.61 10.13 2.22
N PHE B 518 53.65 9.49 1.67
CA PHE B 518 53.54 8.20 0.97
C PHE B 518 54.57 7.26 1.58
N ILE B 519 54.21 6.62 2.69
CA ILE B 519 55.14 5.76 3.42
C ILE B 519 55.35 4.42 2.70
N LEU B 520 56.53 4.29 2.06
CA LEU B 520 56.88 3.08 1.31
C LEU B 520 57.20 1.90 2.24
N LYS B 521 56.88 0.69 1.78
CA LYS B 521 57.15 -0.54 2.55
C LYS B 521 58.64 -0.93 2.56
N ASN C 22 -13.10 -18.16 -4.43
CA ASN C 22 -13.94 -16.92 -4.33
C ASN C 22 -14.83 -16.90 -3.09
N GLN C 23 -14.40 -16.19 -2.05
CA GLN C 23 -15.15 -16.13 -0.80
C GLN C 23 -16.44 -15.26 -0.87
N TYR C 24 -16.55 -14.41 -1.90
CA TYR C 24 -17.81 -13.72 -2.22
C TYR C 24 -18.24 -14.00 -3.66
N ASP C 25 -19.51 -13.79 -3.95
CA ASP C 25 -19.99 -13.84 -5.33
C ASP C 25 -19.68 -12.53 -6.04
N VAL C 26 -20.03 -11.41 -5.39
CA VAL C 26 -19.89 -10.08 -5.98
C VAL C 26 -19.25 -9.10 -4.99
N ILE C 27 -18.29 -8.31 -5.48
CA ILE C 27 -17.74 -7.19 -4.74
C ILE C 27 -18.29 -5.92 -5.36
N ILE C 28 -18.70 -4.98 -4.51
CA ILE C 28 -19.27 -3.71 -4.96
C ILE C 28 -18.37 -2.61 -4.42
N ILE C 29 -17.92 -1.72 -5.32
CA ILE C 29 -17.18 -0.52 -4.93
C ILE C 29 -18.18 0.62 -4.87
N GLY C 30 -18.27 1.26 -3.70
CA GLY C 30 -19.23 2.34 -3.45
C GLY C 30 -20.33 1.86 -2.52
N SER C 31 -20.52 2.56 -1.40
CA SER C 31 -21.60 2.24 -0.47
C SER C 31 -22.68 3.33 -0.46
N GLY C 32 -22.68 4.18 -1.48
CA GLY C 32 -23.77 5.13 -1.74
C GLY C 32 -25.02 4.39 -2.19
N ILE C 33 -26.04 5.14 -2.60
CA ILE C 33 -27.34 4.54 -2.91
C ILE C 33 -27.26 3.50 -4.03
N ALA C 34 -26.45 3.75 -5.06
CA ALA C 34 -26.32 2.81 -6.16
C ALA C 34 -25.71 1.47 -5.69
N GLY C 35 -24.62 1.56 -4.94
CA GLY C 35 -23.94 0.39 -4.41
C GLY C 35 -24.68 -0.35 -3.31
N ALA C 36 -25.44 0.39 -2.50
CA ALA C 36 -26.25 -0.21 -1.45
C ALA C 36 -27.45 -0.97 -2.01
N LEU C 37 -28.17 -0.35 -2.93
CA LEU C 37 -29.33 -0.99 -3.56
C LEU C 37 -28.92 -2.21 -4.39
N THR C 38 -27.79 -2.12 -5.09
CA THR C 38 -27.24 -3.28 -5.81
C THR C 38 -26.89 -4.40 -4.82
N GLY C 39 -26.25 -4.05 -3.71
CA GLY C 39 -25.95 -5.02 -2.65
C GLY C 39 -27.19 -5.68 -2.06
N ALA C 40 -28.22 -4.87 -1.80
CA ALA C 40 -29.48 -5.36 -1.23
C ALA C 40 -30.19 -6.36 -2.14
N VAL C 41 -30.39 -6.00 -3.41
CA VAL C 41 -31.10 -6.87 -4.35
C VAL C 41 -30.34 -8.19 -4.55
N LEU C 42 -29.02 -8.09 -4.70
CA LEU C 42 -28.19 -9.28 -4.91
C LEU C 42 -28.14 -10.18 -3.66
N ALA C 43 -28.02 -9.57 -2.47
CA ALA C 43 -28.00 -10.36 -1.22
C ALA C 43 -29.36 -10.98 -0.91
N LYS C 44 -30.43 -10.22 -1.14
CA LYS C 44 -31.80 -10.76 -1.03
C LYS C 44 -31.99 -11.99 -1.91
N SER C 45 -31.39 -11.96 -3.10
CA SER C 45 -31.47 -13.06 -4.05
C SER C 45 -30.54 -14.26 -3.78
N GLY C 46 -29.78 -14.21 -2.67
CA GLY C 46 -28.95 -15.35 -2.24
C GLY C 46 -27.47 -15.29 -2.61
N LEU C 47 -26.96 -14.14 -3.04
CA LEU C 47 -25.52 -13.99 -3.27
C LEU C 47 -24.83 -13.49 -2.01
N ASN C 48 -23.55 -13.86 -1.88
CA ASN C 48 -22.70 -13.38 -0.80
C ASN C 48 -21.96 -12.15 -1.34
N VAL C 49 -22.20 -11.00 -0.72
CA VAL C 49 -21.85 -9.69 -1.27
C VAL C 49 -20.92 -8.92 -0.34
N LEU C 50 -19.91 -8.27 -0.92
CA LEU C 50 -18.98 -7.41 -0.19
C LEU C 50 -19.01 -6.00 -0.76
N ILE C 51 -19.43 -5.04 0.06
CA ILE C 51 -19.44 -3.64 -0.30
C ILE C 51 -18.19 -3.01 0.31
N LEU C 52 -17.34 -2.44 -0.55
CA LEU C 52 -16.15 -1.70 -0.14
C LEU C 52 -16.37 -0.23 -0.41
N ASP C 53 -16.00 0.61 0.56
CA ASP C 53 -16.05 2.05 0.37
C ASP C 53 -14.85 2.71 1.04
N SER C 54 -14.22 3.64 0.33
CA SER C 54 -13.11 4.44 0.86
C SER C 54 -13.56 5.44 1.92
N ALA C 55 -14.77 5.98 1.78
CA ALA C 55 -15.33 6.91 2.77
C ALA C 55 -16.07 6.12 3.87
N GLN C 56 -16.78 6.84 4.74
CA GLN C 56 -17.65 6.20 5.74
C GLN C 56 -18.95 6.97 5.88
N HIS C 57 -19.97 6.32 6.40
CA HIS C 57 -21.24 6.97 6.70
C HIS C 57 -21.22 7.50 8.13
N PRO C 58 -21.87 8.62 8.42
CA PRO C 58 -22.62 9.45 7.47
C PRO C 58 -21.72 10.34 6.60
N ARG C 59 -22.12 10.63 5.38
CA ARG C 59 -21.37 11.55 4.51
C ARG C 59 -22.22 12.25 3.45
N PHE C 60 -21.79 13.46 3.11
CA PHE C 60 -22.43 14.31 2.12
C PHE C 60 -22.31 13.71 0.72
N SER C 61 -23.35 13.91 -0.09
CA SER C 61 -23.28 13.64 -1.52
C SER C 61 -24.32 14.47 -2.28
N VAL C 62 -23.98 14.82 -3.52
CA VAL C 62 -24.93 15.46 -4.48
C VAL C 62 -25.70 14.41 -5.29
N GLY C 63 -26.72 14.86 -6.03
CA GLY C 63 -27.65 13.98 -6.73
C GLY C 63 -28.92 13.89 -5.92
N GLU C 64 -29.58 15.04 -5.80
CA GLU C 64 -30.64 15.27 -4.84
C GLU C 64 -32.06 15.35 -5.43
N ALA C 65 -32.19 15.63 -6.72
CA ALA C 65 -33.48 15.86 -7.34
C ALA C 65 -34.03 14.58 -7.94
N ALA C 66 -35.01 13.99 -7.26
CA ALA C 66 -35.73 12.84 -7.80
C ALA C 66 -36.63 13.28 -8.96
N THR C 67 -36.96 12.32 -9.82
CA THR C 67 -37.82 12.54 -10.98
C THR C 67 -38.94 11.50 -10.96
N PRO C 68 -40.00 11.71 -11.78
CA PRO C 68 -41.00 10.64 -11.96
C PRO C 68 -40.37 9.30 -12.35
N GLU C 69 -39.41 9.35 -13.27
CA GLU C 69 -38.67 8.16 -13.75
C GLU C 69 -37.91 7.46 -12.63
N SER C 70 -37.14 8.23 -11.85
CA SER C 70 -36.36 7.66 -10.75
C SER C 70 -37.29 7.08 -9.67
N GLY C 71 -38.45 7.73 -9.47
CA GLY C 71 -39.50 7.20 -8.61
C GLY C 71 -40.01 5.84 -9.03
N PHE C 72 -40.35 5.70 -10.33
CA PHE C 72 -40.84 4.43 -10.86
C PHE C 72 -39.75 3.34 -10.85
N LEU C 73 -38.52 3.74 -11.14
CA LEU C 73 -37.39 2.80 -11.15
C LEU C 73 -37.08 2.24 -9.77
N LEU C 74 -37.22 3.06 -8.74
CA LEU C 74 -37.08 2.58 -7.36
C LEU C 74 -38.20 1.61 -7.02
N ARG C 75 -39.44 2.00 -7.33
CA ARG C 75 -40.61 1.11 -7.15
C ARG C 75 -40.48 -0.20 -7.95
N LEU C 76 -39.92 -0.12 -9.15
CA LEU C 76 -39.67 -1.33 -9.96
C LEU C 76 -38.61 -2.23 -9.33
N LEU C 77 -37.53 -1.63 -8.83
CA LEU C 77 -36.49 -2.40 -8.12
C LEU C 77 -37.09 -3.12 -6.92
N SER C 78 -37.85 -2.38 -6.12
CA SER C 78 -38.53 -2.93 -4.95
C SER C 78 -39.42 -4.12 -5.28
N LYS C 79 -40.21 -4.01 -6.35
CA LYS C 79 -41.18 -5.06 -6.72
C LYS C 79 -40.50 -6.23 -7.43
N ARG C 80 -39.62 -5.94 -8.37
CA ARG C 80 -38.85 -6.96 -9.09
C ARG C 80 -38.11 -7.91 -8.15
N PHE C 81 -37.55 -7.37 -7.07
CA PHE C 81 -36.74 -8.15 -6.12
C PHE C 81 -37.37 -8.41 -4.74
N ASP C 82 -38.62 -7.99 -4.55
CA ASP C 82 -39.41 -8.30 -3.34
C ASP C 82 -38.80 -7.68 -2.06
N ILE C 83 -38.39 -6.42 -2.16
CA ILE C 83 -37.84 -5.65 -1.04
C ILE C 83 -38.67 -4.37 -0.89
N PRO C 84 -39.81 -4.46 -0.19
CA PRO C 84 -40.72 -3.33 -0.02
C PRO C 84 -40.08 -2.01 0.42
N GLU C 85 -39.08 -2.06 1.31
CA GLU C 85 -38.52 -0.82 1.86
C GLU C 85 -37.66 0.00 0.89
N ILE C 86 -37.26 -0.57 -0.25
CA ILE C 86 -36.69 0.22 -1.36
C ILE C 86 -37.73 1.20 -1.94
N ALA C 87 -39.00 0.79 -1.95
CA ALA C 87 -40.09 1.65 -2.42
C ALA C 87 -40.35 2.86 -1.52
N TYR C 88 -40.00 2.76 -0.24
CA TYR C 88 -40.09 3.88 0.68
C TYR C 88 -39.28 5.10 0.22
N LEU C 89 -38.17 4.85 -0.49
CA LEU C 89 -37.31 5.92 -0.98
C LEU C 89 -37.90 6.67 -2.18
N SER C 90 -38.97 6.17 -2.77
CA SER C 90 -39.62 6.80 -3.92
C SER C 90 -40.69 7.83 -3.52
N HIS C 91 -41.44 7.55 -2.45
CA HIS C 91 -42.53 8.43 -2.01
C HIS C 91 -42.06 9.36 -0.88
N PRO C 92 -42.14 10.69 -1.07
CA PRO C 92 -41.65 11.59 0.00
C PRO C 92 -42.28 11.37 1.38
N ASP C 93 -43.58 11.04 1.45
CA ASP C 93 -44.26 10.73 2.72
C ASP C 93 -43.63 9.54 3.43
N LYS C 94 -43.37 8.48 2.68
CA LYS C 94 -42.74 7.27 3.19
C LYS C 94 -41.28 7.48 3.60
N ILE C 95 -40.56 8.34 2.88
CA ILE C 95 -39.20 8.73 3.29
C ILE C 95 -39.27 9.40 4.66
N ILE C 96 -40.24 10.31 4.83
CA ILE C 96 -40.42 11.00 6.10
C ILE C 96 -40.75 9.99 7.20
N GLN C 97 -41.65 9.05 6.89
CA GLN C 97 -42.11 8.08 7.87
C GLN C 97 -41.04 7.07 8.29
N HIS C 98 -40.26 6.59 7.32
CA HIS C 98 -39.33 5.47 7.55
C HIS C 98 -37.85 5.85 7.66
N VAL C 99 -37.39 6.84 6.88
CA VAL C 99 -35.99 7.29 6.93
C VAL C 99 -35.83 8.33 8.04
N GLY C 100 -36.67 9.37 8.00
CA GLY C 100 -36.68 10.42 9.03
C GLY C 100 -37.20 11.75 8.50
N SER C 101 -37.56 12.63 9.43
CA SER C 101 -38.16 13.92 9.08
C SER C 101 -37.18 14.92 8.45
N SER C 102 -35.87 14.69 8.62
CA SER C 102 -34.83 15.49 7.94
C SER C 102 -34.31 14.88 6.62
N ALA C 103 -34.85 13.73 6.21
CA ALA C 103 -34.32 12.99 5.06
C ALA C 103 -34.67 13.57 3.69
N CYS C 104 -35.70 14.41 3.59
CA CYS C 104 -36.03 15.06 2.32
C CYS C 104 -36.94 16.28 2.43
N GLY C 105 -36.89 17.12 1.39
CA GLY C 105 -37.92 18.12 1.10
C GLY C 105 -38.85 17.66 -0.02
N ILE C 106 -39.88 18.45 -0.30
CA ILE C 106 -40.87 18.15 -1.36
C ILE C 106 -40.43 18.68 -2.72
N LYS C 107 -40.77 17.96 -3.79
CA LYS C 107 -40.63 18.45 -5.17
C LYS C 107 -41.98 18.26 -5.90
N LEU C 108 -42.65 19.37 -6.19
CA LEU C 108 -43.91 19.36 -6.94
C LEU C 108 -43.72 19.68 -8.42
N GLY C 109 -42.46 19.79 -8.86
CA GLY C 109 -42.14 20.09 -10.25
C GLY C 109 -40.71 20.55 -10.44
N PHE C 110 -40.41 20.89 -11.69
CA PHE C 110 -39.14 21.46 -12.09
C PHE C 110 -39.49 22.91 -12.37
N SER C 111 -38.53 23.81 -12.19
CA SER C 111 -38.73 25.19 -12.60
C SER C 111 -37.43 25.78 -13.12
N PHE C 112 -37.57 26.68 -14.09
CA PHE C 112 -36.45 27.28 -14.79
C PHE C 112 -36.67 28.78 -14.93
N ALA C 113 -35.80 29.59 -14.32
CA ALA C 113 -35.92 31.04 -14.38
C ALA C 113 -34.74 31.62 -15.15
N TRP C 114 -35.03 32.42 -16.18
CA TRP C 114 -34.01 32.91 -17.11
C TRP C 114 -33.51 34.30 -16.74
N HIS C 115 -32.19 34.48 -16.89
CA HIS C 115 -31.51 35.72 -16.52
C HIS C 115 -30.50 36.11 -17.57
N GLN C 116 -30.18 37.40 -17.60
CA GLN C 116 -29.22 37.95 -18.54
C GLN C 116 -28.35 38.99 -17.84
N GLU C 117 -27.05 38.94 -18.11
CA GLU C 117 -26.10 39.92 -17.60
C GLU C 117 -26.49 41.31 -18.11
N ASN C 118 -26.27 42.32 -17.25
CA ASN C 118 -26.54 43.73 -17.58
C ASN C 118 -28.00 44.03 -17.92
N ALA C 119 -28.93 43.31 -17.28
CA ALA C 119 -30.36 43.48 -17.51
C ALA C 119 -31.15 43.01 -16.28
N PRO C 120 -32.25 43.71 -15.93
CA PRO C 120 -33.08 43.24 -14.83
C PRO C 120 -33.85 41.97 -15.20
N SER C 121 -34.03 41.09 -14.23
CA SER C 121 -34.71 39.82 -14.47
C SER C 121 -36.21 39.99 -14.42
N SER C 122 -36.92 39.20 -15.23
CA SER C 122 -38.37 39.29 -15.34
C SER C 122 -38.99 38.04 -14.73
N PRO C 123 -40.00 38.19 -13.84
CA PRO C 123 -40.78 37.02 -13.42
C PRO C 123 -41.61 36.34 -14.52
N ASP C 124 -41.70 36.96 -15.70
CA ASP C 124 -42.31 36.35 -16.89
C ASP C 124 -41.36 35.42 -17.66
N HIS C 125 -40.05 35.55 -17.46
CA HIS C 125 -39.08 34.64 -18.08
C HIS C 125 -38.90 33.40 -17.23
N LEU C 126 -39.91 32.52 -17.30
CA LEU C 126 -40.07 31.42 -16.36
C LEU C 126 -40.95 30.31 -16.93
N VAL C 127 -40.47 29.06 -16.84
CA VAL C 127 -41.31 27.88 -17.11
C VAL C 127 -41.25 26.93 -15.91
N ALA C 128 -42.38 26.28 -15.62
CA ALA C 128 -42.47 25.37 -14.50
C ALA C 128 -43.59 24.35 -14.74
N PRO C 129 -43.26 23.19 -15.34
CA PRO C 129 -44.25 22.14 -15.54
C PRO C 129 -44.43 21.30 -14.27
N PRO C 130 -45.64 21.34 -13.65
CA PRO C 130 -45.82 20.59 -12.42
C PRO C 130 -45.92 19.08 -12.61
N LEU C 131 -45.61 18.34 -11.54
CA LEU C 131 -45.82 16.89 -11.50
C LEU C 131 -47.24 16.59 -11.06
N LYS C 132 -47.71 15.40 -11.40
CA LYS C 132 -49.01 14.91 -10.94
C LYS C 132 -48.94 14.44 -9.48
N VAL C 133 -47.86 13.72 -9.15
CA VAL C 133 -47.59 13.24 -7.79
C VAL C 133 -46.27 13.86 -7.29
N PRO C 134 -46.19 14.23 -5.99
CA PRO C 134 -44.92 14.78 -5.51
C PRO C 134 -43.75 13.79 -5.53
N GLU C 135 -42.55 14.31 -5.82
CA GLU C 135 -41.29 13.58 -5.66
C GLU C 135 -40.48 14.22 -4.52
N ALA C 136 -39.31 13.67 -4.23
CA ALA C 136 -38.49 14.11 -3.10
C ALA C 136 -37.24 14.89 -3.51
N HIS C 137 -36.85 15.84 -2.65
CA HIS C 137 -35.49 16.37 -2.63
C HIS C 137 -34.71 15.57 -1.61
N LEU C 138 -33.81 14.72 -2.09
CA LEU C 138 -33.17 13.70 -1.26
C LEU C 138 -31.96 14.25 -0.50
N PHE C 139 -32.11 14.35 0.83
CA PHE C 139 -30.98 14.64 1.72
C PHE C 139 -30.12 13.38 1.80
N ARG C 140 -29.10 13.33 0.92
CA ARG C 140 -28.37 12.10 0.60
C ARG C 140 -27.69 11.40 1.76
N GLN C 141 -27.15 12.16 2.70
CA GLN C 141 -26.51 11.58 3.87
C GLN C 141 -27.44 10.64 4.65
N ASP C 142 -28.70 11.03 4.83
CA ASP C 142 -29.70 10.19 5.52
C ASP C 142 -30.24 9.09 4.60
N ILE C 143 -30.49 9.43 3.34
CA ILE C 143 -31.03 8.49 2.35
C ILE C 143 -30.03 7.35 2.09
N ASP C 144 -28.78 7.69 1.80
CA ASP C 144 -27.75 6.68 1.47
C ASP C 144 -27.45 5.73 2.62
N TYR C 145 -27.43 6.27 3.85
CA TYR C 145 -27.20 5.45 5.03
C TYR C 145 -28.36 4.46 5.20
N PHE C 146 -29.59 4.95 4.95
CA PHE C 146 -30.78 4.10 5.01
C PHE C 146 -30.68 2.97 3.97
N ALA C 147 -30.33 3.33 2.74
CA ALA C 147 -30.06 2.32 1.69
C ALA C 147 -29.03 1.26 2.11
N LEU C 148 -27.92 1.68 2.71
CA LEU C 148 -26.90 0.72 3.21
C LEU C 148 -27.47 -0.21 4.28
N MET C 149 -28.30 0.31 5.17
CA MET C 149 -28.94 -0.49 6.21
C MET C 149 -29.84 -1.56 5.60
N ILE C 150 -30.45 -1.27 4.46
CA ILE C 150 -31.26 -2.25 3.72
C ILE C 150 -30.37 -3.42 3.28
N ALA C 151 -29.26 -3.11 2.65
CA ALA C 151 -28.31 -4.14 2.22
C ALA C 151 -27.77 -4.92 3.40
N LEU C 152 -27.39 -4.22 4.48
CA LEU C 152 -26.87 -4.86 5.68
C LEU C 152 -27.88 -5.82 6.32
N LYS C 153 -29.13 -5.39 6.43
CA LYS C 153 -30.18 -6.26 6.96
C LYS C 153 -30.44 -7.52 6.13
N HIS C 154 -30.11 -7.48 4.83
CA HIS C 154 -30.29 -8.63 3.92
C HIS C 154 -29.04 -9.52 3.74
N GLY C 155 -27.98 -9.29 4.53
CA GLY C 155 -26.82 -10.18 4.55
C GLY C 155 -25.56 -9.68 3.87
N ALA C 156 -25.62 -8.58 3.12
CA ALA C 156 -24.43 -8.03 2.50
C ALA C 156 -23.43 -7.55 3.54
N GLU C 157 -22.15 -7.80 3.31
CA GLU C 157 -21.08 -7.32 4.18
C GLU C 157 -20.64 -5.96 3.68
N SER C 158 -20.35 -5.06 4.61
CA SER C 158 -19.91 -3.70 4.31
C SER C 158 -18.59 -3.44 5.02
N ARG C 159 -17.64 -2.83 4.31
CA ARG C 159 -16.36 -2.41 4.87
C ARG C 159 -16.04 -0.97 4.44
N GLN C 160 -15.98 -0.08 5.43
CA GLN C 160 -15.75 1.35 5.26
C GLN C 160 -14.29 1.70 5.57
N ASN C 161 -13.86 2.89 5.17
CA ASN C 161 -12.48 3.39 5.40
C ASN C 161 -11.37 2.48 4.88
N ILE C 162 -11.63 1.77 3.79
CA ILE C 162 -10.64 0.90 3.16
C ILE C 162 -9.97 1.65 2.00
N LYS C 163 -8.80 1.19 1.59
CA LYS C 163 -8.12 1.72 0.41
C LYS C 163 -7.76 0.59 -0.56
N ILE C 164 -8.35 0.63 -1.76
CA ILE C 164 -8.08 -0.37 -2.79
C ILE C 164 -6.74 -0.05 -3.45
N GLU C 165 -5.73 -0.87 -3.17
CA GLU C 165 -4.43 -0.77 -3.88
C GLU C 165 -4.63 -1.14 -5.35
N SER C 166 -5.20 -2.32 -5.56
CA SER C 166 -5.24 -2.92 -6.88
C SER C 166 -6.45 -3.84 -7.08
N ILE C 167 -6.90 -3.93 -8.33
CA ILE C 167 -7.96 -4.85 -8.72
C ILE C 167 -7.40 -5.71 -9.85
N SER C 168 -7.53 -7.03 -9.72
CA SER C 168 -6.94 -7.99 -10.64
C SER C 168 -8.01 -8.90 -11.24
N LEU C 169 -8.08 -8.92 -12.57
CA LEU C 169 -9.11 -9.67 -13.30
C LEU C 169 -8.50 -10.91 -13.97
N ASN C 170 -9.09 -12.07 -13.69
CA ASN C 170 -8.56 -13.37 -14.16
C ASN C 170 -9.69 -14.18 -14.80
N ASP C 171 -9.36 -15.40 -15.25
CA ASP C 171 -10.39 -16.31 -15.79
C ASP C 171 -11.23 -16.97 -14.68
N ASP C 172 -10.66 -17.04 -13.47
CA ASP C 172 -11.32 -17.64 -12.30
C ASP C 172 -12.20 -16.65 -11.53
N GLY C 173 -12.11 -15.36 -11.84
CA GLY C 173 -12.76 -14.31 -11.06
C GLY C 173 -11.88 -13.10 -10.83
N VAL C 174 -12.11 -12.45 -9.69
CA VAL C 174 -11.57 -11.13 -9.39
C VAL C 174 -10.84 -11.18 -8.04
N GLU C 175 -9.73 -10.44 -7.94
CA GLU C 175 -8.98 -10.31 -6.70
C GLU C 175 -8.67 -8.85 -6.42
N VAL C 176 -9.08 -8.37 -5.25
CA VAL C 176 -8.90 -6.98 -4.84
C VAL C 176 -7.87 -6.89 -3.71
N ALA C 177 -6.73 -6.28 -4.00
CA ALA C 177 -5.72 -5.98 -2.99
C ALA C 177 -6.14 -4.75 -2.18
N LEU C 178 -6.09 -4.87 -0.86
CA LEU C 178 -6.44 -3.78 0.06
C LEU C 178 -5.22 -3.37 0.88
N SER C 179 -5.06 -2.07 1.10
CA SER C 179 -4.00 -1.55 1.98
C SER C 179 -4.24 -2.02 3.41
N ASN C 180 -3.19 -2.52 4.06
CA ASN C 180 -3.25 -2.86 5.49
C ASN C 180 -4.26 -3.98 5.82
N ALA C 181 -4.53 -4.86 4.86
CA ALA C 181 -5.52 -5.94 5.02
C ALA C 181 -5.33 -7.03 3.95
N ALA C 182 -5.88 -8.21 4.20
CA ALA C 182 -5.75 -9.34 3.26
C ALA C 182 -6.55 -9.10 1.96
N PRO C 183 -6.14 -9.76 0.85
CA PRO C 183 -6.91 -9.60 -0.39
C PRO C 183 -8.26 -10.34 -0.35
N VAL C 184 -9.24 -9.80 -1.07
CA VAL C 184 -10.58 -10.39 -1.14
C VAL C 184 -10.86 -10.85 -2.57
N LYS C 185 -11.57 -11.97 -2.66
CA LYS C 185 -11.81 -12.63 -3.94
C LYS C 185 -13.31 -12.75 -4.19
N ALA C 186 -13.68 -12.61 -5.46
CA ALA C 186 -15.06 -12.76 -5.89
C ALA C 186 -15.15 -13.21 -7.35
N ALA C 187 -16.34 -13.65 -7.74
CA ALA C 187 -16.62 -14.05 -9.12
C ALA C 187 -16.92 -12.87 -10.04
N PHE C 188 -17.20 -11.70 -9.47
CA PHE C 188 -17.64 -10.53 -10.23
C PHE C 188 -17.45 -9.27 -9.39
N ILE C 189 -17.13 -8.16 -10.06
CA ILE C 189 -16.96 -6.88 -9.39
C ILE C 189 -17.81 -5.82 -10.10
N ILE C 190 -18.48 -4.97 -9.32
CA ILE C 190 -19.32 -3.90 -9.84
C ILE C 190 -18.82 -2.58 -9.30
N ASP C 191 -18.58 -1.61 -10.19
CA ASP C 191 -18.18 -0.26 -9.77
C ASP C 191 -19.40 0.66 -9.70
N ALA C 192 -19.79 0.99 -8.46
CA ALA C 192 -21.00 1.77 -8.19
C ALA C 192 -20.69 3.14 -7.58
N ALA C 193 -19.43 3.56 -7.66
CA ALA C 193 -19.00 4.83 -7.08
C ALA C 193 -18.83 5.85 -8.20
N ALA C 194 -18.39 7.04 -7.83
CA ALA C 194 -18.05 8.08 -8.80
C ALA C 194 -16.80 7.68 -9.59
N GLN C 195 -16.63 8.29 -10.77
CA GLN C 195 -15.48 7.98 -11.64
C GLN C 195 -14.15 8.22 -10.93
N GLY C 196 -13.18 7.36 -11.22
CA GLY C 196 -11.82 7.49 -10.68
C GLY C 196 -11.33 6.36 -9.78
N SER C 197 -12.14 5.32 -9.58
CA SER C 197 -11.68 4.13 -8.84
C SER C 197 -10.66 3.37 -9.70
N PRO C 198 -9.82 2.52 -9.08
CA PRO C 198 -8.80 1.82 -9.87
C PRO C 198 -9.36 0.99 -11.04
N LEU C 199 -10.50 0.33 -10.85
CA LEU C 199 -11.10 -0.50 -11.91
C LEU C 199 -11.41 0.30 -13.17
N SER C 200 -12.06 1.46 -13.01
CA SER C 200 -12.45 2.30 -14.15
C SER C 200 -11.23 2.80 -14.93
N ARG C 201 -10.20 3.21 -14.19
CA ARG C 201 -8.95 3.69 -14.79
C ARG C 201 -8.15 2.58 -15.51
N GLN C 202 -8.25 1.35 -15.01
CA GLN C 202 -7.55 0.19 -15.60
C GLN C 202 -8.01 -0.21 -17.00
N LEU C 203 -9.29 0.00 -17.30
CA LEU C 203 -9.94 -0.64 -18.46
C LEU C 203 -9.92 0.18 -19.76
N GLY C 204 -9.33 1.37 -19.74
CA GLY C 204 -9.24 2.22 -20.94
C GLY C 204 -10.14 3.43 -20.83
N LEU C 205 -9.58 4.62 -21.07
CA LEU C 205 -10.30 5.87 -21.03
C LEU C 205 -10.04 6.65 -22.32
N ARG C 206 -11.11 7.14 -22.95
CA ARG C 206 -11.01 8.01 -24.14
C ARG C 206 -11.33 9.45 -23.78
N THR C 207 -10.80 10.38 -24.56
CA THR C 207 -11.07 11.81 -24.38
C THR C 207 -12.50 12.11 -24.79
N THR C 208 -13.14 13.03 -24.06
CA THR C 208 -14.54 13.39 -24.27
C THR C 208 -14.65 14.63 -25.16
N THR C 213 -19.81 18.62 -23.87
CA THR C 213 -19.64 19.99 -23.38
C THR C 213 -18.63 20.04 -22.24
N ASP C 214 -17.85 21.12 -22.20
CA ASP C 214 -16.81 21.36 -21.20
C ASP C 214 -17.43 22.14 -20.02
N THR C 215 -17.57 21.49 -18.87
CA THR C 215 -18.37 22.00 -17.75
C THR C 215 -17.66 21.87 -16.39
N CYS C 216 -17.97 22.74 -15.44
CA CYS C 216 -17.47 22.55 -14.06
C CYS C 216 -18.43 23.12 -13.03
N SER C 217 -18.37 22.57 -11.82
CA SER C 217 -19.42 22.80 -10.82
C SER C 217 -18.88 23.19 -9.45
N PHE C 218 -19.70 23.96 -8.73
CA PHE C 218 -19.46 24.33 -7.34
C PHE C 218 -20.76 24.09 -6.61
N PHE C 219 -20.69 23.47 -5.43
CA PHE C 219 -21.89 23.17 -4.66
C PHE C 219 -21.68 23.06 -3.16
N THR C 220 -22.74 23.33 -2.41
CA THR C 220 -22.74 23.32 -0.95
C THR C 220 -24.17 23.20 -0.44
N HIS C 221 -24.31 23.20 0.88
CA HIS C 221 -25.60 23.37 1.56
C HIS C 221 -25.54 24.68 2.35
N MET C 222 -26.68 25.37 2.46
CA MET C 222 -26.77 26.67 3.17
C MET C 222 -27.98 26.79 4.12
N LEU C 223 -27.83 27.59 5.17
CA LEU C 223 -28.94 28.04 6.04
C LEU C 223 -29.49 29.37 5.55
N ASN C 224 -30.74 29.65 5.91
CA ASN C 224 -31.37 30.97 5.74
C ASN C 224 -31.38 31.50 4.30
N VAL C 225 -31.59 30.59 3.34
CA VAL C 225 -31.88 30.95 1.95
C VAL C 225 -33.34 31.36 1.87
N LYS C 226 -33.62 32.56 1.35
CA LYS C 226 -35.00 32.98 1.06
C LYS C 226 -35.58 32.10 -0.06
N SER C 227 -36.88 31.83 0.00
CA SER C 227 -37.61 31.20 -1.10
C SER C 227 -37.74 32.15 -2.30
N TYR C 228 -37.98 31.59 -3.48
CA TYR C 228 -38.22 32.39 -4.69
C TYR C 228 -39.40 33.35 -4.48
N GLU C 229 -40.46 32.86 -3.86
CA GLU C 229 -41.67 33.67 -3.60
C GLU C 229 -41.40 34.93 -2.75
N ASP C 230 -40.61 34.78 -1.69
CA ASP C 230 -40.25 35.89 -0.78
C ASP C 230 -39.19 36.84 -1.34
N ALA C 231 -38.23 36.31 -2.10
CA ALA C 231 -37.06 37.06 -2.56
C ALA C 231 -37.24 37.74 -3.92
N LEU C 232 -37.83 37.02 -4.88
CA LEU C 232 -37.94 37.49 -6.26
C LEU C 232 -39.35 37.94 -6.66
N ALA C 233 -40.30 37.02 -6.65
CA ALA C 233 -41.69 37.34 -7.00
C ALA C 233 -42.66 36.33 -6.44
N PRO C 234 -43.77 36.79 -5.82
CA PRO C 234 -44.75 35.87 -5.26
C PRO C 234 -45.64 35.18 -6.30
N LEU C 235 -46.47 34.26 -5.82
CA LEU C 235 -47.32 33.41 -6.68
C LEU C 235 -48.32 34.22 -7.53
N SER C 236 -48.86 35.30 -6.95
CA SER C 236 -49.75 36.22 -7.65
C SER C 236 -49.11 36.92 -8.86
N ARG C 237 -47.80 37.16 -8.81
CA ARG C 237 -47.06 37.79 -9.90
C ARG C 237 -46.72 36.80 -11.01
N THR C 238 -46.10 35.68 -10.65
CA THR C 238 -45.68 34.67 -11.64
C THR C 238 -46.83 33.91 -12.31
N ARG C 239 -47.97 33.80 -11.62
CA ARG C 239 -49.11 32.95 -12.04
C ARG C 239 -48.73 31.46 -12.09
N SER C 240 -47.72 31.06 -11.33
CA SER C 240 -47.25 29.67 -11.36
C SER C 240 -48.25 28.78 -10.62
N PRO C 241 -48.56 27.59 -11.19
CA PRO C 241 -49.47 26.67 -10.51
C PRO C 241 -48.85 26.03 -9.27
N ILE C 242 -47.53 26.19 -9.10
CA ILE C 242 -46.80 25.59 -8.01
C ILE C 242 -45.80 26.60 -7.45
N GLU C 243 -45.66 26.64 -6.13
CA GLU C 243 -44.64 27.43 -5.48
C GLU C 243 -43.28 26.91 -5.91
N LEU C 244 -42.38 27.81 -6.28
CA LEU C 244 -41.08 27.45 -6.84
C LEU C 244 -40.13 27.00 -5.71
N PHE C 245 -40.37 27.52 -4.51
CA PHE C 245 -39.85 26.96 -3.26
C PHE C 245 -40.14 25.47 -3.09
N LYS C 246 -41.29 25.01 -3.58
CA LYS C 246 -41.63 23.58 -3.56
C LYS C 246 -41.29 22.88 -4.89
N SER C 247 -40.19 23.31 -5.52
CA SER C 247 -39.74 22.76 -6.79
C SER C 247 -38.21 22.73 -6.86
N THR C 248 -37.70 21.97 -7.82
CA THR C 248 -36.29 22.00 -8.18
C THR C 248 -36.06 23.23 -9.08
N LEU C 249 -35.57 24.31 -8.46
CA LEU C 249 -35.37 25.60 -9.14
C LEU C 249 -33.99 25.72 -9.78
N HIS C 250 -33.98 25.76 -11.12
CA HIS C 250 -32.77 25.90 -11.91
C HIS C 250 -32.74 27.30 -12.51
N HIS C 251 -31.96 28.20 -11.92
CA HIS C 251 -31.72 29.51 -12.49
C HIS C 251 -30.80 29.38 -13.67
N ILE C 252 -31.22 29.88 -14.83
CA ILE C 252 -30.46 29.68 -16.07
C ILE C 252 -30.06 31.00 -16.73
N PHE C 253 -28.94 30.95 -17.44
CA PHE C 253 -28.34 32.11 -18.13
C PHE C 253 -27.33 31.56 -19.14
N GLU C 254 -26.80 32.40 -20.03
CA GLU C 254 -26.12 31.88 -21.23
C GLU C 254 -24.86 31.05 -20.95
N GLU C 255 -24.10 31.41 -19.92
CA GLU C 255 -22.85 30.69 -19.58
C GLU C 255 -23.04 29.52 -18.60
N GLY C 256 -24.21 29.42 -17.95
CA GLY C 256 -24.37 28.39 -16.95
C GLY C 256 -25.69 28.36 -16.25
N TRP C 257 -25.74 27.70 -15.10
CA TRP C 257 -26.95 27.62 -14.28
C TRP C 257 -26.63 27.42 -12.81
N LEU C 258 -27.55 27.87 -11.96
CA LEU C 258 -27.47 27.71 -10.51
C LEU C 258 -28.75 27.04 -10.02
N TRP C 259 -28.61 26.11 -9.07
CA TRP C 259 -29.77 25.38 -8.53
C TRP C 259 -30.10 25.80 -7.10
N VAL C 260 -31.39 25.88 -6.79
CA VAL C 260 -31.89 26.02 -5.42
C VAL C 260 -32.76 24.78 -5.18
N ILE C 261 -32.31 23.91 -4.27
CA ILE C 261 -32.98 22.63 -3.96
C ILE C 261 -33.24 22.57 -2.44
N PRO C 262 -34.41 23.07 -1.99
CA PRO C 262 -34.71 23.10 -0.56
C PRO C 262 -35.05 21.73 0.06
N PHE C 263 -34.59 21.52 1.29
CA PHE C 263 -35.07 20.41 2.14
C PHE C 263 -36.04 20.92 3.21
N ASN C 264 -36.22 22.23 3.30
CA ASN C 264 -36.97 22.86 4.40
C ASN C 264 -38.35 23.36 3.98
N ASN C 265 -38.95 22.72 2.98
CA ASN C 265 -40.07 23.30 2.22
C ASN C 265 -41.41 22.56 2.36
N HIS C 266 -41.66 21.98 3.53
CA HIS C 266 -42.86 21.19 3.77
C HIS C 266 -43.09 21.06 5.29
N PRO C 267 -44.37 21.09 5.76
CA PRO C 267 -44.68 21.12 7.21
C PRO C 267 -44.04 20.04 8.09
N GLN C 268 -44.11 18.78 7.65
CA GLN C 268 -43.52 17.66 8.40
C GLN C 268 -41.98 17.62 8.39
N GLY C 269 -41.34 18.31 7.44
CA GLY C 269 -39.89 18.24 7.27
C GLY C 269 -39.09 19.17 8.20
N THR C 270 -38.12 18.59 8.91
CA THR C 270 -37.33 19.29 9.93
C THR C 270 -35.97 19.80 9.45
N ASN C 271 -35.54 19.40 8.25
CA ASN C 271 -34.25 19.85 7.70
C ASN C 271 -34.24 21.36 7.47
N GLN C 272 -33.21 22.04 7.96
CA GLN C 272 -33.07 23.51 7.86
C GLN C 272 -32.26 23.98 6.66
N LEU C 273 -31.78 23.04 5.83
CA LEU C 273 -30.83 23.38 4.77
C LEU C 273 -31.48 23.50 3.41
N CYS C 274 -30.81 24.24 2.53
N CYS C 274 -30.82 24.27 2.53
CA CYS C 274 -31.10 24.23 1.11
CA CYS C 274 -31.09 24.36 1.10
C CYS C 274 -29.81 23.84 0.40
C CYS C 274 -29.81 23.86 0.40
N SER C 275 -29.93 23.04 -0.65
CA SER C 275 -28.78 22.65 -1.47
C SER C 275 -28.63 23.66 -2.59
N ILE C 276 -27.42 24.20 -2.73
CA ILE C 276 -27.12 25.28 -3.65
C ILE C 276 -25.90 24.87 -4.47
N GLY C 277 -26.01 24.99 -5.78
CA GLY C 277 -24.89 24.74 -6.66
C GLY C 277 -24.98 25.57 -7.91
N PHE C 278 -23.83 25.80 -8.54
CA PHE C 278 -23.79 26.45 -9.83
C PHE C 278 -22.73 25.80 -10.71
N GLN C 279 -22.93 25.95 -12.01
CA GLN C 279 -22.16 25.22 -13.00
C GLN C 279 -21.94 26.12 -14.20
N PHE C 280 -20.77 26.04 -14.81
CA PHE C 280 -20.42 26.87 -15.95
C PHE C 280 -20.08 26.04 -17.18
N ASN C 281 -20.51 26.54 -18.34
CA ASN C 281 -20.02 26.08 -19.64
C ASN C 281 -18.72 26.83 -19.90
N ASN C 282 -17.60 26.11 -19.87
CA ASN C 282 -16.24 26.72 -19.95
C ASN C 282 -15.89 27.37 -21.30
N ALA C 283 -16.61 27.02 -22.36
CA ALA C 283 -16.53 27.74 -23.64
C ALA C 283 -17.02 29.21 -23.57
N LYS C 284 -17.88 29.54 -22.59
CA LYS C 284 -18.39 30.90 -22.39
C LYS C 284 -17.90 31.60 -21.11
N TYR C 285 -17.48 30.86 -20.09
CA TYR C 285 -16.90 31.44 -18.88
C TYR C 285 -16.02 30.43 -18.16
N ARG C 286 -14.76 30.78 -17.94
CA ARG C 286 -13.82 29.96 -17.17
C ARG C 286 -13.67 30.55 -15.77
N PRO C 287 -14.12 29.82 -14.71
CA PRO C 287 -13.90 30.33 -13.36
C PRO C 287 -12.42 30.30 -13.01
N THR C 288 -11.97 31.33 -12.31
CA THR C 288 -10.54 31.56 -12.04
C THR C 288 -10.15 31.65 -10.56
N GLU C 289 -11.09 31.98 -9.66
CA GLU C 289 -10.81 32.18 -8.24
C GLU C 289 -11.49 31.09 -7.37
N ALA C 290 -11.36 31.20 -6.04
CA ALA C 290 -11.92 30.21 -5.10
C ALA C 290 -13.46 30.25 -5.09
N PRO C 291 -14.12 29.14 -4.66
CA PRO C 291 -15.58 28.99 -4.82
C PRO C 291 -16.45 30.14 -4.27
N GLU C 292 -16.17 30.59 -3.06
CA GLU C 292 -16.95 31.67 -2.43
C GLU C 292 -16.83 32.98 -3.22
N ILE C 293 -15.64 33.24 -3.76
CA ILE C 293 -15.40 34.42 -4.59
C ILE C 293 -16.17 34.30 -5.91
N GLU C 294 -16.13 33.11 -6.53
CA GLU C 294 -16.90 32.84 -7.74
C GLU C 294 -18.40 32.96 -7.51
N PHE C 295 -18.86 32.51 -6.34
CA PHE C 295 -20.27 32.60 -5.97
C PHE C 295 -20.72 34.05 -5.86
N ARG C 296 -19.96 34.87 -5.13
CA ARG C 296 -20.28 36.30 -4.96
C ARG C 296 -20.19 37.11 -6.27
N LYS C 297 -19.29 36.71 -7.18
CA LYS C 297 -19.23 37.31 -8.52
C LYS C 297 -20.47 37.01 -9.35
N LEU C 298 -20.95 35.76 -9.27
CA LEU C 298 -22.18 35.36 -9.96
C LEU C 298 -23.40 36.13 -9.48
N LEU C 299 -23.51 36.35 -8.18
CA LEU C 299 -24.61 37.13 -7.59
C LEU C 299 -24.57 38.61 -7.98
N LYS C 300 -23.38 39.19 -8.01
CA LYS C 300 -23.16 40.55 -8.52
C LYS C 300 -23.57 40.66 -9.99
N LYS C 301 -23.29 39.62 -10.77
CA LYS C 301 -23.71 39.54 -12.18
C LYS C 301 -25.23 39.42 -12.35
N TYR C 302 -25.86 38.59 -11.51
CA TYR C 302 -27.31 38.36 -11.59
C TYR C 302 -27.96 38.71 -10.25
N PRO C 303 -28.09 40.02 -9.95
CA PRO C 303 -28.66 40.45 -8.65
C PRO C 303 -30.01 39.82 -8.28
N ALA C 304 -30.80 39.43 -9.26
CA ALA C 304 -32.03 38.66 -9.03
C ALA C 304 -31.75 37.32 -8.31
N ILE C 305 -30.69 36.63 -8.72
CA ILE C 305 -30.28 35.39 -8.06
C ILE C 305 -29.84 35.71 -6.63
N GLY C 306 -29.08 36.81 -6.49
CA GLY C 306 -28.59 37.28 -5.20
C GLY C 306 -29.64 37.58 -4.14
N GLU C 307 -30.87 37.88 -4.56
CA GLU C 307 -31.94 38.16 -3.61
C GLU C 307 -32.33 36.92 -2.75
N HIS C 308 -32.00 35.72 -3.22
CA HIS C 308 -32.07 34.50 -2.40
C HIS C 308 -31.16 34.50 -1.15
N PHE C 309 -30.01 35.15 -1.23
CA PHE C 309 -28.89 34.90 -0.32
C PHE C 309 -28.49 36.05 0.61
N LYS C 310 -29.33 37.06 0.79
CA LYS C 310 -28.99 38.23 1.62
C LYS C 310 -28.54 37.87 3.05
N ASP C 311 -29.31 37.01 3.72
CA ASP C 311 -29.03 36.59 5.10
C ASP C 311 -28.55 35.13 5.20
N ALA C 312 -28.12 34.54 4.07
CA ALA C 312 -27.74 33.14 4.03
C ALA C 312 -26.30 32.95 4.49
N VAL C 313 -26.03 31.81 5.15
CA VAL C 313 -24.69 31.40 5.54
C VAL C 313 -24.44 29.99 5.09
N ASN C 314 -23.17 29.66 4.97
CA ASN C 314 -22.74 28.37 4.46
C ASN C 314 -22.68 27.37 5.61
N ALA C 315 -23.26 26.18 5.41
CA ALA C 315 -23.29 25.11 6.43
C ALA C 315 -22.25 24.01 6.22
N ARG C 316 -21.42 24.15 5.20
CA ARG C 316 -20.28 23.25 4.97
C ARG C 316 -19.33 23.93 3.99
N GLU C 317 -18.20 23.30 3.69
CA GLU C 317 -17.24 23.86 2.75
C GLU C 317 -17.79 23.70 1.33
N TRP C 318 -17.56 24.70 0.48
CA TRP C 318 -17.86 24.57 -0.94
C TRP C 318 -17.07 23.39 -1.50
N ILE C 319 -17.68 22.64 -2.39
CA ILE C 319 -17.01 21.58 -3.14
C ILE C 319 -16.79 22.08 -4.56
N TYR C 320 -15.58 21.91 -5.07
CA TYR C 320 -15.28 22.16 -6.48
C TYR C 320 -15.14 20.81 -7.21
N ALA C 321 -16.04 20.54 -8.14
CA ALA C 321 -15.94 19.39 -9.04
C ALA C 321 -15.51 19.90 -10.42
N PRO C 322 -14.24 19.69 -10.81
CA PRO C 322 -13.82 20.07 -12.17
C PRO C 322 -14.30 19.06 -13.19
N ARG C 323 -14.29 19.41 -14.47
CA ARG C 323 -14.65 18.43 -15.51
C ARG C 323 -13.63 17.30 -15.51
N ILE C 324 -14.13 16.08 -15.62
CA ILE C 324 -13.27 14.91 -15.76
C ILE C 324 -13.03 14.82 -17.27
N ASN C 325 -11.76 14.73 -17.64
CA ASN C 325 -11.35 14.89 -19.03
C ASN C 325 -11.69 13.67 -19.88
N TYR C 326 -11.88 12.51 -19.24
CA TYR C 326 -12.00 11.23 -19.92
C TYR C 326 -13.30 10.51 -19.59
N ARG C 327 -13.54 9.44 -20.33
CA ARG C 327 -14.73 8.61 -20.20
C ARG C 327 -14.38 7.17 -20.56
N SER C 328 -15.05 6.20 -19.94
CA SER C 328 -14.78 4.80 -20.19
C SER C 328 -15.15 4.36 -21.61
N VAL C 329 -14.40 3.39 -22.13
CA VAL C 329 -14.64 2.80 -23.45
C VAL C 329 -15.78 1.80 -23.35
N GLN C 330 -15.72 0.93 -22.34
CA GLN C 330 -16.68 -0.14 -22.14
C GLN C 330 -17.25 -0.14 -20.71
N ASN C 331 -18.47 -0.63 -20.59
CA ASN C 331 -19.14 -0.81 -19.31
C ASN C 331 -18.84 -2.18 -18.70
N VAL C 332 -18.91 -3.22 -19.53
CA VAL C 332 -19.00 -4.59 -19.04
C VAL C 332 -17.88 -5.46 -19.63
N GLY C 333 -17.56 -6.51 -18.89
CA GLY C 333 -16.63 -7.54 -19.35
C GLY C 333 -17.00 -8.89 -18.76
N ASP C 334 -16.14 -9.87 -19.00
CA ASP C 334 -16.36 -11.23 -18.50
C ASP C 334 -16.68 -11.21 -17.01
N ARG C 335 -15.94 -10.40 -16.24
CA ARG C 335 -16.01 -10.45 -14.78
C ARG C 335 -16.16 -9.09 -14.09
N PHE C 336 -16.66 -8.08 -14.82
CA PHE C 336 -16.93 -6.75 -14.24
C PHE C 336 -18.10 -6.01 -14.88
N CYS C 337 -18.62 -5.03 -14.15
CA CYS C 337 -19.52 -4.01 -14.71
C CYS C 337 -19.24 -2.66 -14.08
N LEU C 338 -19.17 -1.63 -14.93
CA LEU C 338 -19.11 -0.24 -14.50
C LEU C 338 -20.51 0.29 -14.61
N LEU C 339 -21.10 0.70 -13.48
CA LEU C 339 -22.38 1.41 -13.50
C LEU C 339 -22.14 2.80 -14.12
N PRO C 340 -23.21 3.43 -14.68
CA PRO C 340 -23.02 4.66 -15.47
C PRO C 340 -22.16 5.75 -14.83
N GLN C 341 -22.31 5.97 -13.52
CA GLN C 341 -21.60 7.07 -12.85
C GLN C 341 -20.08 6.86 -12.83
N ALA C 342 -19.64 5.61 -12.78
CA ALA C 342 -18.22 5.25 -12.84
C ALA C 342 -17.62 5.38 -14.24
N THR C 343 -18.46 5.36 -15.29
CA THR C 343 -18.03 5.52 -16.68
C THR C 343 -17.74 6.98 -17.07
N GLY C 344 -18.25 7.94 -16.31
CA GLY C 344 -18.12 9.36 -16.66
C GLY C 344 -19.04 10.26 -15.87
N PHE C 345 -18.75 11.56 -15.90
CA PHE C 345 -19.61 12.60 -15.32
C PHE C 345 -20.93 12.66 -16.10
N ILE C 346 -22.05 12.44 -15.41
CA ILE C 346 -23.38 12.64 -15.99
C ILE C 346 -23.87 14.00 -15.51
N ASP C 347 -24.08 14.91 -16.45
CA ASP C 347 -24.47 16.29 -16.12
C ASP C 347 -25.83 16.30 -15.40
N PRO C 348 -25.92 16.93 -14.20
CA PRO C 348 -27.16 16.90 -13.41
C PRO C 348 -28.31 17.87 -13.80
N LEU C 349 -28.18 18.62 -14.90
CA LEU C 349 -29.18 19.61 -15.31
C LEU C 349 -30.64 19.11 -15.33
N PHE C 350 -30.84 17.88 -15.77
CA PHE C 350 -32.18 17.27 -15.78
C PHE C 350 -32.29 16.06 -14.86
N SER C 351 -31.29 15.87 -13.99
CA SER C 351 -31.22 14.78 -13.02
C SER C 351 -31.34 13.39 -13.64
N ARG C 352 -30.70 13.20 -14.79
CA ARG C 352 -30.66 11.89 -15.46
C ARG C 352 -29.70 10.90 -14.76
N GLY C 353 -28.84 11.39 -13.86
CA GLY C 353 -27.88 10.54 -13.14
C GLY C 353 -28.54 9.42 -12.36
N LEU C 354 -29.45 9.76 -11.45
CA LEU C 354 -30.22 8.77 -10.70
C LEU C 354 -31.02 7.86 -11.61
N ILE C 355 -31.58 8.41 -12.69
CA ILE C 355 -32.42 7.65 -13.60
C ILE C 355 -31.62 6.54 -14.26
N THR C 356 -30.50 6.90 -14.87
CA THR C 356 -29.72 5.91 -15.62
C THR C 356 -29.03 4.90 -14.69
N THR C 357 -28.63 5.34 -13.50
CA THR C 357 -28.07 4.44 -12.48
C THR C 357 -29.07 3.36 -12.08
N PHE C 358 -30.26 3.77 -11.66
CA PHE C 358 -31.28 2.82 -11.20
C PHE C 358 -31.74 1.87 -12.30
N GLU C 359 -31.87 2.35 -13.53
CA GLU C 359 -32.23 1.48 -14.66
C GLU C 359 -31.11 0.50 -15.00
N SER C 360 -29.86 0.95 -14.90
CA SER C 360 -28.70 0.08 -15.09
C SER C 360 -28.67 -1.06 -14.05
N ILE C 361 -28.93 -0.74 -12.79
CA ILE C 361 -29.00 -1.75 -11.73
C ILE C 361 -30.13 -2.72 -12.03
N LEU C 362 -31.25 -2.19 -12.50
CA LEU C 362 -32.43 -3.01 -12.80
C LEU C 362 -32.19 -3.99 -13.95
N ARG C 363 -31.41 -3.56 -14.94
CA ARG C 363 -31.00 -4.43 -16.07
C ARG C 363 -29.91 -5.42 -15.72
N LEU C 364 -28.91 -4.95 -14.96
CA LEU C 364 -27.72 -5.75 -14.64
C LEU C 364 -28.02 -6.88 -13.64
N ALA C 365 -28.74 -6.57 -12.58
CA ALA C 365 -28.88 -7.51 -11.45
C ALA C 365 -29.37 -8.91 -11.84
N PRO C 366 -30.46 -9.02 -12.63
CA PRO C 366 -30.91 -10.37 -13.08
C PRO C 366 -29.87 -11.13 -13.90
N LYS C 367 -29.04 -10.40 -14.64
CA LYS C 367 -27.99 -11.02 -15.43
C LYS C 367 -26.83 -11.50 -14.56
N VAL C 368 -26.56 -10.79 -13.46
CA VAL C 368 -25.56 -11.24 -12.48
C VAL C 368 -26.06 -12.47 -11.74
N LEU C 369 -27.35 -12.49 -11.40
CA LEU C 369 -27.98 -13.68 -10.79
C LEU C 369 -27.87 -14.90 -11.70
N ASP C 370 -28.25 -14.75 -12.96
CA ASP C 370 -28.20 -15.85 -13.93
C ASP C 370 -26.79 -16.37 -14.14
N ALA C 371 -25.81 -15.46 -14.08
CA ALA C 371 -24.39 -15.81 -14.16
C ALA C 371 -23.93 -16.59 -12.93
N ALA C 372 -24.35 -16.16 -11.75
CA ALA C 372 -23.98 -16.85 -10.51
C ALA C 372 -24.65 -18.21 -10.39
N ARG C 373 -25.91 -18.30 -10.82
CA ARG C 373 -26.67 -19.56 -10.79
C ARG C 373 -26.10 -20.64 -11.74
N SER C 374 -25.74 -20.23 -12.95
CA SER C 374 -25.21 -21.13 -13.99
C SER C 374 -23.68 -21.21 -14.05
N ASN C 375 -22.99 -20.34 -13.32
CA ASN C 375 -21.52 -20.24 -13.34
C ASN C 375 -20.90 -19.95 -14.73
N ARG C 376 -21.55 -19.07 -15.47
CA ARG C 376 -21.06 -18.61 -16.78
C ARG C 376 -20.81 -17.11 -16.66
N TRP C 377 -19.62 -16.68 -17.07
CA TRP C 377 -19.16 -15.31 -16.90
C TRP C 377 -18.51 -14.80 -18.18
N GLN C 378 -19.36 -14.33 -19.10
CA GLN C 378 -18.91 -13.87 -20.41
C GLN C 378 -19.45 -12.46 -20.65
N ARG C 379 -18.65 -11.64 -21.34
CA ARG C 379 -19.03 -10.26 -21.69
C ARG C 379 -20.36 -10.18 -22.45
N GLU C 380 -20.52 -11.05 -23.46
CA GLU C 380 -21.74 -11.14 -24.28
C GLU C 380 -23.04 -11.25 -23.46
N GLN C 381 -22.98 -11.86 -22.28
CA GLN C 381 -24.15 -11.96 -21.40
C GLN C 381 -24.67 -10.62 -20.86
N PHE C 382 -23.79 -9.63 -20.75
CA PHE C 382 -24.10 -8.33 -20.14
C PHE C 382 -24.14 -7.18 -21.16
N ILE C 383 -24.21 -7.48 -22.45
CA ILE C 383 -24.03 -6.46 -23.50
C ILE C 383 -25.15 -5.39 -23.51
N GLU C 384 -26.38 -5.80 -23.21
CA GLU C 384 -27.51 -4.86 -23.15
C GLU C 384 -27.38 -3.81 -22.03
N VAL C 385 -26.63 -4.14 -20.98
CA VAL C 385 -26.31 -3.17 -19.92
C VAL C 385 -25.35 -2.09 -20.45
N GLU C 386 -24.41 -2.48 -21.31
CA GLU C 386 -23.50 -1.54 -21.96
C GLU C 386 -24.26 -0.66 -22.96
N ARG C 387 -25.05 -1.30 -23.81
CA ARG C 387 -25.88 -0.62 -24.79
C ARG C 387 -26.77 0.44 -24.14
N HIS C 388 -27.37 0.09 -23.01
CA HIS C 388 -28.15 1.04 -22.23
C HIS C 388 -27.29 2.24 -21.82
N CYS C 389 -26.13 1.96 -21.27
CA CYS C 389 -25.22 3.00 -20.78
C CYS C 389 -24.66 3.89 -21.90
N LEU C 390 -24.22 3.29 -23.00
CA LEU C 390 -23.76 4.05 -24.18
C LEU C 390 -24.81 5.05 -24.67
N ASN C 391 -26.02 4.56 -24.90
CA ASN C 391 -27.11 5.40 -25.41
C ASN C 391 -27.55 6.47 -24.40
N ALA C 392 -27.49 6.15 -23.12
CA ALA C 392 -27.92 7.05 -22.04
C ALA C 392 -26.96 8.22 -21.80
N VAL C 393 -25.66 8.00 -21.97
CA VAL C 393 -24.69 9.11 -21.90
C VAL C 393 -24.76 9.99 -23.15
N ALA C 394 -24.93 9.37 -24.32
CA ALA C 394 -25.17 10.11 -25.57
C ALA C 394 -26.43 10.98 -25.47
N THR C 395 -27.53 10.40 -24.97
CA THR C 395 -28.80 11.12 -24.81
C THR C 395 -28.64 12.33 -23.89
N ASN C 396 -28.06 12.14 -22.71
CA ASN C 396 -27.87 13.25 -21.77
C ASN C 396 -26.85 14.27 -22.27
N ASP C 397 -25.77 13.82 -22.92
CA ASP C 397 -24.84 14.72 -23.63
C ASP C 397 -25.57 15.63 -24.61
N GLN C 398 -26.39 15.03 -25.48
CA GLN C 398 -27.13 15.79 -26.48
C GLN C 398 -28.13 16.74 -25.82
N LEU C 399 -28.86 16.22 -24.85
CA LEU C 399 -29.88 16.97 -24.10
C LEU C 399 -29.30 18.23 -23.46
N VAL C 400 -28.17 18.05 -22.80
CA VAL C 400 -27.47 19.13 -22.12
C VAL C 400 -26.78 20.09 -23.11
N SER C 401 -26.14 19.55 -24.14
CA SER C 401 -25.56 20.35 -25.23
C SER C 401 -26.58 21.30 -25.87
N CYS C 402 -27.75 20.75 -26.22
CA CYS C 402 -28.85 21.54 -26.74
C CYS C 402 -29.30 22.59 -25.75
N SER C 403 -29.43 22.19 -24.49
CA SER C 403 -29.89 23.07 -23.42
C SER C 403 -28.96 24.26 -23.18
N TYR C 404 -27.65 24.00 -23.15
CA TYR C 404 -26.65 25.08 -22.98
C TYR C 404 -26.68 26.11 -24.13
N GLU C 405 -27.05 25.67 -25.34
CA GLU C 405 -27.27 26.59 -26.46
C GLU C 405 -28.57 27.39 -26.27
N ALA C 406 -29.63 26.70 -25.88
CA ALA C 406 -30.95 27.32 -25.61
C ALA C 406 -30.96 28.35 -24.46
N PHE C 407 -29.97 28.29 -23.56
CA PHE C 407 -29.81 29.31 -22.51
C PHE C 407 -29.52 30.73 -23.06
N SER C 408 -29.10 30.82 -24.33
CA SER C 408 -28.92 32.08 -25.05
C SER C 408 -30.10 33.06 -24.97
N ASP C 409 -31.32 32.54 -25.09
CA ASP C 409 -32.53 33.35 -25.12
C ASP C 409 -33.67 32.62 -24.42
N PHE C 410 -34.51 33.35 -23.70
CA PHE C 410 -35.63 32.71 -22.99
C PHE C 410 -36.63 32.05 -23.94
N HIS C 411 -37.06 32.76 -24.99
CA HIS C 411 -38.09 32.23 -25.89
C HIS C 411 -37.62 30.95 -26.59
N LEU C 412 -36.33 30.88 -26.93
CA LEU C 412 -35.70 29.67 -27.43
C LEU C 412 -35.72 28.55 -26.38
N TRP C 413 -35.40 28.89 -25.13
CA TRP C 413 -35.47 27.92 -24.03
C TRP C 413 -36.90 27.46 -23.80
N ASN C 414 -37.84 28.40 -23.81
CA ASN C 414 -39.24 28.08 -23.60
C ASN C 414 -39.72 27.03 -24.62
N VAL C 415 -39.35 27.20 -25.89
CA VAL C 415 -39.72 26.23 -26.93
C VAL C 415 -38.92 24.92 -26.76
N TRP C 416 -37.63 25.05 -26.44
CA TRP C 416 -36.74 23.91 -26.27
C TRP C 416 -37.15 22.93 -25.14
N HIS C 417 -37.57 23.45 -23.99
CA HIS C 417 -37.88 22.58 -22.84
C HIS C 417 -39.04 21.59 -23.11
N ARG C 418 -39.90 21.94 -24.06
CA ARG C 418 -40.98 21.04 -24.48
C ARG C 418 -40.49 19.74 -25.15
N VAL C 419 -39.32 19.78 -25.78
CA VAL C 419 -38.70 18.58 -26.36
C VAL C 419 -38.29 17.62 -25.24
N TRP C 420 -37.54 18.11 -24.26
CA TRP C 420 -37.19 17.33 -23.07
C TRP C 420 -38.43 16.79 -22.35
N LEU C 421 -39.35 17.71 -22.03
CA LEU C 421 -40.55 17.41 -21.24
C LEU C 421 -41.40 16.30 -21.88
N SER C 422 -41.67 16.42 -23.18
CA SER C 422 -42.46 15.42 -23.90
C SER C 422 -41.75 14.06 -23.99
N GLY C 423 -40.42 14.08 -24.12
CA GLY C 423 -39.64 12.84 -24.07
C GLY C 423 -39.70 12.18 -22.70
N SER C 424 -39.47 12.99 -21.68
CA SER C 424 -39.52 12.56 -20.28
C SER C 424 -40.89 11.98 -19.89
N ASN C 425 -41.97 12.68 -20.27
CA ASN C 425 -43.35 12.22 -20.00
C ASN C 425 -43.65 10.86 -20.63
N LEU C 426 -43.25 10.69 -21.90
CA LEU C 426 -43.38 9.39 -22.58
C LEU C 426 -42.63 8.26 -21.89
N GLY C 427 -41.42 8.56 -21.40
CA GLY C 427 -40.59 7.57 -20.71
C GLY C 427 -41.16 7.18 -19.36
N SER C 428 -41.64 8.19 -18.62
CA SER C 428 -42.35 8.00 -17.35
C SER C 428 -43.59 7.13 -17.48
N ALA C 429 -44.42 7.44 -18.49
CA ALA C 429 -45.60 6.64 -18.82
C ALA C 429 -45.27 5.19 -19.22
N PHE C 430 -44.12 5.01 -19.88
CA PHE C 430 -43.68 3.67 -20.25
C PHE C 430 -43.24 2.87 -19.02
N LEU C 431 -42.47 3.49 -18.14
CA LEU C 431 -42.05 2.85 -16.89
C LEU C 431 -43.25 2.57 -15.98
N GLN C 432 -44.18 3.51 -15.90
CA GLN C 432 -45.43 3.32 -15.16
C GLN C 432 -46.21 2.06 -15.59
N LYS C 433 -46.31 1.87 -16.91
CA LYS C 433 -46.97 0.71 -17.51
C LYS C 433 -46.27 -0.60 -17.15
N LEU C 434 -44.94 -0.62 -17.29
CA LEU C 434 -44.14 -1.78 -16.89
C LEU C 434 -44.33 -2.15 -15.42
N LEU C 435 -44.42 -1.13 -14.56
CA LEU C 435 -44.70 -1.33 -13.14
C LEU C 435 -46.10 -1.87 -12.92
N HIS C 436 -47.08 -1.32 -13.62
CA HIS C 436 -48.47 -1.79 -13.51
C HIS C 436 -48.59 -3.26 -13.89
N ASP C 437 -47.98 -3.63 -15.00
CA ASP C 437 -47.98 -5.03 -15.46
C ASP C 437 -47.24 -5.96 -14.51
N LEU C 438 -46.16 -5.48 -13.89
CA LEU C 438 -45.42 -6.28 -12.92
C LEU C 438 -46.21 -6.49 -11.63
N GLU C 439 -46.80 -5.41 -11.11
CA GLU C 439 -47.66 -5.48 -9.93
C GLU C 439 -48.77 -6.52 -10.15
N HIS C 440 -49.50 -6.37 -11.24
CA HIS C 440 -50.69 -7.20 -11.53
C HIS C 440 -50.39 -8.65 -11.88
N SER C 441 -49.36 -8.88 -12.70
CA SER C 441 -48.99 -10.24 -13.12
C SER C 441 -48.04 -10.97 -12.16
N GLY C 442 -47.10 -10.21 -11.56
CA GLY C 442 -46.03 -10.78 -10.76
C GLY C 442 -44.88 -11.39 -11.54
N ASP C 443 -44.95 -11.38 -12.88
CA ASP C 443 -44.02 -12.15 -13.71
C ASP C 443 -42.71 -11.38 -13.89
N ALA C 444 -41.67 -11.83 -13.18
CA ALA C 444 -40.36 -11.19 -13.21
C ALA C 444 -39.65 -11.35 -14.55
N ARG C 445 -39.74 -12.55 -15.12
CA ARG C 445 -39.16 -12.87 -16.44
C ARG C 445 -39.73 -11.99 -17.55
N GLN C 446 -41.06 -11.84 -17.54
CA GLN C 446 -41.81 -10.96 -18.46
C GLN C 446 -41.35 -9.50 -18.38
N PHE C 447 -41.16 -9.00 -17.16
CA PHE C 447 -40.69 -7.61 -16.97
C PHE C 447 -39.29 -7.38 -17.55
N ASP C 448 -38.35 -8.28 -17.24
CA ASP C 448 -36.97 -8.16 -17.73
C ASP C 448 -36.93 -8.18 -19.26
N ALA C 449 -37.72 -9.06 -19.86
CA ALA C 449 -37.83 -9.14 -21.32
C ALA C 449 -38.42 -7.85 -21.90
N ALA C 450 -39.50 -7.36 -21.31
CA ALA C 450 -40.14 -6.11 -21.74
C ALA C 450 -39.20 -4.91 -21.68
N LEU C 451 -38.45 -4.78 -20.59
CA LEU C 451 -37.48 -3.68 -20.45
C LEU C 451 -36.33 -3.79 -21.46
N GLU C 452 -35.86 -5.02 -21.71
CA GLU C 452 -34.82 -5.30 -22.71
C GLU C 452 -35.32 -5.16 -24.16
N ALA C 453 -36.62 -5.37 -24.39
CA ALA C 453 -37.21 -5.33 -25.74
C ALA C 453 -37.48 -3.92 -26.28
N VAL C 454 -37.34 -2.88 -25.45
CA VAL C 454 -37.59 -1.51 -25.90
C VAL C 454 -36.64 -1.12 -27.04
N ARG C 455 -37.16 -0.34 -28.00
CA ARG C 455 -36.40 0.01 -29.20
C ARG C 455 -35.27 1.00 -28.98
N PHE C 456 -35.37 1.84 -27.93
CA PHE C 456 -34.40 2.90 -27.67
C PHE C 456 -33.97 2.95 -26.19
N PRO C 457 -33.25 1.89 -25.72
CA PRO C 457 -32.92 1.65 -24.31
C PRO C 457 -32.56 2.87 -23.43
N GLY C 458 -31.58 3.66 -23.85
CA GLY C 458 -31.08 4.78 -23.05
C GLY C 458 -31.71 6.13 -23.36
N CYS C 459 -32.62 6.16 -24.33
CA CYS C 459 -33.23 7.41 -24.78
C CYS C 459 -34.41 7.81 -23.88
N LEU C 460 -34.87 9.05 -24.02
CA LEU C 460 -35.89 9.62 -23.13
C LEU C 460 -37.23 8.91 -23.15
N SER C 461 -37.70 8.53 -24.35
CA SER C 461 -39.01 7.89 -24.50
C SER C 461 -38.99 6.39 -24.21
N LEU C 462 -37.80 5.79 -24.29
CA LEU C 462 -37.57 4.35 -24.22
C LEU C 462 -38.03 3.60 -25.48
N ASP C 463 -39.25 3.85 -25.96
CA ASP C 463 -39.85 3.04 -27.05
C ASP C 463 -40.65 3.79 -28.15
N SER C 464 -40.56 5.12 -28.22
CA SER C 464 -41.33 5.88 -29.22
C SER C 464 -40.46 6.28 -30.42
N PRO C 465 -40.67 5.65 -31.60
CA PRO C 465 -39.85 6.04 -32.76
C PRO C 465 -40.07 7.49 -33.22
N ALA C 466 -41.30 7.99 -33.07
CA ALA C 466 -41.65 9.36 -33.44
C ALA C 466 -41.04 10.41 -32.51
N TYR C 467 -41.01 10.14 -31.20
CA TYR C 467 -40.33 11.07 -30.30
C TYR C 467 -38.84 11.14 -30.62
N GLU C 468 -38.21 9.99 -30.81
CA GLU C 468 -36.76 9.94 -31.04
C GLU C 468 -36.35 10.58 -32.36
N SER C 469 -37.25 10.55 -33.34
CA SER C 469 -37.12 11.36 -34.55
C SER C 469 -37.20 12.86 -34.22
N LEU C 470 -38.21 13.27 -33.44
CA LEU C 470 -38.29 14.65 -32.94
C LEU C 470 -37.02 15.10 -32.22
N PHE C 471 -36.46 14.21 -31.39
CA PHE C 471 -35.26 14.52 -30.59
C PHE C 471 -34.00 14.66 -31.44
N ARG C 472 -33.81 13.71 -32.36
CA ARG C 472 -32.70 13.75 -33.32
C ARG C 472 -32.74 15.00 -34.22
N GLN C 473 -33.93 15.36 -34.70
CA GLN C 473 -34.10 16.53 -35.57
C GLN C 473 -33.97 17.86 -34.80
N SER C 474 -34.46 17.88 -33.55
CA SER C 474 -34.30 19.05 -32.68
C SER C 474 -32.83 19.36 -32.40
N CYS C 475 -32.06 18.32 -32.04
CA CYS C 475 -30.61 18.43 -31.84
C CYS C 475 -29.91 19.00 -33.08
N GLN C 476 -30.31 18.53 -34.25
CA GLN C 476 -29.72 18.97 -35.52
C GLN C 476 -30.00 20.44 -35.81
N VAL C 477 -31.20 20.92 -35.43
CA VAL C 477 -31.53 22.34 -35.53
C VAL C 477 -30.71 23.18 -34.54
N MET C 478 -30.58 22.72 -33.30
CA MET C 478 -29.80 23.42 -32.29
C MET C 478 -28.29 23.44 -32.58
N GLN C 479 -27.79 22.37 -33.21
CA GLN C 479 -26.37 22.26 -33.53
C GLN C 479 -25.98 23.19 -34.67
N GLN C 480 -26.83 23.29 -35.71
CA GLN C 480 -26.61 24.24 -36.82
C GLN C 480 -26.76 25.71 -36.37
N ALA C 481 -27.60 25.95 -35.37
CA ALA C 481 -27.75 27.27 -34.77
C ALA C 481 -26.47 27.73 -34.08
N ARG C 482 -25.90 26.83 -33.27
CA ARG C 482 -24.62 27.05 -32.61
C ARG C 482 -23.45 27.09 -33.61
N GLU C 483 -23.51 26.26 -34.65
CA GLU C 483 -22.45 26.18 -35.66
C GLU C 483 -22.41 27.45 -36.51
N GLN C 484 -23.55 27.80 -37.09
CA GLN C 484 -23.67 28.90 -38.05
C GLN C 484 -24.14 30.22 -37.42
N ALA C 485 -24.30 30.26 -36.09
CA ALA C 485 -24.61 31.48 -35.34
C ALA C 485 -25.90 32.19 -35.81
N ARG C 486 -26.96 31.41 -35.99
CA ARG C 486 -28.22 31.92 -36.54
C ARG C 486 -28.99 32.72 -35.49
N PRO C 487 -29.93 33.60 -35.94
CA PRO C 487 -30.77 34.33 -34.97
C PRO C 487 -31.70 33.41 -34.16
N VAL C 488 -31.99 33.82 -32.93
CA VAL C 488 -32.74 32.98 -31.97
C VAL C 488 -34.27 32.90 -32.19
N ALA C 489 -34.83 33.86 -32.94
CA ALA C 489 -36.24 33.79 -33.37
C ALA C 489 -36.46 32.68 -34.40
N GLU C 490 -35.47 32.48 -35.28
CA GLU C 490 -35.55 31.49 -36.36
C GLU C 490 -35.43 30.06 -35.85
N THR C 491 -34.46 29.83 -34.97
CA THR C 491 -34.21 28.48 -34.45
C THR C 491 -35.31 28.07 -33.48
N ALA C 492 -35.87 29.04 -32.74
CA ALA C 492 -37.05 28.83 -31.90
C ALA C 492 -38.26 28.39 -32.72
N ASN C 493 -38.46 29.00 -33.88
CA ASN C 493 -39.58 28.67 -34.76
C ASN C 493 -39.42 27.32 -35.45
N ALA C 494 -38.20 26.98 -35.85
CA ALA C 494 -37.91 25.68 -36.45
C ALA C 494 -38.19 24.51 -35.48
N LEU C 495 -37.89 24.73 -34.19
CA LEU C 495 -38.24 23.78 -33.14
C LEU C 495 -39.75 23.71 -32.92
N HIS C 496 -40.42 24.86 -32.94
CA HIS C 496 -41.88 24.91 -32.82
C HIS C 496 -42.56 24.16 -33.96
N GLU C 497 -42.02 24.34 -35.17
CA GLU C 497 -42.51 23.63 -36.36
C GLU C 497 -42.40 22.09 -36.17
N LEU C 498 -41.22 21.63 -35.75
CA LEU C 498 -40.98 20.21 -35.45
C LEU C 498 -41.93 19.67 -34.37
N ILE C 499 -42.16 20.46 -33.32
CA ILE C 499 -43.11 20.05 -32.25
C ILE C 499 -44.54 19.88 -32.80
N LYS C 500 -44.93 20.78 -33.72
CA LYS C 500 -46.23 20.67 -34.40
C LYS C 500 -46.31 19.45 -35.33
N GLU C 501 -45.21 19.15 -36.03
CA GLU C 501 -45.13 17.96 -36.90
C GLU C 501 -45.32 16.62 -36.16
N HIS C 502 -44.94 16.55 -34.88
CA HIS C 502 -45.02 15.30 -34.09
C HIS C 502 -46.08 15.31 -32.99
N GLU C 503 -47.06 16.21 -33.08
CA GLU C 503 -48.04 16.40 -32.00
C GLU C 503 -48.91 15.16 -31.73
N ALA C 504 -49.29 14.46 -32.79
CA ALA C 504 -50.15 13.28 -32.68
C ALA C 504 -49.51 12.16 -31.86
N GLU C 505 -48.21 11.93 -32.05
CA GLU C 505 -47.51 10.88 -31.32
C GLU C 505 -47.11 11.24 -29.87
N LEU C 506 -47.14 12.52 -29.49
CA LEU C 506 -46.85 12.91 -28.10
C LEU C 506 -48.08 12.74 -27.20
N LEU C 507 -47.86 12.83 -25.89
CA LEU C 507 -48.96 12.78 -24.91
C LEU C 507 -49.80 14.06 -25.02
N PRO C 508 -51.11 13.97 -24.69
CA PRO C 508 -52.04 15.07 -24.94
C PRO C 508 -51.98 16.19 -23.88
N LEU C 509 -50.86 16.92 -23.85
CA LEU C 509 -50.61 17.94 -22.83
C LEU C 509 -50.53 19.39 -23.36
N GLY C 510 -50.47 19.56 -24.68
CA GLY C 510 -50.40 20.89 -25.29
C GLY C 510 -49.00 21.47 -25.30
N TYR C 511 -48.06 20.74 -25.89
CA TYR C 511 -46.67 21.20 -26.00
C TYR C 511 -46.52 22.36 -26.99
N SER C 512 -47.33 22.34 -28.05
CA SER C 512 -47.36 23.44 -29.06
C SER C 512 -47.77 24.80 -28.49
N ARG C 513 -48.59 24.81 -27.44
CA ARG C 513 -49.10 26.04 -26.84
C ARG C 513 -47.97 26.85 -26.13
N ILE C 514 -47.22 27.63 -26.92
CA ILE C 514 -46.02 28.33 -26.42
C ILE C 514 -46.32 29.39 -25.35
N SER C 515 -47.48 30.05 -25.44
CA SER C 515 -47.86 31.06 -24.44
C SER C 515 -48.13 30.44 -23.05
N ASN C 516 -48.56 29.17 -23.02
CA ASN C 516 -48.69 28.43 -21.77
C ASN C 516 -47.31 27.96 -21.29
N ARG C 517 -46.75 28.70 -20.34
CA ARG C 517 -45.41 28.41 -19.81
C ARG C 517 -45.41 27.38 -18.67
N PHE C 518 -46.60 27.02 -18.18
CA PHE C 518 -46.77 26.06 -17.09
C PHE C 518 -47.65 24.89 -17.56
N ILE C 519 -47.00 23.88 -18.15
CA ILE C 519 -47.70 22.77 -18.80
C ILE C 519 -48.24 21.77 -17.76
N LEU C 520 -49.56 21.79 -17.56
CA LEU C 520 -50.25 20.89 -16.62
C LEU C 520 -50.40 19.47 -17.18
N LYS C 521 -50.72 18.53 -16.29
CA LYS C 521 -50.94 17.13 -16.63
C LYS C 521 -52.41 16.76 -16.48
N ASN D 22 -5.81 41.41 15.74
CA ASN D 22 -6.82 40.32 15.96
C ASN D 22 -8.09 40.56 15.17
N GLN D 23 -8.33 39.73 14.16
CA GLN D 23 -9.57 39.79 13.38
C GLN D 23 -10.75 39.09 14.08
N TYR D 24 -10.48 38.08 14.91
CA TYR D 24 -11.51 37.42 15.75
C TYR D 24 -11.33 37.72 17.25
N ASP D 25 -12.42 37.62 18.00
CA ASP D 25 -12.38 37.68 19.45
C ASP D 25 -11.95 36.33 20.03
N VAL D 26 -12.62 35.27 19.61
CA VAL D 26 -12.39 33.92 20.15
C VAL D 26 -12.28 32.91 19.01
N ILE D 27 -11.23 32.08 19.05
CA ILE D 27 -11.11 30.89 18.17
C ILE D 27 -11.49 29.67 19.02
N ILE D 28 -12.31 28.79 18.45
CA ILE D 28 -12.73 27.56 19.14
C ILE D 28 -12.30 26.35 18.31
N ILE D 29 -11.55 25.44 18.92
CA ILE D 29 -11.12 24.19 18.26
C ILE D 29 -12.18 23.12 18.56
N GLY D 30 -12.78 22.57 17.49
CA GLY D 30 -13.78 21.51 17.58
C GLY D 30 -15.19 22.04 17.32
N SER D 31 -15.89 21.44 16.35
CA SER D 31 -17.24 21.88 15.96
C SER D 31 -18.34 20.94 16.46
N GLY D 32 -17.99 20.05 17.41
CA GLY D 32 -18.98 19.24 18.10
C GLY D 32 -19.88 20.05 19.01
N ILE D 33 -20.75 19.38 19.74
CA ILE D 33 -21.76 20.09 20.51
C ILE D 33 -21.12 21.10 21.47
N ALA D 34 -20.04 20.71 22.15
CA ALA D 34 -19.36 21.61 23.09
C ALA D 34 -18.88 22.89 22.38
N GLY D 35 -18.12 22.70 21.31
CA GLY D 35 -17.60 23.83 20.52
C GLY D 35 -18.68 24.70 19.90
N ALA D 36 -19.67 24.05 19.29
CA ALA D 36 -20.78 24.75 18.64
C ALA D 36 -21.63 25.55 19.64
N LEU D 37 -21.95 24.95 20.77
CA LEU D 37 -22.71 25.65 21.81
C LEU D 37 -21.93 26.84 22.39
N THR D 38 -20.63 26.65 22.64
CA THR D 38 -19.74 27.74 23.06
C THR D 38 -19.70 28.85 22.01
N GLY D 39 -19.64 28.46 20.74
CA GLY D 39 -19.66 29.42 19.65
C GLY D 39 -20.96 30.20 19.58
N ALA D 40 -22.08 29.49 19.69
CA ALA D 40 -23.42 30.09 19.67
C ALA D 40 -23.61 31.15 20.75
N VAL D 41 -23.24 30.86 22.00
CA VAL D 41 -23.47 31.81 23.11
C VAL D 41 -22.59 33.06 23.00
N LEU D 42 -21.33 32.89 22.61
CA LEU D 42 -20.41 34.00 22.44
C LEU D 42 -20.77 34.87 21.23
N ALA D 43 -21.23 34.25 20.15
CA ALA D 43 -21.66 35.01 18.96
C ALA D 43 -22.93 35.85 19.24
N LYS D 44 -23.92 35.21 19.84
CA LYS D 44 -25.14 35.89 20.33
C LYS D 44 -24.84 37.08 21.23
N SER D 45 -23.83 36.93 22.10
CA SER D 45 -23.45 37.97 23.06
C SER D 45 -22.56 39.08 22.48
N GLY D 46 -22.23 39.01 21.19
CA GLY D 46 -21.54 40.11 20.50
C GLY D 46 -20.08 39.88 20.16
N LEU D 47 -19.56 38.65 20.36
CA LEU D 47 -18.19 38.32 19.98
C LEU D 47 -18.08 37.79 18.54
N ASN D 48 -16.92 38.02 17.95
CA ASN D 48 -16.56 37.52 16.62
C ASN D 48 -15.88 36.16 16.83
N VAL D 49 -16.56 35.08 16.41
CA VAL D 49 -16.13 33.71 16.74
C VAL D 49 -15.74 32.92 15.49
N LEU D 50 -14.60 32.24 15.55
CA LEU D 50 -14.17 31.31 14.50
C LEU D 50 -14.06 29.92 15.10
N ILE D 51 -14.84 28.98 14.55
CA ILE D 51 -14.77 27.56 14.94
C ILE D 51 -13.93 26.81 13.92
N LEU D 52 -12.92 26.09 14.39
CA LEU D 52 -12.04 25.29 13.54
C LEU D 52 -12.19 23.81 13.86
N ASP D 53 -12.17 22.97 12.84
CA ASP D 53 -12.29 21.52 13.03
C ASP D 53 -11.58 20.78 11.91
N SER D 54 -10.83 19.74 12.28
CA SER D 54 -10.13 18.88 11.33
C SER D 54 -11.05 17.95 10.55
N ALA D 55 -12.18 17.56 11.18
CA ALA D 55 -13.19 16.74 10.53
C ALA D 55 -14.25 17.63 9.89
N GLN D 56 -15.30 17.02 9.36
CA GLN D 56 -16.46 17.75 8.84
C GLN D 56 -17.77 17.09 9.20
N HIS D 57 -18.85 17.85 9.09
CA HIS D 57 -20.19 17.38 9.36
C HIS D 57 -20.82 16.84 8.07
N PRO D 58 -21.63 15.77 8.13
CA PRO D 58 -21.95 15.04 9.34
C PRO D 58 -20.82 14.07 9.77
N ARG D 59 -20.82 13.67 11.02
CA ARG D 59 -19.84 12.69 11.51
C ARG D 59 -20.29 12.07 12.82
N PHE D 60 -19.90 10.81 12.99
CA PHE D 60 -20.19 10.03 14.19
C PHE D 60 -19.49 10.62 15.42
N SER D 61 -20.11 10.45 16.59
CA SER D 61 -19.51 10.83 17.86
C SER D 61 -20.17 10.11 19.03
N VAL D 62 -19.36 9.72 20.02
CA VAL D 62 -19.88 9.12 21.26
C VAL D 62 -20.15 10.20 22.31
N GLY D 63 -20.81 9.78 23.39
CA GLY D 63 -21.31 10.69 24.43
C GLY D 63 -22.79 10.88 24.18
N GLU D 64 -23.53 9.77 24.27
CA GLU D 64 -24.90 9.68 23.77
C GLU D 64 -25.98 9.74 24.86
N ALA D 65 -25.64 9.41 26.12
CA ALA D 65 -26.66 9.30 27.18
C ALA D 65 -26.81 10.61 27.94
N ALA D 66 -27.91 11.32 27.67
CA ALA D 66 -28.24 12.53 28.42
C ALA D 66 -28.70 12.16 29.84
N THR D 67 -28.43 13.05 30.80
CA THR D 67 -28.80 12.86 32.21
C THR D 67 -29.69 13.99 32.69
N PRO D 68 -30.29 13.85 33.89
CA PRO D 68 -31.07 14.99 34.40
C PRO D 68 -30.25 16.29 34.51
N GLU D 69 -29.02 16.19 34.99
CA GLU D 69 -28.09 17.32 35.09
C GLU D 69 -27.83 17.99 33.74
N SER D 70 -27.52 17.18 32.71
CA SER D 70 -27.20 17.73 31.39
C SER D 70 -28.40 18.41 30.77
N GLY D 71 -29.60 17.88 31.02
CA GLY D 71 -30.84 18.51 30.60
C GLY D 71 -31.03 19.89 31.20
N PHE D 72 -30.85 19.99 32.51
CA PHE D 72 -30.98 21.27 33.20
C PHE D 72 -29.88 22.26 32.78
N LEU D 73 -28.66 21.76 32.58
CA LEU D 73 -27.54 22.60 32.16
C LEU D 73 -27.72 23.16 30.75
N LEU D 74 -28.34 22.37 29.87
CA LEU D 74 -28.72 22.86 28.54
C LEU D 74 -29.79 23.95 28.63
N ARG D 75 -30.77 23.79 29.52
CA ARG D 75 -31.81 24.81 29.71
C ARG D 75 -31.26 26.08 30.36
N LEU D 76 -30.32 25.92 31.30
CA LEU D 76 -29.60 27.06 31.87
C LEU D 76 -28.81 27.84 30.82
N LEU D 77 -28.11 27.12 29.92
CA LEU D 77 -27.43 27.77 28.80
C LEU D 77 -28.42 28.56 27.92
N SER D 78 -29.56 27.94 27.61
CA SER D 78 -30.60 28.54 26.79
C SER D 78 -31.19 29.83 27.39
N LYS D 79 -31.41 29.83 28.71
CA LYS D 79 -32.00 30.97 29.43
C LYS D 79 -30.99 32.07 29.71
N ARG D 80 -29.81 31.68 30.20
CA ARG D 80 -28.72 32.62 30.52
C ARG D 80 -28.33 33.50 29.32
N PHE D 81 -28.34 32.92 28.12
CA PHE D 81 -27.90 33.60 26.90
C PHE D 81 -28.97 33.86 25.85
N ASP D 82 -30.24 33.54 26.15
CA ASP D 82 -31.39 33.87 25.29
C ASP D 82 -31.31 33.24 23.88
N ILE D 83 -31.05 31.94 23.85
CA ILE D 83 -31.03 31.16 22.61
C ILE D 83 -32.01 30.00 22.82
N PRO D 84 -33.31 30.21 22.48
CA PRO D 84 -34.33 29.20 22.74
C PRO D 84 -34.04 27.78 22.21
N GLU D 85 -33.43 27.67 21.03
CA GLU D 85 -33.27 26.34 20.42
C GLU D 85 -32.15 25.47 21.02
N ILE D 86 -31.35 26.01 21.94
CA ILE D 86 -30.49 25.16 22.77
C ILE D 86 -31.34 24.31 23.73
N ALA D 87 -32.40 24.90 24.27
CA ALA D 87 -33.35 24.17 25.14
C ALA D 87 -33.98 22.97 24.45
N TYR D 88 -34.22 23.07 23.14
CA TYR D 88 -34.77 21.96 22.33
C TYR D 88 -33.93 20.68 22.44
N LEU D 89 -32.61 20.84 22.61
CA LEU D 89 -31.70 19.70 22.75
C LEU D 89 -31.80 18.95 24.10
N SER D 90 -32.55 19.48 25.08
CA SER D 90 -32.69 18.81 26.40
C SER D 90 -33.87 17.84 26.49
N HIS D 91 -35.03 18.20 25.91
CA HIS D 91 -36.25 17.36 25.99
C HIS D 91 -36.34 16.47 24.75
N PRO D 92 -36.49 15.14 24.92
CA PRO D 92 -36.54 14.27 23.74
C PRO D 92 -37.67 14.56 22.73
N ASP D 93 -38.82 15.03 23.20
CA ASP D 93 -39.93 15.44 22.31
C ASP D 93 -39.57 16.63 21.41
N LYS D 94 -38.86 17.60 21.97
CA LYS D 94 -38.42 18.78 21.23
C LYS D 94 -37.31 18.46 20.23
N ILE D 95 -36.48 17.46 20.54
CA ILE D 95 -35.47 16.98 19.59
C ILE D 95 -36.15 16.37 18.37
N ILE D 96 -37.13 15.49 18.60
CA ILE D 96 -37.93 14.90 17.49
C ILE D 96 -38.58 15.99 16.63
N GLN D 97 -39.17 16.97 17.28
CA GLN D 97 -39.92 18.03 16.60
C GLN D 97 -39.02 18.99 15.84
N HIS D 98 -37.92 19.42 16.45
CA HIS D 98 -37.08 20.48 15.89
C HIS D 98 -35.81 19.99 15.18
N VAL D 99 -35.16 18.93 15.70
CA VAL D 99 -33.94 18.41 15.08
C VAL D 99 -34.30 17.41 13.99
N GLY D 100 -35.12 16.42 14.37
CA GLY D 100 -35.62 15.44 13.42
C GLY D 100 -35.95 14.13 14.11
N SER D 101 -36.82 13.33 13.49
CA SER D 101 -37.28 12.08 14.08
C SER D 101 -36.20 11.00 14.27
N SER D 102 -35.07 11.10 13.53
CA SER D 102 -33.93 10.19 13.72
C SER D 102 -32.90 10.66 14.77
N ALA D 103 -33.08 11.86 15.31
CA ALA D 103 -32.05 12.50 16.14
C ALA D 103 -31.89 11.92 17.53
N CYS D 104 -32.89 11.19 18.05
CA CYS D 104 -32.73 10.53 19.34
C CYS D 104 -33.71 9.40 19.65
N GLY D 105 -33.32 8.59 20.63
CA GLY D 105 -34.22 7.65 21.29
C GLY D 105 -34.58 8.19 22.65
N ILE D 106 -35.41 7.43 23.36
CA ILE D 106 -35.94 7.80 24.68
C ILE D 106 -35.11 7.12 25.75
N LYS D 107 -34.98 7.78 26.90
CA LYS D 107 -34.33 7.24 28.08
C LYS D 107 -35.26 7.46 29.29
N LEU D 108 -35.82 6.38 29.81
CA LEU D 108 -36.67 6.44 31.01
C LEU D 108 -35.91 6.10 32.29
N GLY D 109 -34.59 5.90 32.20
CA GLY D 109 -33.75 5.63 33.36
C GLY D 109 -32.35 5.14 33.03
N PHE D 110 -31.54 5.02 34.07
CA PHE D 110 -30.31 4.21 34.03
C PHE D 110 -30.69 2.81 34.48
N SER D 111 -30.01 1.80 33.93
CA SER D 111 -30.20 0.42 34.39
C SER D 111 -28.89 -0.37 34.33
N PHE D 112 -28.76 -1.31 35.26
CA PHE D 112 -27.53 -2.08 35.44
C PHE D 112 -27.88 -3.56 35.66
N ALA D 113 -27.31 -4.44 34.84
CA ALA D 113 -27.44 -5.90 35.01
C ALA D 113 -26.07 -6.49 35.29
N TRP D 114 -25.93 -7.22 36.41
CA TRP D 114 -24.64 -7.77 36.84
C TRP D 114 -24.43 -9.19 36.33
N HIS D 115 -23.18 -9.52 35.99
CA HIS D 115 -22.83 -10.82 35.42
C HIS D 115 -21.51 -11.31 35.97
N GLN D 116 -21.30 -12.61 35.81
CA GLN D 116 -20.15 -13.29 36.37
C GLN D 116 -19.69 -14.36 35.39
N GLU D 117 -18.39 -14.48 35.19
CA GLU D 117 -17.82 -15.54 34.36
C GLU D 117 -18.08 -16.91 35.00
N ASN D 118 -18.36 -17.91 34.17
CA ASN D 118 -18.60 -19.30 34.60
C ASN D 118 -19.84 -19.50 35.51
N ALA D 119 -20.86 -18.68 35.30
CA ALA D 119 -22.11 -18.79 36.05
C ALA D 119 -23.26 -18.17 35.26
N PRO D 120 -24.45 -18.82 35.23
CA PRO D 120 -25.59 -18.19 34.55
C PRO D 120 -26.04 -16.90 35.22
N SER D 121 -26.54 -15.96 34.42
CA SER D 121 -26.91 -14.64 34.88
C SER D 121 -28.31 -14.65 35.46
N SER D 122 -28.49 -13.89 36.55
CA SER D 122 -29.78 -13.81 37.23
C SER D 122 -30.50 -12.51 36.88
N PRO D 123 -31.76 -12.59 36.41
CA PRO D 123 -32.64 -11.42 36.30
C PRO D 123 -32.90 -10.66 37.62
N ASP D 124 -32.60 -11.27 38.76
CA ASP D 124 -32.63 -10.58 40.07
C ASP D 124 -31.40 -9.68 40.33
N HIS D 125 -30.27 -9.95 39.68
CA HIS D 125 -29.06 -9.11 39.84
C HIS D 125 -29.11 -7.88 38.91
N LEU D 126 -30.03 -6.99 39.24
CA LEU D 126 -30.41 -5.91 38.35
C LEU D 126 -30.95 -4.73 39.16
N VAL D 127 -30.49 -3.52 38.84
CA VAL D 127 -31.03 -2.29 39.42
C VAL D 127 -31.34 -1.32 38.29
N ALA D 128 -32.48 -0.63 38.40
CA ALA D 128 -32.97 0.28 37.37
C ALA D 128 -33.78 1.42 38.00
N PRO D 129 -33.09 2.47 38.48
CA PRO D 129 -33.82 3.64 38.99
C PRO D 129 -34.47 4.46 37.86
N PRO D 130 -35.82 4.55 37.84
CA PRO D 130 -36.48 5.32 36.80
C PRO D 130 -36.37 6.83 37.00
N LEU D 131 -36.39 7.57 35.90
CA LEU D 131 -36.44 9.04 35.95
C LEU D 131 -37.89 9.50 36.05
N LYS D 132 -38.10 10.65 36.69
CA LYS D 132 -39.43 11.25 36.79
C LYS D 132 -39.86 11.90 35.47
N VAL D 133 -38.91 12.56 34.80
CA VAL D 133 -39.11 13.05 33.42
C VAL D 133 -38.17 12.28 32.48
N PRO D 134 -38.62 11.94 31.25
CA PRO D 134 -37.72 11.24 30.31
C PRO D 134 -36.59 12.11 29.74
N GLU D 135 -35.42 11.50 29.52
CA GLU D 135 -34.26 12.14 28.87
C GLU D 135 -34.03 11.54 27.47
N ALA D 136 -32.97 11.96 26.78
CA ALA D 136 -32.70 11.52 25.40
C ALA D 136 -31.45 10.66 25.23
N HIS D 137 -31.51 9.67 24.34
CA HIS D 137 -30.32 9.02 23.80
C HIS D 137 -29.93 9.75 22.52
N LEU D 138 -28.86 10.53 22.60
CA LEU D 138 -28.50 11.51 21.56
C LEU D 138 -27.78 10.87 20.38
N PHE D 139 -28.41 10.89 19.21
CA PHE D 139 -27.75 10.43 17.97
C PHE D 139 -26.89 11.58 17.48
N ARG D 140 -25.63 11.53 17.91
CA ARG D 140 -24.77 12.72 17.92
C ARG D 140 -24.54 13.35 16.54
N GLN D 141 -24.39 12.55 15.48
CA GLN D 141 -24.27 13.12 14.13
C GLN D 141 -25.33 14.19 13.84
N ASP D 142 -26.58 13.95 14.25
CA ASP D 142 -27.69 14.90 14.00
C ASP D 142 -27.75 16.01 15.03
N ILE D 143 -27.58 15.66 16.30
CA ILE D 143 -27.55 16.64 17.39
C ILE D 143 -26.41 17.65 17.16
N ASP D 144 -25.22 17.16 16.87
CA ASP D 144 -24.04 18.04 16.71
C ASP D 144 -24.17 19.01 15.53
N TYR D 145 -24.63 18.52 14.39
CA TYR D 145 -24.81 19.35 13.20
C TYR D 145 -25.85 20.44 13.48
N PHE D 146 -26.95 20.07 14.12
CA PHE D 146 -27.96 21.03 14.56
C PHE D 146 -27.35 22.09 15.47
N ALA D 147 -26.49 21.67 16.40
CA ALA D 147 -25.83 22.60 17.32
C ALA D 147 -24.93 23.58 16.58
N LEU D 148 -24.18 23.11 15.58
CA LEU D 148 -23.37 23.99 14.74
C LEU D 148 -24.22 24.98 13.97
N MET D 149 -25.39 24.53 13.49
CA MET D 149 -26.32 25.42 12.80
C MET D 149 -26.80 26.56 13.70
N ILE D 150 -26.99 26.29 14.99
CA ILE D 150 -27.32 27.34 15.96
C ILE D 150 -26.25 28.40 15.95
N ALA D 151 -24.98 27.96 15.98
CA ALA D 151 -23.82 28.86 16.00
C ALA D 151 -23.68 29.67 14.71
N LEU D 152 -23.81 28.99 13.58
CA LEU D 152 -23.80 29.63 12.26
C LEU D 152 -24.90 30.68 12.11
N LYS D 153 -26.09 30.35 12.59
CA LYS D 153 -27.22 31.30 12.55
C LYS D 153 -27.03 32.53 13.43
N HIS D 154 -26.23 32.43 14.49
CA HIS D 154 -25.93 33.57 15.37
C HIS D 154 -24.65 34.37 15.00
N GLY D 155 -24.07 34.09 13.83
CA GLY D 155 -22.96 34.91 13.29
C GLY D 155 -21.57 34.28 13.34
N ALA D 156 -21.42 33.14 14.03
CA ALA D 156 -20.13 32.47 14.14
C ALA D 156 -19.67 31.88 12.80
N GLU D 157 -18.38 32.01 12.51
CA GLU D 157 -17.78 31.49 11.28
C GLU D 157 -17.22 30.11 11.58
N SER D 158 -17.32 29.20 10.60
CA SER D 158 -16.92 27.81 10.79
C SER D 158 -16.03 27.33 9.64
N ARG D 159 -14.97 26.61 9.97
CA ARG D 159 -14.09 26.01 8.97
C ARG D 159 -13.82 24.55 9.27
N GLN D 160 -14.07 23.70 8.27
CA GLN D 160 -13.97 22.26 8.38
C GLN D 160 -12.75 21.81 7.59
N ASN D 161 -12.36 20.54 7.75
CA ASN D 161 -11.26 19.92 6.99
C ASN D 161 -9.94 20.69 7.08
N ILE D 162 -9.70 21.29 8.24
CA ILE D 162 -8.60 22.23 8.43
C ILE D 162 -7.50 21.55 9.25
N LYS D 163 -6.24 21.90 8.97
CA LYS D 163 -5.13 21.37 9.74
C LYS D 163 -4.38 22.53 10.37
N ILE D 164 -4.29 22.53 11.69
CA ILE D 164 -3.52 23.53 12.43
C ILE D 164 -2.07 23.09 12.45
N GLU D 165 -1.17 23.95 11.99
CA GLU D 165 0.27 23.69 12.02
C GLU D 165 0.91 24.12 13.33
N SER D 166 0.53 25.32 13.80
CA SER D 166 1.15 25.93 14.97
C SER D 166 0.13 26.82 15.70
N ILE D 167 0.24 26.87 17.03
CA ILE D 167 -0.47 27.84 17.86
C ILE D 167 0.58 28.61 18.67
N SER D 168 0.43 29.93 18.70
CA SER D 168 1.34 30.82 19.41
C SER D 168 0.56 31.72 20.38
N LEU D 169 0.98 31.75 21.64
CA LEU D 169 0.35 32.57 22.67
C LEU D 169 1.30 33.67 23.13
N ASN D 170 0.81 34.91 23.20
CA ASN D 170 1.62 36.03 23.69
C ASN D 170 0.72 37.08 24.36
N ASP D 171 1.32 38.15 24.86
CA ASP D 171 0.56 39.21 25.55
C ASP D 171 -0.49 39.91 24.70
N ASP D 172 -0.23 40.05 23.40
CA ASP D 172 -1.14 40.77 22.49
C ASP D 172 -2.34 39.91 22.08
N GLY D 173 -2.15 38.60 22.03
CA GLY D 173 -3.21 37.69 21.59
C GLY D 173 -2.68 36.34 21.13
N VAL D 174 -3.51 35.64 20.38
CA VAL D 174 -3.26 34.28 19.92
C VAL D 174 -3.08 34.31 18.40
N GLU D 175 -2.23 33.44 17.87
CA GLU D 175 -2.06 33.29 16.41
C GLU D 175 -2.01 31.82 16.05
N VAL D 176 -2.87 31.41 15.12
CA VAL D 176 -2.98 30.02 14.69
C VAL D 176 -2.54 29.95 13.22
N ALA D 177 -1.51 29.16 12.95
CA ALA D 177 -1.08 28.89 11.58
C ALA D 177 -1.89 27.73 11.04
N LEU D 178 -2.30 27.84 9.78
CA LEU D 178 -3.12 26.80 9.13
C LEU D 178 -2.40 26.26 7.89
N SER D 179 -2.63 24.98 7.60
CA SER D 179 -2.05 24.33 6.43
C SER D 179 -2.69 24.87 5.17
N ASN D 180 -1.85 25.48 4.31
CA ASN D 180 -2.29 25.98 3.00
C ASN D 180 -3.36 27.10 3.10
N ALA D 181 -3.19 27.98 4.08
CA ALA D 181 -4.04 29.16 4.25
C ALA D 181 -3.33 30.19 5.13
N ALA D 182 -3.80 31.44 5.07
CA ALA D 182 -3.21 32.52 5.87
C ALA D 182 -3.52 32.32 7.35
N PRO D 183 -2.66 32.84 8.25
CA PRO D 183 -2.93 32.64 9.68
C PRO D 183 -4.14 33.44 10.17
N VAL D 184 -4.67 33.04 11.32
CA VAL D 184 -5.79 33.73 11.96
C VAL D 184 -5.40 34.14 13.36
N LYS D 185 -5.91 35.30 13.77
CA LYS D 185 -5.55 35.92 15.03
C LYS D 185 -6.79 36.12 15.88
N ALA D 186 -6.63 35.93 17.19
CA ALA D 186 -7.72 36.11 18.15
C ALA D 186 -7.21 36.57 19.50
N ALA D 187 -8.13 37.06 20.33
CA ALA D 187 -7.83 37.48 21.69
C ALA D 187 -7.84 36.32 22.69
N PHE D 188 -8.47 35.20 22.32
CA PHE D 188 -8.64 34.07 23.22
C PHE D 188 -8.83 32.80 22.39
N ILE D 189 -8.41 31.65 22.92
CA ILE D 189 -8.63 30.37 22.23
C ILE D 189 -9.20 29.31 23.18
N ILE D 190 -10.20 28.57 22.70
CA ILE D 190 -10.89 27.56 23.51
C ILE D 190 -10.73 26.21 22.82
N ASP D 191 -10.20 25.23 23.56
CA ASP D 191 -10.07 23.87 23.06
C ASP D 191 -11.28 23.07 23.53
N ALA D 192 -12.22 22.87 22.61
CA ALA D 192 -13.45 22.12 22.86
C ALA D 192 -13.46 20.76 22.17
N ALA D 193 -12.31 20.30 21.69
CA ALA D 193 -12.18 18.99 21.07
C ALA D 193 -11.75 17.98 22.11
N ALA D 194 -11.79 16.69 21.74
CA ALA D 194 -11.21 15.62 22.56
C ALA D 194 -9.68 15.81 22.64
N GLN D 195 -9.07 15.33 23.72
CA GLN D 195 -7.67 15.65 24.03
C GLN D 195 -6.69 15.15 22.97
N GLY D 196 -5.59 15.89 22.83
CA GLY D 196 -4.62 15.67 21.76
C GLY D 196 -4.85 16.55 20.55
N SER D 197 -5.18 17.83 20.80
CA SER D 197 -5.09 18.88 19.78
C SER D 197 -3.75 19.60 20.00
N PRO D 198 -3.27 20.35 19.00
CA PRO D 198 -2.00 21.09 19.13
C PRO D 198 -1.84 21.95 20.40
N LEU D 199 -2.93 22.55 20.89
CA LEU D 199 -2.89 23.37 22.12
C LEU D 199 -2.72 22.52 23.39
N SER D 200 -3.50 21.44 23.48
CA SER D 200 -3.43 20.50 24.61
C SER D 200 -2.05 19.85 24.79
N ARG D 201 -1.37 19.59 23.67
CA ARG D 201 -0.06 18.92 23.68
C ARG D 201 1.10 19.86 24.04
N GLN D 202 1.06 21.11 23.55
CA GLN D 202 2.16 22.07 23.75
C GLN D 202 2.25 22.70 25.15
N LEU D 203 1.30 22.39 26.04
CA LEU D 203 1.34 22.81 27.44
C LEU D 203 1.82 21.65 28.31
N GLY D 204 1.97 21.89 29.61
CA GLY D 204 2.51 20.90 30.56
C GLY D 204 1.57 19.74 30.81
N LEU D 205 2.12 18.52 30.79
CA LEU D 205 1.34 17.28 30.93
C LEU D 205 1.92 16.37 32.00
N ARG D 206 1.07 15.89 32.91
CA ARG D 206 1.46 14.97 33.99
C ARG D 206 0.73 13.64 33.82
N THR D 207 1.40 12.56 34.27
CA THR D 207 0.90 11.18 34.09
C THR D 207 0.11 10.73 35.31
N THR D 213 -7.77 5.39 36.98
CA THR D 213 -7.97 3.98 36.70
C THR D 213 -7.75 3.67 35.19
N ASP D 214 -6.90 2.67 34.92
CA ASP D 214 -6.47 2.32 33.56
C ASP D 214 -7.61 1.63 32.81
N THR D 215 -8.18 2.33 31.81
CA THR D 215 -9.25 1.80 30.98
C THR D 215 -8.95 1.92 29.49
N CYS D 216 -9.63 1.10 28.69
CA CYS D 216 -9.70 1.28 27.24
C CYS D 216 -11.07 0.80 26.77
N SER D 217 -11.50 1.25 25.60
CA SER D 217 -12.89 1.07 25.18
C SER D 217 -13.06 0.80 23.69
N PHE D 218 -14.14 0.09 23.35
CA PHE D 218 -14.50 -0.23 21.98
C PHE D 218 -15.96 0.17 21.80
N PHE D 219 -16.31 0.72 20.63
CA PHE D 219 -17.71 1.11 20.37
C PHE D 219 -18.08 1.19 18.91
N THR D 220 -19.37 0.99 18.63
CA THR D 220 -19.90 1.02 17.28
C THR D 220 -21.42 1.23 17.33
N HIS D 221 -22.07 1.28 16.17
CA HIS D 221 -23.54 1.30 16.07
C HIS D 221 -24.01 0.06 15.36
N MET D 222 -25.16 -0.49 15.79
CA MET D 222 -25.65 -1.76 15.25
C MET D 222 -27.12 -1.73 14.89
N LEU D 223 -27.47 -2.57 13.92
CA LEU D 223 -28.84 -2.83 13.50
C LEU D 223 -29.30 -4.15 14.12
N ASN D 224 -30.62 -4.31 14.21
CA ASN D 224 -31.25 -5.56 14.68
C ASN D 224 -30.73 -6.13 16.02
N VAL D 225 -30.50 -5.22 16.96
CA VAL D 225 -30.13 -5.56 18.34
C VAL D 225 -31.42 -5.82 19.11
N LYS D 226 -31.53 -7.02 19.70
CA LYS D 226 -32.71 -7.38 20.50
C LYS D 226 -32.75 -6.59 21.80
N SER D 227 -33.94 -6.20 22.21
CA SER D 227 -34.17 -5.60 23.52
C SER D 227 -33.84 -6.58 24.65
N TYR D 228 -33.58 -6.04 25.84
CA TYR D 228 -33.45 -6.86 27.05
C TYR D 228 -34.71 -7.71 27.31
N GLU D 229 -35.89 -7.15 27.06
CA GLU D 229 -37.16 -7.80 27.41
C GLU D 229 -37.45 -9.07 26.60
N ASP D 230 -37.16 -9.02 25.31
CA ASP D 230 -37.29 -10.18 24.43
C ASP D 230 -36.10 -11.14 24.61
N ALA D 231 -34.88 -10.58 24.69
CA ALA D 231 -33.65 -11.38 24.75
C ALA D 231 -33.44 -12.09 26.09
N LEU D 232 -33.38 -11.31 27.18
CA LEU D 232 -32.94 -11.83 28.48
C LEU D 232 -34.05 -12.22 29.45
N ALA D 233 -34.96 -11.30 29.72
CA ALA D 233 -36.06 -11.56 30.66
C ALA D 233 -37.17 -10.52 30.50
N PRO D 234 -38.43 -10.95 30.34
CA PRO D 234 -39.54 -9.98 30.25
C PRO D 234 -39.78 -9.18 31.55
N LEU D 235 -40.66 -8.19 31.46
CA LEU D 235 -40.93 -7.27 32.58
C LEU D 235 -41.65 -7.98 33.74
N SER D 236 -42.52 -8.93 33.39
CA SER D 236 -43.14 -9.85 34.36
C SER D 236 -42.13 -10.63 35.23
N ARG D 237 -40.95 -10.94 34.67
CA ARG D 237 -39.86 -11.61 35.41
C ARG D 237 -39.02 -10.64 36.26
N THR D 238 -38.57 -9.54 35.67
CA THR D 238 -37.67 -8.58 36.35
C THR D 238 -38.37 -7.71 37.40
N ARG D 239 -39.67 -7.44 37.18
CA ARG D 239 -40.47 -6.57 38.05
C ARG D 239 -39.96 -5.12 38.07
N SER D 240 -39.55 -4.66 36.88
CA SER D 240 -39.00 -3.33 36.69
C SER D 240 -40.13 -2.35 36.33
N PRO D 241 -40.08 -1.10 36.87
CA PRO D 241 -41.07 -0.09 36.48
C PRO D 241 -40.88 0.45 35.06
N ILE D 242 -39.69 0.28 34.49
CA ILE D 242 -39.41 0.66 33.10
C ILE D 242 -38.86 -0.52 32.31
N GLU D 243 -39.14 -0.51 31.01
CA GLU D 243 -38.45 -1.38 30.07
C GLU D 243 -36.98 -0.99 30.10
N LEU D 244 -36.09 -1.97 30.20
CA LEU D 244 -34.66 -1.72 30.11
C LEU D 244 -34.25 -1.32 28.69
N PHE D 245 -35.08 -1.70 27.71
CA PHE D 245 -35.00 -1.20 26.32
C PHE D 245 -35.17 0.32 26.24
N LYS D 246 -36.01 0.88 27.10
CA LYS D 246 -36.20 2.33 27.21
C LYS D 246 -35.30 2.97 28.28
N SER D 247 -34.06 2.49 28.39
CA SER D 247 -33.11 3.00 29.38
C SER D 247 -31.68 2.89 28.86
N THR D 248 -30.77 3.63 29.51
CA THR D 248 -29.33 3.45 29.31
C THR D 248 -28.93 2.18 30.07
N LEU D 249 -28.81 1.06 29.33
CA LEU D 249 -28.50 -0.25 29.91
C LEU D 249 -27.01 -0.52 29.95
N HIS D 250 -26.47 -0.66 31.15
CA HIS D 250 -25.09 -1.06 31.36
C HIS D 250 -25.04 -2.48 31.89
N HIS D 251 -24.44 -3.39 31.13
CA HIS D 251 -24.10 -4.73 31.62
C HIS D 251 -22.76 -4.62 32.31
N ILE D 252 -22.72 -5.02 33.58
CA ILE D 252 -21.51 -4.88 34.42
C ILE D 252 -21.04 -6.24 34.90
N PHE D 253 -19.73 -6.35 35.08
CA PHE D 253 -19.05 -7.58 35.53
C PHE D 253 -17.68 -7.16 36.07
N GLU D 254 -16.91 -8.08 36.65
CA GLU D 254 -15.73 -7.67 37.45
C GLU D 254 -14.69 -6.85 36.67
N GLU D 255 -14.40 -7.23 35.42
CA GLU D 255 -13.34 -6.58 34.63
C GLU D 255 -13.80 -5.41 33.74
N GLY D 256 -15.09 -5.13 33.68
CA GLY D 256 -15.56 -4.03 32.83
C GLY D 256 -17.06 -3.93 32.70
N TRP D 257 -17.50 -3.35 31.57
CA TRP D 257 -18.91 -3.20 31.29
C TRP D 257 -19.21 -2.97 29.82
N LEU D 258 -20.46 -3.22 29.44
CA LEU D 258 -20.93 -3.03 28.07
C LEU D 258 -22.23 -2.25 28.08
N TRP D 259 -22.35 -1.26 27.18
CA TRP D 259 -23.57 -0.46 27.07
C TRP D 259 -24.42 -0.84 25.85
N VAL D 260 -25.73 -0.72 26.00
CA VAL D 260 -26.70 -0.85 24.92
C VAL D 260 -27.57 0.40 25.04
N ILE D 261 -27.39 1.32 24.09
CA ILE D 261 -28.05 2.62 24.11
C ILE D 261 -28.88 2.70 22.83
N PRO D 262 -30.18 2.36 22.91
CA PRO D 262 -31.01 2.40 21.70
C PRO D 262 -31.43 3.78 21.22
N PHE D 263 -31.47 3.95 19.90
CA PHE D 263 -32.10 5.09 19.24
C PHE D 263 -33.47 4.72 18.65
N ASN D 264 -33.84 3.44 18.73
CA ASN D 264 -35.02 2.90 18.05
C ASN D 264 -36.12 2.46 19.02
N ASN D 265 -36.21 3.13 20.16
CA ASN D 265 -37.03 2.61 21.28
C ASN D 265 -38.27 3.45 21.60
N HIS D 266 -38.80 4.14 20.60
CA HIS D 266 -39.99 4.97 20.77
C HIS D 266 -40.74 5.13 19.44
N PRO D 267 -42.10 5.10 19.47
CA PRO D 267 -42.91 5.14 18.22
C PRO D 267 -42.63 6.32 17.28
N GLN D 268 -42.53 7.53 17.82
CA GLN D 268 -42.10 8.71 17.04
C GLN D 268 -40.67 8.64 16.47
N GLY D 269 -39.78 7.88 17.08
CA GLY D 269 -38.40 7.72 16.63
C GLY D 269 -38.27 6.86 15.39
N THR D 270 -37.44 7.31 14.44
CA THR D 270 -37.19 6.61 13.17
C THR D 270 -35.83 5.91 13.06
N ASN D 271 -34.88 6.29 13.92
CA ASN D 271 -33.55 5.70 13.93
C ASN D 271 -33.67 4.19 14.17
N GLN D 272 -32.90 3.40 13.42
CA GLN D 272 -32.91 1.94 13.52
C GLN D 272 -31.75 1.42 14.33
N LEU D 273 -30.84 2.31 14.74
CA LEU D 273 -29.58 1.86 15.31
C LEU D 273 -29.59 1.78 16.83
N CYS D 274 -28.60 1.06 17.34
N CYS D 274 -28.63 1.02 17.33
CA CYS D 274 -28.34 0.92 18.77
CA CYS D 274 -28.30 1.00 18.75
C CYS D 274 -26.85 1.19 18.96
C CYS D 274 -26.83 1.24 18.92
N SER D 275 -26.49 2.10 19.87
CA SER D 275 -25.09 2.31 20.23
C SER D 275 -24.67 1.19 21.17
N ILE D 276 -23.59 0.50 20.77
CA ILE D 276 -23.01 -0.59 21.52
C ILE D 276 -21.54 -0.26 21.77
N GLY D 277 -21.12 -0.38 23.01
CA GLY D 277 -19.72 -0.29 23.38
C GLY D 277 -19.40 -1.06 24.64
N PHE D 278 -18.12 -1.34 24.83
CA PHE D 278 -17.66 -1.96 26.06
C PHE D 278 -16.29 -1.44 26.45
N GLN D 279 -16.04 -1.44 27.75
CA GLN D 279 -14.85 -0.85 28.33
C GLN D 279 -14.28 -1.82 29.35
N PHE D 280 -12.95 -1.93 29.39
CA PHE D 280 -12.25 -2.86 30.28
C PHE D 280 -11.35 -2.14 31.27
N ASN D 281 -11.36 -2.63 32.51
CA ASN D 281 -10.35 -2.27 33.50
C ASN D 281 -9.11 -3.10 33.18
N ASN D 282 -8.10 -2.47 32.59
CA ASN D 282 -6.90 -3.17 32.09
C ASN D 282 -6.05 -3.89 33.16
N ALA D 283 -6.22 -3.55 34.43
CA ALA D 283 -5.63 -4.31 35.55
C ALA D 283 -6.22 -5.73 35.71
N LYS D 284 -7.45 -5.94 35.23
CA LYS D 284 -8.12 -7.25 35.32
C LYS D 284 -8.26 -8.01 34.00
N TYR D 285 -8.43 -7.30 32.88
CA TYR D 285 -8.39 -7.91 31.56
C TYR D 285 -7.79 -6.95 30.56
N ARG D 286 -6.87 -7.46 29.76
CA ARG D 286 -6.03 -6.67 28.87
C ARG D 286 -6.28 -7.18 27.45
N PRO D 287 -7.11 -6.47 26.66
CA PRO D 287 -7.47 -6.96 25.32
C PRO D 287 -6.29 -7.01 24.34
N THR D 288 -6.30 -8.00 23.47
CA THR D 288 -5.15 -8.30 22.61
C THR D 288 -5.42 -8.44 21.10
N GLU D 289 -6.70 -8.50 20.68
CA GLU D 289 -7.04 -8.74 19.27
C GLU D 289 -7.95 -7.63 18.70
N ALA D 290 -8.37 -7.79 17.45
CA ALA D 290 -9.23 -6.80 16.78
C ALA D 290 -10.59 -6.67 17.50
N PRO D 291 -11.18 -5.45 17.51
CA PRO D 291 -12.46 -5.19 18.18
C PRO D 291 -13.55 -6.26 18.03
N GLU D 292 -13.76 -6.78 16.81
CA GLU D 292 -14.80 -7.78 16.56
C GLU D 292 -14.47 -9.13 17.22
N ILE D 293 -13.18 -9.47 17.31
CA ILE D 293 -12.76 -10.69 18.01
C ILE D 293 -12.97 -10.52 19.51
N GLU D 294 -12.68 -9.33 20.03
CA GLU D 294 -12.88 -9.00 21.45
C GLU D 294 -14.35 -8.98 21.83
N PHE D 295 -15.18 -8.41 20.96
CA PHE D 295 -16.62 -8.46 21.16
C PHE D 295 -17.11 -9.89 21.34
N ARG D 296 -16.67 -10.79 20.45
CA ARG D 296 -17.14 -12.19 20.47
C ARG D 296 -16.65 -12.97 21.68
N LYS D 297 -15.41 -12.72 22.11
CA LYS D 297 -14.88 -13.27 23.37
C LYS D 297 -15.72 -12.83 24.56
N LEU D 298 -16.08 -11.54 24.59
CA LEU D 298 -16.93 -11.00 25.66
C LEU D 298 -18.29 -11.68 25.70
N LEU D 299 -18.88 -11.91 24.53
CA LEU D 299 -20.16 -12.63 24.42
C LEU D 299 -20.07 -14.10 24.80
N LYS D 300 -18.94 -14.76 24.53
CA LYS D 300 -18.74 -16.15 25.01
C LYS D 300 -18.50 -16.21 26.53
N LYS D 301 -17.80 -15.22 27.07
CA LYS D 301 -17.59 -15.08 28.51
C LYS D 301 -18.93 -14.83 29.24
N TYR D 302 -19.79 -14.03 28.63
CA TYR D 302 -21.09 -13.65 29.22
C TYR D 302 -22.24 -13.94 28.25
N PRO D 303 -22.65 -15.23 28.11
CA PRO D 303 -23.70 -15.58 27.14
C PRO D 303 -25.03 -14.83 27.27
N ALA D 304 -25.39 -14.43 28.50
CA ALA D 304 -26.53 -13.55 28.75
C ALA D 304 -26.49 -12.30 27.86
N ILE D 305 -25.34 -11.61 27.88
CA ILE D 305 -25.15 -10.40 27.07
C ILE D 305 -25.24 -10.74 25.57
N GLY D 306 -24.70 -11.91 25.19
CA GLY D 306 -24.82 -12.42 23.82
C GLY D 306 -26.23 -12.47 23.24
N GLU D 307 -27.23 -12.65 24.08
CA GLU D 307 -28.64 -12.78 23.65
C GLU D 307 -29.21 -11.52 22.95
N HIS D 308 -28.61 -10.34 23.23
CA HIS D 308 -28.87 -9.12 22.47
C HIS D 308 -28.54 -9.20 20.96
N PHE D 309 -27.52 -9.98 20.60
CA PHE D 309 -26.82 -9.86 19.33
C PHE D 309 -26.94 -11.03 18.35
N LYS D 310 -27.82 -12.00 18.60
CA LYS D 310 -27.97 -13.17 17.72
C LYS D 310 -28.07 -12.80 16.24
N ASP D 311 -28.93 -11.82 15.93
CA ASP D 311 -29.22 -11.40 14.56
C ASP D 311 -28.65 -10.01 14.21
N ALA D 312 -27.74 -9.49 15.05
CA ALA D 312 -27.22 -8.13 14.89
C ALA D 312 -26.18 -8.05 13.78
N VAL D 313 -26.03 -6.86 13.21
CA VAL D 313 -24.93 -6.54 12.29
C VAL D 313 -24.39 -5.15 12.59
N ASN D 314 -23.09 -4.95 12.39
CA ASN D 314 -22.50 -3.63 12.44
C ASN D 314 -23.00 -2.72 11.31
N ALA D 315 -23.33 -1.49 11.67
CA ALA D 315 -23.71 -0.46 10.70
C ALA D 315 -22.53 0.46 10.35
N ARG D 316 -21.35 0.11 10.84
CA ARG D 316 -20.25 1.05 11.00
C ARG D 316 -19.04 0.29 11.54
N GLU D 317 -17.83 0.78 11.28
CA GLU D 317 -16.61 0.11 11.75
C GLU D 317 -16.46 0.28 13.25
N TRP D 318 -15.98 -0.76 13.93
CA TRP D 318 -15.61 -0.66 15.35
C TRP D 318 -14.53 0.42 15.51
N ILE D 319 -14.64 1.21 16.57
CA ILE D 319 -13.61 2.19 16.94
C ILE D 319 -12.97 1.74 18.25
N TYR D 320 -11.64 1.68 18.25
CA TYR D 320 -10.86 1.42 19.47
C TYR D 320 -10.36 2.76 20.01
N ALA D 321 -10.73 3.08 21.25
CA ALA D 321 -10.25 4.27 21.95
C ALA D 321 -9.35 3.84 23.11
N PRO D 322 -8.02 3.78 22.89
CA PRO D 322 -7.12 3.31 23.96
C PRO D 322 -6.93 4.35 25.06
N ARG D 323 -6.32 3.90 26.16
CA ARG D 323 -5.92 4.80 27.25
C ARG D 323 -4.99 5.88 26.72
N ILE D 324 -5.40 7.14 26.85
CA ILE D 324 -4.48 8.26 26.68
C ILE D 324 -3.84 8.47 28.05
N ASN D 325 -2.52 8.31 28.11
CA ASN D 325 -1.79 8.15 29.36
C ASN D 325 -1.61 9.47 30.14
N TYR D 326 -1.41 10.56 29.41
CA TYR D 326 -1.19 11.89 30.00
C TYR D 326 -2.49 12.63 30.34
N ARG D 327 -2.34 13.69 31.13
CA ARG D 327 -3.44 14.56 31.53
C ARG D 327 -2.95 15.99 31.72
N SER D 328 -3.82 16.97 31.45
CA SER D 328 -3.46 18.40 31.59
C SER D 328 -3.43 18.83 33.06
N VAL D 329 -2.52 19.76 33.37
CA VAL D 329 -2.46 20.43 34.69
C VAL D 329 -3.08 21.83 34.68
N GLN D 330 -3.32 22.36 33.48
CA GLN D 330 -4.07 23.59 33.31
C GLN D 330 -5.44 23.29 32.75
N ASN D 331 -6.29 24.25 32.93
CA ASN D 331 -7.47 24.46 32.12
C ASN D 331 -7.21 25.75 31.37
N VAL D 332 -6.95 26.80 32.14
CA VAL D 332 -6.94 28.18 31.69
C VAL D 332 -5.55 28.80 31.73
N GLY D 333 -5.34 29.79 30.88
CA GLY D 333 -4.18 30.68 30.92
C GLY D 333 -4.67 32.10 30.71
N ASP D 334 -3.75 32.99 30.39
CA ASP D 334 -4.09 34.37 30.06
C ASP D 334 -4.98 34.40 28.81
N ARG D 335 -4.62 33.58 27.82
CA ARG D 335 -5.19 33.64 26.48
C ARG D 335 -5.84 32.33 25.98
N PHE D 336 -5.94 31.32 26.83
CA PHE D 336 -6.56 30.06 26.41
C PHE D 336 -7.45 29.44 27.47
N CYS D 337 -8.23 28.45 27.03
CA CYS D 337 -9.02 27.61 27.90
C CYS D 337 -9.18 26.24 27.28
N LEU D 338 -8.89 25.21 28.07
CA LEU D 338 -9.19 23.83 27.69
C LEU D 338 -10.48 23.46 28.38
N LEU D 339 -11.47 23.01 27.60
CA LEU D 339 -12.67 22.41 28.17
C LEU D 339 -12.33 21.01 28.72
N PRO D 340 -13.14 20.51 29.68
CA PRO D 340 -12.87 19.23 30.38
C PRO D 340 -12.40 18.07 29.50
N GLN D 341 -13.08 17.83 28.39
CA GLN D 341 -12.76 16.71 27.49
C GLN D 341 -11.32 16.83 26.94
N ALA D 342 -10.85 18.06 26.73
CA ALA D 342 -9.47 18.31 26.29
C ALA D 342 -8.40 18.11 27.36
N THR D 343 -8.77 18.14 28.64
CA THR D 343 -7.83 18.02 29.77
C THR D 343 -7.48 16.57 30.09
N GLY D 344 -8.39 15.66 29.78
CA GLY D 344 -8.17 14.26 30.07
C GLY D 344 -9.38 13.41 29.75
N PHE D 345 -9.24 12.11 29.92
CA PHE D 345 -10.35 11.19 29.69
C PHE D 345 -11.36 11.35 30.82
N ILE D 346 -12.64 11.44 30.45
CA ILE D 346 -13.73 11.37 31.40
C ILE D 346 -14.48 10.09 31.09
N ASP D 347 -14.50 9.19 32.07
CA ASP D 347 -15.10 7.87 31.93
C ASP D 347 -16.64 7.99 31.85
N PRO D 348 -17.27 7.38 30.82
CA PRO D 348 -18.71 7.55 30.60
C PRO D 348 -19.65 6.61 31.37
N LEU D 349 -19.14 5.93 32.40
CA LEU D 349 -19.96 5.01 33.20
C LEU D 349 -21.25 5.66 33.71
N PHE D 350 -21.18 6.93 34.10
CA PHE D 350 -22.36 7.66 34.57
C PHE D 350 -22.67 8.91 33.74
N SER D 351 -22.28 8.89 32.46
CA SER D 351 -22.56 9.99 31.51
C SER D 351 -22.14 11.35 32.07
N ARG D 352 -20.93 11.39 32.60
CA ARG D 352 -20.44 12.51 33.35
C ARG D 352 -19.74 13.53 32.45
N GLY D 353 -19.45 13.14 31.20
CA GLY D 353 -18.74 14.00 30.26
C GLY D 353 -19.54 15.22 29.83
N LEU D 354 -20.78 14.97 29.41
CA LEU D 354 -21.68 16.06 28.97
C LEU D 354 -22.02 16.98 30.12
N ILE D 355 -22.25 16.41 31.30
CA ILE D 355 -22.55 17.21 32.49
C ILE D 355 -21.42 18.22 32.75
N THR D 356 -20.19 17.74 32.86
CA THR D 356 -19.05 18.58 33.22
C THR D 356 -18.69 19.57 32.10
N THR D 357 -18.87 19.17 30.86
CA THR D 357 -18.65 20.05 29.70
C THR D 357 -19.62 21.23 29.66
N PHE D 358 -20.93 20.95 29.74
CA PHE D 358 -21.95 21.99 29.70
C PHE D 358 -21.83 22.99 30.86
N GLU D 359 -21.58 22.48 32.07
CA GLU D 359 -21.35 23.36 33.22
C GLU D 359 -20.11 24.25 33.04
N SER D 360 -19.05 23.68 32.47
CA SER D 360 -17.80 24.42 32.20
C SER D 360 -18.03 25.61 31.25
N ILE D 361 -18.83 25.38 30.21
CA ILE D 361 -19.19 26.42 29.24
C ILE D 361 -19.99 27.51 29.96
N LEU D 362 -20.96 27.06 30.74
CA LEU D 362 -21.81 27.93 31.56
C LEU D 362 -21.02 28.85 32.52
N ARG D 363 -19.92 28.34 33.08
CA ARG D 363 -19.04 29.15 33.94
C ARG D 363 -18.01 30.00 33.16
N LEU D 364 -17.47 29.44 32.07
CA LEU D 364 -16.45 30.14 31.27
C LEU D 364 -17.00 31.32 30.48
N ALA D 365 -18.14 31.12 29.81
CA ALA D 365 -18.62 32.08 28.81
C ALA D 365 -18.80 33.52 29.34
N PRO D 366 -19.46 33.69 30.51
CA PRO D 366 -19.59 35.05 31.08
C PRO D 366 -18.26 35.75 31.40
N LYS D 367 -17.25 34.97 31.76
CA LYS D 367 -15.92 35.49 32.07
C LYS D 367 -15.14 35.85 30.81
N VAL D 368 -15.37 35.09 29.72
CA VAL D 368 -14.83 35.44 28.40
C VAL D 368 -15.47 36.74 27.90
N LEU D 369 -16.78 36.89 28.06
CA LEU D 369 -17.47 38.13 27.70
C LEU D 369 -16.93 39.33 28.49
N ASP D 370 -16.85 39.19 29.82
CA ASP D 370 -16.22 40.19 30.68
C ASP D 370 -14.82 40.58 30.21
N ALA D 371 -14.02 39.58 29.84
CA ALA D 371 -12.66 39.81 29.35
C ALA D 371 -12.65 40.58 28.05
N ALA D 372 -13.51 40.16 27.11
CA ALA D 372 -13.64 40.81 25.80
C ALA D 372 -14.11 42.27 25.89
N ARG D 373 -15.10 42.54 26.73
CA ARG D 373 -15.64 43.91 26.93
C ARG D 373 -14.63 44.87 27.60
N SER D 374 -13.93 44.39 28.62
CA SER D 374 -12.93 45.19 29.37
C SER D 374 -11.50 45.09 28.84
N ASN D 375 -11.24 44.14 27.94
CA ASN D 375 -9.88 43.89 27.39
C ASN D 375 -8.83 43.58 28.47
N ARG D 376 -9.22 42.74 29.43
CA ARG D 376 -8.33 42.21 30.45
C ARG D 376 -8.24 40.71 30.21
N TRP D 377 -7.04 40.22 29.96
CA TRP D 377 -6.81 38.81 29.62
C TRP D 377 -5.71 38.25 30.51
N GLN D 378 -6.12 37.79 31.69
CA GLN D 378 -5.23 37.35 32.74
C GLN D 378 -5.79 36.06 33.33
N ARG D 379 -4.92 35.06 33.51
CA ARG D 379 -5.28 33.74 34.05
C ARG D 379 -6.17 33.79 35.30
N GLU D 380 -5.88 34.75 36.18
CA GLU D 380 -6.61 34.93 37.44
C GLU D 380 -8.13 35.11 37.30
N GLN D 381 -8.57 35.70 36.18
CA GLN D 381 -9.99 35.85 35.85
C GLN D 381 -10.75 34.54 35.66
N PHE D 382 -10.05 33.50 35.19
CA PHE D 382 -10.68 32.22 34.82
C PHE D 382 -10.42 31.09 35.84
N ILE D 383 -9.90 31.45 37.01
CA ILE D 383 -9.51 30.48 38.08
C ILE D 383 -10.63 29.52 38.49
N GLU D 384 -11.89 29.99 38.55
CA GLU D 384 -13.01 29.15 38.98
C GLU D 384 -13.41 28.06 37.97
N VAL D 385 -13.14 28.30 36.69
CA VAL D 385 -13.38 27.30 35.65
C VAL D 385 -12.39 26.15 35.84
N GLU D 386 -11.14 26.50 36.18
CA GLU D 386 -10.11 25.52 36.52
C GLU D 386 -10.47 24.72 37.78
N ARG D 387 -10.94 25.40 38.80
CA ARG D 387 -11.34 24.76 40.07
C ARG D 387 -12.49 23.80 39.85
N HIS D 388 -13.48 24.22 39.06
CA HIS D 388 -14.61 23.37 38.69
C HIS D 388 -14.15 22.08 38.01
N CYS D 389 -13.28 22.25 37.01
CA CYS D 389 -12.81 21.14 36.18
C CYS D 389 -12.00 20.09 36.96
N LEU D 390 -11.13 20.55 37.85
CA LEU D 390 -10.27 19.68 38.69
C LEU D 390 -11.12 18.78 39.60
N ASN D 391 -12.03 19.41 40.34
CA ASN D 391 -12.95 18.70 41.20
C ASN D 391 -13.84 17.73 40.44
N ALA D 392 -14.28 18.15 39.25
CA ALA D 392 -15.19 17.35 38.44
C ALA D 392 -14.54 16.06 37.97
N VAL D 393 -13.35 16.17 37.39
CA VAL D 393 -12.60 14.99 36.96
C VAL D 393 -12.23 14.11 38.16
N ALA D 394 -11.86 14.72 39.29
CA ALA D 394 -11.55 13.97 40.52
C ALA D 394 -12.79 13.26 41.10
N THR D 395 -13.94 13.93 41.07
CA THR D 395 -15.20 13.34 41.51
C THR D 395 -15.60 12.17 40.60
N ASN D 396 -15.43 12.32 39.29
CA ASN D 396 -15.72 11.22 38.37
C ASN D 396 -14.71 10.08 38.49
N ASP D 397 -13.44 10.40 38.74
CA ASP D 397 -12.38 9.39 38.97
C ASP D 397 -12.68 8.52 40.19
N GLN D 398 -12.97 9.16 41.33
CA GLN D 398 -13.37 8.42 42.54
C GLN D 398 -14.64 7.60 42.29
N LEU D 399 -15.64 8.24 41.71
CA LEU D 399 -16.93 7.59 41.40
C LEU D 399 -16.74 6.30 40.58
N VAL D 400 -15.99 6.41 39.50
CA VAL D 400 -15.69 5.28 38.63
C VAL D 400 -14.74 4.28 39.32
N SER D 401 -13.80 4.77 40.10
CA SER D 401 -12.88 3.89 40.84
C SER D 401 -13.60 2.93 41.81
N CYS D 402 -14.41 3.45 42.74
CA CYS D 402 -15.14 2.54 43.65
C CYS D 402 -16.31 1.77 42.98
N SER D 403 -16.76 2.21 41.80
CA SER D 403 -17.69 1.42 41.00
C SER D 403 -17.03 0.11 40.51
N TYR D 404 -15.84 0.25 39.93
CA TYR D 404 -15.07 -0.92 39.48
C TYR D 404 -14.73 -1.90 40.61
N GLU D 405 -14.56 -1.39 41.82
CA GLU D 405 -14.40 -2.25 43.01
C GLU D 405 -15.73 -2.92 43.38
N ALA D 406 -16.82 -2.17 43.32
CA ALA D 406 -18.17 -2.67 43.60
C ALA D 406 -18.70 -3.67 42.56
N PHE D 407 -18.18 -3.63 41.33
CA PHE D 407 -18.48 -4.64 40.29
C PHE D 407 -18.16 -6.10 40.71
N SER D 408 -17.32 -6.25 41.72
CA SER D 408 -16.99 -7.53 42.36
C SER D 408 -18.19 -8.42 42.75
N ASP D 409 -19.26 -7.79 43.25
CA ASP D 409 -20.37 -8.50 43.89
C ASP D 409 -21.64 -7.69 43.67
N PHE D 410 -22.74 -8.35 43.33
CA PHE D 410 -23.97 -7.63 43.03
C PHE D 410 -24.51 -6.86 44.23
N HIS D 411 -24.64 -7.54 45.37
CA HIS D 411 -25.17 -6.92 46.58
C HIS D 411 -24.39 -5.65 46.95
N LEU D 412 -23.06 -5.70 46.82
CA LEU D 412 -22.19 -4.53 47.03
C LEU D 412 -22.48 -3.40 46.05
N TRP D 413 -22.62 -3.74 44.77
CA TRP D 413 -23.01 -2.79 43.72
C TRP D 413 -24.37 -2.16 44.06
N ASN D 414 -25.33 -3.02 44.39
CA ASN D 414 -26.66 -2.57 44.78
C ASN D 414 -26.62 -1.50 45.87
N VAL D 415 -25.81 -1.69 46.90
CA VAL D 415 -25.69 -0.70 47.98
C VAL D 415 -24.93 0.54 47.48
N TRP D 416 -23.82 0.31 46.78
CA TRP D 416 -22.97 1.38 46.29
C TRP D 416 -23.69 2.39 45.38
N HIS D 417 -24.45 1.89 44.39
CA HIS D 417 -25.06 2.77 43.39
C HIS D 417 -26.04 3.79 43.99
N ARG D 418 -26.59 3.48 45.17
CA ARG D 418 -27.39 4.45 45.92
C ARG D 418 -26.62 5.71 46.33
N VAL D 419 -25.31 5.58 46.51
CA VAL D 419 -24.47 6.72 46.85
C VAL D 419 -24.37 7.66 45.66
N TRP D 420 -24.08 7.10 44.49
CA TRP D 420 -24.11 7.87 43.23
C TRP D 420 -25.48 8.52 43.00
N LEU D 421 -26.53 7.69 43.06
CA LEU D 421 -27.90 8.09 42.71
C LEU D 421 -28.37 9.26 43.54
N SER D 422 -28.23 9.13 44.86
CA SER D 422 -28.64 10.18 45.79
C SER D 422 -27.86 11.48 45.59
N GLY D 423 -26.58 11.37 45.22
CA GLY D 423 -25.75 12.53 44.92
C GLY D 423 -26.19 13.27 43.66
N SER D 424 -26.33 12.50 42.59
CA SER D 424 -26.87 12.97 41.31
C SER D 424 -28.22 13.67 41.48
N ASN D 425 -29.08 13.12 42.34
CA ASN D 425 -30.39 13.72 42.61
C ASN D 425 -30.28 15.08 43.31
N LEU D 426 -29.39 15.19 44.28
CA LEU D 426 -29.13 16.47 44.95
C LEU D 426 -28.59 17.54 43.99
N GLY D 427 -27.64 17.16 43.14
CA GLY D 427 -27.13 18.04 42.08
C GLY D 427 -28.20 18.55 41.11
N SER D 428 -29.02 17.61 40.63
CA SER D 428 -30.14 17.91 39.75
C SER D 428 -31.13 18.88 40.38
N ALA D 429 -31.49 18.60 41.63
CA ALA D 429 -32.36 19.49 42.42
C ALA D 429 -31.76 20.91 42.53
N PHE D 430 -30.46 21.00 42.71
CA PHE D 430 -29.79 22.29 42.83
C PHE D 430 -29.78 23.09 41.52
N LEU D 431 -29.46 22.42 40.42
CA LEU D 431 -29.48 23.04 39.10
C LEU D 431 -30.91 23.45 38.73
N GLN D 432 -31.89 22.61 39.07
CA GLN D 432 -33.30 22.94 38.89
C GLN D 432 -33.65 24.21 39.66
N LYS D 433 -33.20 24.30 40.90
CA LYS D 433 -33.43 25.48 41.73
C LYS D 433 -32.85 26.76 41.11
N LEU D 434 -31.64 26.67 40.55
CA LEU D 434 -30.99 27.82 39.87
C LEU D 434 -31.72 28.24 38.60
N LEU D 435 -32.19 27.25 37.82
CA LEU D 435 -33.02 27.49 36.65
C LEU D 435 -34.32 28.19 37.04
N HIS D 436 -35.00 27.67 38.05
CA HIS D 436 -36.23 28.29 38.56
C HIS D 436 -36.01 29.77 38.95
N ASP D 437 -34.97 30.05 39.72
CA ASP D 437 -34.63 31.44 40.13
C ASP D 437 -34.29 32.35 38.94
N LEU D 438 -33.53 31.82 37.98
CA LEU D 438 -33.16 32.57 36.77
C LEU D 438 -34.37 32.87 35.88
N GLU D 439 -35.29 31.92 35.76
CA GLU D 439 -36.50 32.10 34.94
C GLU D 439 -37.40 33.23 35.43
N HIS D 440 -37.50 33.42 36.74
CA HIS D 440 -38.41 34.40 37.33
C HIS D 440 -37.80 35.78 37.58
N SER D 441 -36.58 35.80 38.09
CA SER D 441 -35.84 37.06 38.27
C SER D 441 -35.31 37.63 36.95
N GLY D 442 -34.87 36.75 36.05
CA GLY D 442 -34.18 37.15 34.82
C GLY D 442 -32.81 37.76 35.08
N ASP D 443 -32.24 37.48 36.25
CA ASP D 443 -31.04 38.16 36.75
C ASP D 443 -29.82 37.29 36.46
N ALA D 444 -29.07 37.66 35.43
CA ALA D 444 -27.98 36.84 34.93
C ALA D 444 -26.74 36.88 35.83
N ARG D 445 -26.39 38.07 36.33
CA ARG D 445 -25.28 38.23 37.29
C ARG D 445 -25.53 37.46 38.60
N GLN D 446 -26.78 37.48 39.06
CA GLN D 446 -27.17 36.71 40.26
C GLN D 446 -27.03 35.21 40.06
N PHE D 447 -27.42 34.71 38.88
CA PHE D 447 -27.22 33.30 38.55
C PHE D 447 -25.74 32.93 38.53
N ASP D 448 -24.92 33.73 37.84
CA ASP D 448 -23.47 33.48 37.76
C ASP D 448 -22.82 33.49 39.15
N ALA D 449 -23.26 34.40 40.01
CA ALA D 449 -22.76 34.51 41.37
C ALA D 449 -23.14 33.29 42.23
N ALA D 450 -24.38 32.83 42.08
CA ALA D 450 -24.89 31.68 42.83
C ALA D 450 -24.20 30.37 42.41
N LEU D 451 -24.06 30.13 41.10
CA LEU D 451 -23.33 28.95 40.61
C LEU D 451 -21.85 28.96 41.04
N GLU D 452 -21.26 30.15 41.12
CA GLU D 452 -19.87 30.29 41.57
C GLU D 452 -19.70 30.09 43.07
N ALA D 453 -20.72 30.48 43.83
CA ALA D 453 -20.68 30.45 45.30
C ALA D 453 -20.86 29.07 45.94
N VAL D 454 -21.18 28.04 45.14
CA VAL D 454 -21.35 26.68 45.68
C VAL D 454 -20.05 26.20 46.31
N ARG D 455 -20.18 25.49 47.44
CA ARG D 455 -19.02 25.03 48.20
C ARG D 455 -18.27 23.87 47.52
N PHE D 456 -18.99 23.06 46.74
CA PHE D 456 -18.40 21.85 46.15
C PHE D 456 -18.57 21.82 44.63
N PRO D 457 -18.01 22.82 43.93
CA PRO D 457 -18.11 22.82 42.47
C PRO D 457 -17.38 21.62 41.87
N GLY D 458 -18.02 20.95 40.92
CA GLY D 458 -17.49 19.71 40.34
C GLY D 458 -18.06 18.45 40.99
N CYS D 459 -18.37 18.55 42.28
CA CYS D 459 -18.89 17.43 43.04
C CYS D 459 -20.37 17.17 42.70
N LEU D 460 -20.87 15.99 43.06
CA LEU D 460 -22.22 15.54 42.66
C LEU D 460 -23.35 16.39 43.21
N SER D 461 -23.29 16.76 44.49
CA SER D 461 -24.36 17.54 45.12
C SER D 461 -24.27 19.05 44.86
N LEU D 462 -23.13 19.51 44.35
CA LEU D 462 -22.77 20.94 44.26
C LEU D 462 -22.62 21.69 45.61
N ASP D 463 -23.64 21.67 46.48
CA ASP D 463 -23.59 22.44 47.73
C ASP D 463 -24.04 21.74 49.02
N SER D 464 -24.26 20.42 49.00
CA SER D 464 -24.74 19.71 50.21
C SER D 464 -23.56 19.06 50.95
N PRO D 465 -23.17 19.61 52.13
CA PRO D 465 -22.01 19.04 52.84
C PRO D 465 -22.26 17.62 53.38
N ALA D 466 -23.49 17.34 53.81
CA ALA D 466 -23.87 16.02 54.31
C ALA D 466 -23.61 14.94 53.26
N TYR D 467 -24.06 15.18 52.02
CA TYR D 467 -23.82 14.21 50.96
C TYR D 467 -22.34 14.02 50.66
N GLU D 468 -21.59 15.13 50.60
CA GLU D 468 -20.17 15.07 50.29
C GLU D 468 -19.37 14.38 51.39
N SER D 469 -19.87 14.45 52.63
CA SER D 469 -19.36 13.65 53.74
C SER D 469 -19.64 12.17 53.47
N LEU D 470 -20.88 11.84 53.11
CA LEU D 470 -21.26 10.45 52.72
C LEU D 470 -20.39 9.90 51.58
N PHE D 471 -20.10 10.76 50.60
CA PHE D 471 -19.31 10.38 49.43
C PHE D 471 -17.84 10.10 49.79
N ARG D 472 -17.24 11.02 50.54
CA ARG D 472 -15.86 10.83 51.05
C ARG D 472 -15.72 9.56 51.89
N GLN D 473 -16.64 9.40 52.85
CA GLN D 473 -16.64 8.23 53.75
C GLN D 473 -16.93 6.93 53.01
N SER D 474 -17.81 6.97 52.02
CA SER D 474 -18.10 5.79 51.18
C SER D 474 -16.87 5.32 50.42
N CYS D 475 -16.18 6.26 49.76
N CYS D 475 -16.18 6.25 49.75
CA CYS D 475 -14.97 5.94 49.03
CA CYS D 475 -14.91 5.98 49.06
C CYS D 475 -13.81 5.51 49.98
C CYS D 475 -13.86 5.44 50.02
N GLN D 476 -13.85 5.99 51.23
CA GLN D 476 -12.95 5.51 52.30
C GLN D 476 -13.20 4.03 52.66
N VAL D 477 -14.47 3.67 52.86
CA VAL D 477 -14.86 2.27 53.15
C VAL D 477 -14.43 1.29 52.04
N MET D 478 -14.48 1.72 50.78
CA MET D 478 -14.16 0.85 49.64
C MET D 478 -12.65 0.62 49.52
N GLN D 479 -11.85 1.67 49.70
CA GLN D 479 -10.39 1.56 49.67
C GLN D 479 -9.84 0.72 50.82
N GLN D 480 -10.29 1.01 52.05
CA GLN D 480 -9.88 0.23 53.23
C GLN D 480 -10.43 -1.20 53.22
N ALA D 481 -11.52 -1.44 52.46
CA ALA D 481 -12.00 -2.80 52.19
C ALA D 481 -11.10 -3.58 51.21
N ARG D 482 -10.54 -2.89 50.22
CA ARG D 482 -9.61 -3.49 49.27
C ARG D 482 -8.25 -3.79 49.92
N GLU D 483 -7.72 -2.85 50.70
CA GLU D 483 -6.45 -3.04 51.43
C GLU D 483 -6.49 -4.15 52.49
N GLN D 484 -7.60 -4.24 53.22
CA GLN D 484 -7.78 -5.23 54.31
C GLN D 484 -8.51 -6.52 53.89
N ALA D 485 -8.74 -6.69 52.59
CA ALA D 485 -9.52 -7.82 52.05
C ALA D 485 -10.77 -8.13 52.89
N ARG D 486 -11.53 -7.07 53.20
CA ARG D 486 -12.82 -7.20 53.90
C ARG D 486 -13.72 -8.21 53.17
N PRO D 487 -14.43 -9.06 53.93
CA PRO D 487 -15.52 -9.81 53.32
C PRO D 487 -16.56 -8.84 52.76
N VAL D 488 -16.97 -9.07 51.51
CA VAL D 488 -17.83 -8.13 50.77
C VAL D 488 -19.16 -7.82 51.51
N ALA D 489 -19.76 -8.83 52.14
CA ALA D 489 -20.97 -8.66 52.95
C ALA D 489 -20.84 -7.60 54.06
N GLU D 490 -19.64 -7.50 54.64
CA GLU D 490 -19.37 -6.52 55.70
C GLU D 490 -19.20 -5.10 55.15
N THR D 491 -18.62 -4.97 53.95
CA THR D 491 -18.45 -3.65 53.31
C THR D 491 -19.80 -3.10 52.86
N ALA D 492 -20.64 -3.98 52.30
CA ALA D 492 -22.00 -3.62 51.88
C ALA D 492 -22.86 -3.19 53.06
N ASN D 493 -22.67 -3.81 54.23
CA ASN D 493 -23.37 -3.42 55.45
C ASN D 493 -22.85 -2.07 55.98
N ALA D 494 -21.54 -1.82 55.83
CA ALA D 494 -20.94 -0.53 56.22
C ALA D 494 -21.47 0.64 55.40
N LEU D 495 -21.56 0.48 54.08
CA LEU D 495 -22.13 1.51 53.19
C LEU D 495 -23.62 1.74 53.46
N HIS D 496 -24.33 0.64 53.72
CA HIS D 496 -25.74 0.68 54.14
C HIS D 496 -25.94 1.49 55.44
N GLU D 497 -25.00 1.37 56.36
CA GLU D 497 -25.01 2.11 57.64
C GLU D 497 -24.80 3.62 57.41
N LEU D 498 -23.84 3.95 56.55
CA LEU D 498 -23.56 5.34 56.15
C LEU D 498 -24.74 6.02 55.48
N ILE D 499 -25.43 5.30 54.61
CA ILE D 499 -26.62 5.82 53.93
C ILE D 499 -27.70 6.15 54.97
N LYS D 500 -27.93 5.22 55.89
CA LYS D 500 -28.89 5.43 57.01
C LYS D 500 -28.56 6.64 57.88
N GLU D 501 -27.27 6.84 58.15
CA GLU D 501 -26.80 7.98 58.96
C GLU D 501 -27.11 9.33 58.29
N HIS D 502 -26.94 9.39 56.97
CA HIS D 502 -27.11 10.64 56.21
C HIS D 502 -28.49 10.79 55.56
N GLU D 503 -29.36 9.80 55.72
CA GLU D 503 -30.66 9.76 55.01
C GLU D 503 -31.55 10.97 55.33
N ALA D 504 -31.42 11.51 56.54
CA ALA D 504 -32.13 12.74 56.93
C ALA D 504 -31.80 13.96 56.06
N GLU D 505 -30.55 14.08 55.61
CA GLU D 505 -30.11 15.20 54.73
C GLU D 505 -30.23 14.93 53.22
N LEU D 506 -30.48 13.68 52.84
CA LEU D 506 -30.77 13.32 51.43
C LEU D 506 -32.27 13.47 51.16
N LEU D 507 -32.64 13.44 49.88
CA LEU D 507 -34.05 13.54 49.47
C LEU D 507 -34.84 12.28 49.90
N PRO D 508 -36.14 12.43 50.22
CA PRO D 508 -36.91 11.33 50.82
C PRO D 508 -37.39 10.29 49.80
N LEU D 509 -36.46 9.48 49.30
CA LEU D 509 -36.72 8.47 48.26
C LEU D 509 -36.55 7.02 48.70
N GLY D 510 -36.08 6.79 49.93
CA GLY D 510 -35.86 5.43 50.44
C GLY D 510 -34.62 4.79 49.85
N TYR D 511 -33.48 5.45 49.99
CA TYR D 511 -32.18 4.90 49.59
C TYR D 511 -31.75 3.74 50.50
N SER D 512 -32.21 3.77 51.75
CA SER D 512 -31.98 2.67 52.72
C SER D 512 -32.74 1.37 52.41
N ARG D 513 -33.79 1.46 51.58
CA ARG D 513 -34.56 0.28 51.15
C ARG D 513 -33.71 -0.59 50.20
N ILE D 514 -32.85 -1.43 50.77
CA ILE D 514 -31.88 -2.25 50.01
C ILE D 514 -32.55 -3.35 49.18
N SER D 515 -33.58 -3.99 49.74
CA SER D 515 -34.37 -4.99 49.01
C SER D 515 -35.10 -4.41 47.78
N ASN D 516 -35.42 -3.11 47.82
CA ASN D 516 -35.96 -2.39 46.66
C ASN D 516 -34.84 -1.94 45.71
N ARG D 517 -34.77 -2.59 44.54
CA ARG D 517 -33.73 -2.34 43.54
C ARG D 517 -34.12 -1.30 42.47
N PHE D 518 -35.33 -0.72 42.59
CA PHE D 518 -35.89 0.20 41.59
C PHE D 518 -36.42 1.48 42.27
N ILE D 519 -35.51 2.39 42.62
CA ILE D 519 -35.86 3.55 43.45
C ILE D 519 -36.53 4.64 42.60
#